data_4QFY
#
_entry.id   4QFY
#
_cell.length_a   87.966
_cell.length_b   147.021
_cell.length_c   98.873
_cell.angle_alpha   90.00
_cell.angle_beta   114.31
_cell.angle_gamma   90.00
#
_symmetry.space_group_name_H-M   'P 1 21 1'
#
loop_
_entity.id
_entity.type
_entity.pdbx_description
1 polymer 'Deoxynucleoside triphosphate triphosphohydrolase SAMHD1'
2 non-polymer "2'-DEOXYGUANOSINE-5'-TRIPHOSPHATE"
3 non-polymer "2'-DEOXYCYTIDINE-5'-TRIPHOSPHATE"
4 non-polymer 'MAGNESIUM ION'
5 water water
#
_entity_poly.entity_id   1
_entity_poly.type   'polypeptide(L)'
_entity_poly.pdbx_seq_one_letter_code
;MGSSHHHHHHSSGLVPRGSHMASMTGGQQMGRDPNSDTMKVINDPIHGHIELHPLLVRIIDTPQFQRLRYIKQLGGGYYV
FPGASHNRFEHSLGVGYLAGCLVHALGEKQPELQISERDVLCVQIAGLCRNLGHGPFSHMFDGRFIPLARPEVKWTHEQG
SVMMFEHLINSNGIKPVMEQYGLIPEEDICFIKEQIVGPLESPVEDSLWPYKGRPENKSFLYEIVSNKRNGIDVDKWDYF
ARDCHHLGIQNNFDYKRFIKFARVCEVDNELRICARDKEVGNLYDMFHTRNSLHRRAYQHKVGNIIDTMITDAFLKADDY
IEITGAGGKKYRISTAIDDMEAYTKLTDNIFLEILYSTDPKLKDAREILKQIEYRNLFKYVGETQPTGQIKIKREDYESL
PKEVASAKPKVLLDVKLKAEDFIVDVINMDYGMQEKNPIDHVSFYCKTAPNRAIRITKNQVSQLLPEKFAEQLIRVYCKK
VDRKSLYAARQYFVQWCADRNFTKPQDGDVIAPLITPQKKEWNDSTSVQNPTRLREASKSRVQLFKDDPM
;
_entity_poly.pdbx_strand_id   A,B,C,D
#
loop_
_chem_comp.id
_chem_comp.type
_chem_comp.name
_chem_comp.formula
DCP non-polymer 2'-DEOXYCYTIDINE-5'-TRIPHOSPHATE 'C9 H16 N3 O13 P3'
DGT non-polymer 2'-DEOXYGUANOSINE-5'-TRIPHOSPHATE 'C10 H16 N5 O13 P3'
MG non-polymer 'MAGNESIUM ION' 'Mg 2'
#
# COMPACT_ATOMS: atom_id res chain seq x y z
N THR A 38 14.93 22.31 -19.53
CA THR A 38 14.52 20.97 -19.89
C THR A 38 13.35 20.53 -19.01
N MET A 39 12.81 19.34 -19.27
CA MET A 39 11.79 18.75 -18.41
C MET A 39 12.32 18.60 -16.99
N LYS A 40 11.42 18.53 -16.02
CA LYS A 40 11.83 18.14 -14.67
C LYS A 40 10.99 16.95 -14.21
N VAL A 41 11.60 16.03 -13.47
CA VAL A 41 10.81 14.95 -12.88
C VAL A 41 10.51 15.26 -11.42
N ILE A 42 9.27 15.05 -11.02
CA ILE A 42 8.88 15.25 -9.63
C ILE A 42 8.33 13.93 -9.07
N ASN A 43 8.87 13.49 -7.94
CA ASN A 43 8.33 12.28 -7.31
C ASN A 43 7.10 12.58 -6.44
N ASP A 44 5.99 11.95 -6.76
CA ASP A 44 4.75 12.13 -6.00
C ASP A 44 4.32 10.80 -5.38
N PRO A 45 3.95 10.81 -4.09
CA PRO A 45 3.54 9.56 -3.43
C PRO A 45 2.33 8.88 -4.09
N ILE A 46 1.48 9.64 -4.77
CA ILE A 46 0.31 9.08 -5.44
C ILE A 46 0.64 8.52 -6.83
N HIS A 47 1.26 9.35 -7.66
CA HIS A 47 1.46 9.00 -9.07
C HIS A 47 2.89 8.57 -9.39
N GLY A 48 3.78 8.62 -8.41
CA GLY A 48 5.17 8.30 -8.65
C GLY A 48 5.86 9.42 -9.42
N HIS A 49 6.63 9.05 -10.44
CA HIS A 49 7.40 10.06 -11.15
C HIS A 49 6.62 10.77 -12.26
N ILE A 50 6.44 12.07 -12.05
CA ILE A 50 5.67 12.96 -12.92
C ILE A 50 6.63 13.81 -13.75
N GLU A 51 6.60 13.63 -15.06
CA GLU A 51 7.40 14.47 -15.95
C GLU A 51 6.72 15.80 -16.23
N LEU A 52 7.48 16.89 -16.12
CA LEU A 52 6.96 18.23 -16.33
C LEU A 52 7.71 18.95 -17.45
N HIS A 53 6.98 19.22 -18.54
CA HIS A 53 7.46 20.02 -19.67
C HIS A 53 7.92 21.40 -19.17
N PRO A 54 9.00 21.95 -19.75
CA PRO A 54 9.57 23.23 -19.30
C PRO A 54 8.59 24.40 -19.21
N LEU A 55 7.57 24.42 -20.05
CA LEU A 55 6.53 25.45 -19.98
C LEU A 55 5.74 25.31 -18.68
N LEU A 56 5.38 24.06 -18.35
CA LEU A 56 4.69 23.76 -17.10
C LEU A 56 5.55 24.19 -15.94
N VAL A 57 6.85 23.92 -16.03
CA VAL A 57 7.79 24.31 -14.98
C VAL A 57 7.81 25.83 -14.80
N ARG A 58 7.86 26.56 -15.92
CA ARG A 58 7.81 28.02 -15.86
C ARG A 58 6.55 28.52 -15.18
N ILE A 59 5.41 27.88 -15.48
CA ILE A 59 4.14 28.24 -14.85
C ILE A 59 4.13 27.94 -13.34
N ILE A 60 4.67 26.79 -12.96
CA ILE A 60 4.66 26.36 -11.56
C ILE A 60 5.53 27.25 -10.68
N ASP A 61 6.67 27.68 -11.21
CA ASP A 61 7.60 28.48 -10.42
C ASP A 61 7.27 29.98 -10.45
N THR A 62 6.04 30.30 -10.05
CA THR A 62 5.57 31.68 -9.86
C THR A 62 4.94 31.80 -8.48
N PRO A 63 4.88 33.02 -7.92
CA PRO A 63 4.23 33.23 -6.61
C PRO A 63 2.76 32.84 -6.65
N GLN A 64 2.12 33.05 -7.79
CA GLN A 64 0.70 32.71 -7.96
C GLN A 64 0.45 31.21 -7.86
N PHE A 65 1.43 30.40 -8.26
CA PHE A 65 1.27 28.95 -8.19
C PHE A 65 1.78 28.41 -6.86
N GLN A 66 2.95 28.88 -6.45
CA GLN A 66 3.59 28.43 -5.21
C GLN A 66 2.74 28.80 -4.01
N ARG A 67 1.91 29.83 -4.17
CA ARG A 67 0.87 30.17 -3.20
C ARG A 67 0.11 28.96 -2.66
N LEU A 68 -0.19 28.02 -3.55
CA LEU A 68 -1.01 26.85 -3.21
C LEU A 68 -0.37 25.91 -2.18
N ARG A 69 0.93 26.08 -1.93
CA ARG A 69 1.60 25.31 -0.89
C ARG A 69 1.09 25.68 0.50
N TYR A 70 0.42 26.82 0.60
CA TYR A 70 0.06 27.38 1.90
C TYR A 70 -1.45 27.42 2.09
N ILE A 71 -2.15 26.52 1.38
CA ILE A 71 -3.58 26.36 1.54
C ILE A 71 -3.97 24.88 1.64
N LYS A 72 -4.51 24.48 2.79
CA LYS A 72 -4.88 23.09 3.06
C LYS A 72 -6.01 22.60 2.15
N GLN A 73 -5.76 21.46 1.48
CA GLN A 73 -6.77 20.82 0.62
C GLN A 73 -8.11 20.63 1.31
N LEU A 74 -8.06 20.11 2.53
CA LEU A 74 -9.27 19.74 3.26
C LEU A 74 -9.57 20.68 4.42
N GLY A 75 -8.76 21.73 4.56
CA GLY A 75 -8.94 22.72 5.61
C GLY A 75 -9.07 22.14 7.01
N GLY A 76 -10.15 22.52 7.69
CA GLY A 76 -10.43 22.06 9.04
C GLY A 76 -10.37 20.56 9.25
N GLY A 77 -10.45 19.80 8.15
CA GLY A 77 -10.33 18.36 8.19
C GLY A 77 -9.03 17.91 8.84
N TYR A 78 -7.96 18.69 8.64
CA TYR A 78 -6.65 18.41 9.25
C TYR A 78 -6.74 18.36 10.78
N TYR A 79 -7.69 19.09 11.34
CA TYR A 79 -7.81 19.13 12.79
C TYR A 79 -8.61 17.93 13.34
N VAL A 80 -9.04 17.05 12.42
CA VAL A 80 -9.71 15.80 12.78
C VAL A 80 -8.95 14.57 12.26
N PHE A 81 -8.48 14.66 11.01
CA PHE A 81 -7.63 13.61 10.44
C PHE A 81 -6.23 14.20 10.33
N PRO A 82 -5.36 13.90 11.30
CA PRO A 82 -4.02 14.53 11.36
C PRO A 82 -3.13 14.18 10.18
N GLY A 83 -3.48 13.15 9.42
CA GLY A 83 -2.73 12.83 8.22
C GLY A 83 -3.06 13.75 7.06
N ALA A 84 -4.18 14.48 7.16
CA ALA A 84 -4.62 15.34 6.07
C ALA A 84 -3.93 16.71 6.04
N SER A 85 -2.60 16.69 6.02
CA SER A 85 -1.79 17.91 6.00
C SER A 85 -1.52 18.40 4.58
N HIS A 86 -2.03 17.69 3.58
CA HIS A 86 -1.72 18.00 2.19
C HIS A 86 -2.34 19.32 1.71
N ASN A 87 -1.64 19.98 0.79
CA ASN A 87 -2.08 21.28 0.30
C ASN A 87 -2.46 21.26 -1.18
N ARG A 88 -3.09 22.34 -1.64
CA ARG A 88 -3.61 22.43 -2.99
C ARG A 88 -2.52 22.32 -4.05
N PHE A 89 -1.28 22.62 -3.67
CA PHE A 89 -0.15 22.58 -4.61
C PHE A 89 0.03 21.18 -5.23
N GLU A 90 0.31 20.22 -4.36
CA GLU A 90 0.53 18.83 -4.78
C GLU A 90 -0.69 18.24 -5.51
N HIS A 91 -1.88 18.56 -5.02
CA HIS A 91 -3.12 18.18 -5.69
C HIS A 91 -3.13 18.71 -7.13
N SER A 92 -2.77 19.99 -7.30
CA SER A 92 -2.74 20.60 -8.62
C SER A 92 -1.78 19.88 -9.56
N LEU A 93 -0.57 19.61 -9.05
CA LEU A 93 0.39 18.80 -9.83
C LEU A 93 -0.25 17.50 -10.30
N GLY A 94 -0.92 16.83 -9.36
CA GLY A 94 -1.58 15.56 -9.67
C GLY A 94 -2.63 15.70 -10.77
N VAL A 95 -3.44 16.76 -10.69
CA VAL A 95 -4.48 16.99 -11.69
C VAL A 95 -3.89 17.22 -13.08
N GLY A 96 -2.88 18.09 -13.16
CA GLY A 96 -2.21 18.33 -14.43
C GLY A 96 -1.67 17.03 -15.02
N TYR A 97 -0.99 16.25 -14.17
CA TYR A 97 -0.47 14.97 -14.60
C TYR A 97 -1.54 14.04 -15.18
N LEU A 98 -2.65 13.87 -14.43
CA LEU A 98 -3.72 12.99 -14.91
C LEU A 98 -4.37 13.48 -16.21
N ALA A 99 -4.49 14.79 -16.35
CA ALA A 99 -5.04 15.40 -17.56
C ALA A 99 -4.16 14.99 -18.74
N GLY A 100 -2.85 15.16 -18.56
CA GLY A 100 -1.89 14.69 -19.55
C GLY A 100 -2.06 13.22 -19.89
N CYS A 101 -2.20 12.38 -18.86
CA CYS A 101 -2.37 10.94 -19.09
C CYS A 101 -3.59 10.62 -19.96
N LEU A 102 -4.73 11.17 -19.59
CA LEU A 102 -5.97 10.92 -20.32
C LEU A 102 -5.86 11.39 -21.77
N VAL A 103 -5.44 12.64 -21.96
CA VAL A 103 -5.32 13.12 -23.34
C VAL A 103 -4.35 12.27 -24.19
N HIS A 104 -3.18 11.96 -23.64
CA HIS A 104 -2.20 11.13 -24.33
C HIS A 104 -2.77 9.76 -24.71
N ALA A 105 -3.47 9.12 -23.77
CA ALA A 105 -4.07 7.82 -24.02
C ALA A 105 -5.08 7.88 -25.17
N LEU A 106 -6.00 8.84 -25.07
CA LEU A 106 -6.98 9.03 -26.14
C LEU A 106 -6.30 9.20 -27.49
N GLY A 107 -5.31 10.09 -27.54
CA GLY A 107 -4.56 10.33 -28.76
C GLY A 107 -3.92 9.09 -29.34
N GLU A 108 -3.21 8.33 -28.50
CA GLU A 108 -2.51 7.14 -28.96
C GLU A 108 -3.45 6.04 -29.43
N LYS A 109 -4.60 5.89 -28.79
CA LYS A 109 -5.56 4.90 -29.29
C LYS A 109 -6.28 5.34 -30.57
N GLN A 110 -6.52 6.64 -30.72
CA GLN A 110 -7.26 7.16 -31.87
C GLN A 110 -6.58 8.34 -32.57
N PRO A 111 -5.59 8.04 -33.43
CA PRO A 111 -4.84 9.04 -34.20
C PRO A 111 -5.76 9.93 -35.05
N GLU A 112 -6.92 9.41 -35.42
CA GLU A 112 -7.88 10.13 -36.27
C GLU A 112 -8.45 11.40 -35.62
N LEU A 113 -8.16 11.57 -34.34
CA LEU A 113 -8.67 12.70 -33.57
C LEU A 113 -7.82 13.95 -33.80
N GLN A 114 -6.62 13.76 -34.33
CA GLN A 114 -5.70 14.86 -34.59
C GLN A 114 -5.41 15.66 -33.32
N ILE A 115 -5.21 14.96 -32.21
CA ILE A 115 -4.78 15.59 -30.98
C ILE A 115 -3.32 16.01 -31.14
N SER A 116 -3.07 17.31 -31.05
CA SER A 116 -1.73 17.85 -31.22
C SER A 116 -1.02 17.99 -29.89
N GLU A 117 0.28 18.26 -29.93
CA GLU A 117 1.04 18.51 -28.71
C GLU A 117 0.58 19.82 -28.06
N ARG A 118 0.09 20.73 -28.89
CA ARG A 118 -0.53 21.97 -28.42
C ARG A 118 -1.70 21.64 -27.50
N ASP A 119 -2.57 20.77 -27.98
CA ASP A 119 -3.74 20.31 -27.22
C ASP A 119 -3.32 19.68 -25.91
N VAL A 120 -2.28 18.85 -25.95
CA VAL A 120 -1.77 18.16 -24.77
C VAL A 120 -1.29 19.17 -23.72
N LEU A 121 -0.44 20.08 -24.16
CA LEU A 121 0.08 21.13 -23.28
C LEU A 121 -1.03 21.99 -22.68
N CYS A 122 -2.03 22.33 -23.48
CA CYS A 122 -3.13 23.17 -23.00
C CYS A 122 -4.00 22.44 -21.98
N VAL A 123 -4.30 21.16 -22.24
CA VAL A 123 -5.05 20.34 -21.28
C VAL A 123 -4.26 20.19 -19.97
N GLN A 124 -2.95 19.97 -20.08
CA GLN A 124 -2.07 19.92 -18.92
C GLN A 124 -2.09 21.21 -18.09
N ILE A 125 -1.93 22.35 -18.77
CA ILE A 125 -1.97 23.65 -18.10
C ILE A 125 -3.31 23.84 -17.39
N ALA A 126 -4.39 23.46 -18.07
CA ALA A 126 -5.73 23.55 -17.49
C ALA A 126 -5.83 22.70 -16.22
N GLY A 127 -5.30 21.49 -16.27
CA GLY A 127 -5.32 20.61 -15.12
C GLY A 127 -4.53 21.20 -13.97
N LEU A 128 -3.37 21.76 -14.28
CA LEU A 128 -2.45 22.32 -13.29
C LEU A 128 -3.03 23.55 -12.60
N CYS A 129 -3.80 24.34 -13.35
CA CYS A 129 -4.19 25.66 -12.91
C CYS A 129 -5.64 25.80 -12.46
N ARG A 130 -6.39 24.69 -12.42
CA ARG A 130 -7.79 24.76 -12.03
C ARG A 130 -8.03 24.75 -10.53
N ASN A 131 -6.98 24.94 -9.74
CA ASN A 131 -7.12 25.09 -8.29
C ASN A 131 -6.56 26.43 -7.79
N LEU A 132 -6.16 27.28 -8.73
CA LEU A 132 -5.57 28.58 -8.43
C LEU A 132 -6.50 29.50 -7.65
N GLY A 133 -7.81 29.24 -7.74
CA GLY A 133 -8.78 30.15 -7.17
C GLY A 133 -9.20 29.91 -5.73
N HIS A 134 -8.70 28.83 -5.13
CA HIS A 134 -9.07 28.53 -3.75
C HIS A 134 -8.48 29.51 -2.75
N GLY A 135 -9.22 29.74 -1.67
CA GLY A 135 -8.80 30.64 -0.62
C GLY A 135 -8.40 29.86 0.60
N PRO A 136 -8.07 30.56 1.70
CA PRO A 136 -7.64 29.95 2.96
C PRO A 136 -8.55 28.80 3.38
N PHE A 137 -7.95 27.67 3.75
CA PHE A 137 -8.69 26.49 4.19
C PHE A 137 -9.69 25.98 3.15
N SER A 138 -9.37 26.26 1.88
CA SER A 138 -10.15 25.79 0.73
C SER A 138 -11.65 26.09 0.81
N HIS A 139 -12.46 25.05 0.98
CA HIS A 139 -13.90 25.23 0.87
C HIS A 139 -14.51 26.11 1.95
N MET A 140 -13.91 26.07 3.14
CA MET A 140 -14.24 27.02 4.20
C MET A 140 -14.35 28.45 3.66
N PHE A 141 -13.48 28.80 2.72
CA PHE A 141 -13.46 30.14 2.17
C PHE A 141 -14.55 30.37 1.12
N ASP A 142 -14.85 29.37 0.29
CA ASP A 142 -15.86 29.59 -0.75
C ASP A 142 -17.25 29.10 -0.35
N GLY A 143 -17.27 28.09 0.52
CA GLY A 143 -18.53 27.55 1.00
C GLY A 143 -19.11 28.29 2.19
N ARG A 144 -18.25 28.88 3.01
CA ARG A 144 -18.71 29.52 4.25
C ARG A 144 -18.40 31.01 4.38
N PHE A 145 -17.11 31.37 4.34
CA PHE A 145 -16.70 32.75 4.57
C PHE A 145 -17.33 33.73 3.57
N ILE A 146 -16.88 33.68 2.31
CA ILE A 146 -17.37 34.59 1.27
C ILE A 146 -18.91 34.76 1.20
N PRO A 147 -19.68 33.66 1.27
CA PRO A 147 -21.14 33.84 1.26
C PRO A 147 -21.68 34.70 2.41
N LEU A 148 -20.92 34.82 3.50
CA LEU A 148 -21.36 35.61 4.66
C LEU A 148 -20.72 36.99 4.70
N ALA A 149 -19.44 37.07 4.38
CA ALA A 149 -18.74 38.34 4.33
C ALA A 149 -19.30 39.23 3.23
N ARG A 150 -19.53 38.64 2.05
CA ARG A 150 -20.03 39.39 0.90
C ARG A 150 -21.15 38.66 0.17
N PRO A 151 -22.35 38.66 0.78
CA PRO A 151 -23.51 37.90 0.29
C PRO A 151 -24.05 38.38 -1.07
N GLU A 152 -23.50 39.47 -1.60
CA GLU A 152 -23.97 40.01 -2.87
C GLU A 152 -23.23 39.46 -4.11
N VAL A 153 -21.95 39.12 -3.95
CA VAL A 153 -21.16 38.59 -5.05
C VAL A 153 -21.47 37.10 -5.29
N LYS A 154 -21.16 36.61 -6.48
CA LYS A 154 -21.39 35.20 -6.82
C LYS A 154 -20.05 34.47 -6.98
N TRP A 155 -19.19 34.60 -5.98
CA TRP A 155 -17.83 34.04 -6.04
C TRP A 155 -17.80 32.52 -6.13
N THR A 156 -16.96 32.01 -7.01
CA THR A 156 -16.69 30.57 -7.11
C THR A 156 -15.18 30.37 -7.26
N HIS A 157 -14.69 29.19 -6.87
CA HIS A 157 -13.25 28.92 -7.02
C HIS A 157 -12.85 28.83 -8.49
N GLU A 158 -13.80 28.49 -9.36
CA GLU A 158 -13.56 28.49 -10.80
C GLU A 158 -13.16 29.87 -11.33
N GLN A 159 -14.01 30.87 -11.08
CA GLN A 159 -13.73 32.24 -11.52
C GLN A 159 -12.42 32.74 -10.93
N GLY A 160 -12.21 32.47 -9.65
CA GLY A 160 -10.96 32.82 -9.00
C GLY A 160 -9.77 32.18 -9.70
N SER A 161 -9.94 30.95 -10.16
CA SER A 161 -8.91 30.24 -10.89
C SER A 161 -8.61 30.93 -12.22
N VAL A 162 -9.65 31.33 -12.94
CA VAL A 162 -9.46 32.10 -14.18
C VAL A 162 -8.70 33.41 -13.94
N MET A 163 -9.18 34.19 -12.98
CA MET A 163 -8.57 35.48 -12.64
C MET A 163 -7.10 35.32 -12.23
N MET A 164 -6.84 34.33 -11.39
CA MET A 164 -5.49 34.06 -10.90
C MET A 164 -4.57 33.58 -12.01
N PHE A 165 -5.13 32.81 -12.95
CA PHE A 165 -4.36 32.33 -14.09
C PHE A 165 -3.96 33.50 -14.99
N GLU A 166 -4.93 34.37 -15.28
CA GLU A 166 -4.67 35.60 -16.04
C GLU A 166 -3.57 36.41 -15.38
N HIS A 167 -3.73 36.64 -14.07
CA HIS A 167 -2.73 37.37 -13.28
C HIS A 167 -1.35 36.73 -13.33
N LEU A 168 -1.30 35.40 -13.32
CA LEU A 168 -0.03 34.67 -13.37
C LEU A 168 0.67 34.88 -14.71
N ILE A 169 -0.08 34.62 -15.77
CA ILE A 169 0.43 34.78 -17.14
C ILE A 169 0.98 36.19 -17.32
N ASN A 170 0.15 37.19 -16.98
CA ASN A 170 0.54 38.58 -17.21
C ASN A 170 1.66 39.06 -16.31
N SER A 171 1.67 38.61 -15.06
CA SER A 171 2.70 39.03 -14.12
C SER A 171 4.03 38.32 -14.34
N ASN A 172 4.04 37.21 -15.07
CA ASN A 172 5.30 36.47 -15.21
C ASN A 172 5.86 36.28 -16.62
N GLY A 173 5.33 37.03 -17.58
CA GLY A 173 5.84 36.99 -18.94
C GLY A 173 5.75 35.60 -19.57
N ILE A 174 4.61 34.95 -19.39
CA ILE A 174 4.41 33.57 -19.83
C ILE A 174 4.01 33.45 -21.31
N LYS A 175 3.24 34.41 -21.83
CA LYS A 175 2.83 34.36 -23.24
C LYS A 175 3.98 34.14 -24.25
N PRO A 176 5.09 34.91 -24.12
CA PRO A 176 6.25 34.63 -24.97
C PRO A 176 6.78 33.19 -24.84
N VAL A 177 6.79 32.64 -23.64
CA VAL A 177 7.24 31.25 -23.44
C VAL A 177 6.29 30.29 -24.15
N MET A 178 5.00 30.56 -24.00
CA MET A 178 3.95 29.80 -24.69
C MET A 178 4.19 29.77 -26.20
N GLU A 179 4.41 30.93 -26.81
CA GLU A 179 4.66 30.90 -28.26
C GLU A 179 6.00 30.23 -28.58
N GLN A 180 6.95 30.36 -27.66
CA GLN A 180 8.25 29.70 -27.79
C GLN A 180 8.11 28.17 -27.83
N TYR A 181 7.07 27.65 -27.19
CA TYR A 181 6.83 26.20 -27.25
C TYR A 181 5.67 25.78 -28.15
N GLY A 182 5.36 26.63 -29.13
CA GLY A 182 4.43 26.25 -30.20
C GLY A 182 2.96 26.52 -29.93
N LEU A 183 2.66 27.20 -28.83
CA LEU A 183 1.28 27.57 -28.53
C LEU A 183 0.94 28.93 -29.13
N ILE A 184 -0.34 29.15 -29.41
CA ILE A 184 -0.83 30.45 -29.87
C ILE A 184 -1.63 31.09 -28.73
N PRO A 185 -1.02 32.04 -28.01
CA PRO A 185 -1.51 32.59 -26.75
C PRO A 185 -2.98 33.02 -26.74
N GLU A 186 -3.45 33.71 -27.77
CA GLU A 186 -4.85 34.15 -27.75
C GLU A 186 -5.83 32.95 -27.67
N GLU A 187 -5.87 32.17 -28.74
CA GLU A 187 -6.68 30.96 -28.82
C GLU A 187 -6.49 30.03 -27.62
N ASP A 188 -5.23 29.71 -27.32
CA ASP A 188 -4.91 28.71 -26.30
C ASP A 188 -5.22 29.16 -24.88
N ILE A 189 -4.97 30.43 -24.57
CA ILE A 189 -5.34 30.96 -23.26
C ILE A 189 -6.87 30.96 -23.14
N CYS A 190 -7.54 31.34 -24.21
CA CYS A 190 -9.01 31.18 -24.25
C CYS A 190 -9.44 29.75 -23.91
N PHE A 191 -8.82 28.77 -24.58
CA PHE A 191 -9.11 27.35 -24.41
C PHE A 191 -8.90 26.89 -22.96
N ILE A 192 -7.79 27.29 -22.38
CA ILE A 192 -7.44 26.93 -21.01
C ILE A 192 -8.48 27.48 -20.01
N LYS A 193 -8.75 28.78 -20.12
CA LYS A 193 -9.77 29.39 -19.29
C LYS A 193 -11.11 28.68 -19.43
N GLU A 194 -11.47 28.33 -20.67
CA GLU A 194 -12.72 27.64 -20.93
C GLU A 194 -12.78 26.26 -20.28
N GLN A 195 -11.65 25.54 -20.31
CA GLN A 195 -11.55 24.26 -19.62
C GLN A 195 -11.79 24.46 -18.13
N ILE A 196 -11.24 25.55 -17.58
CA ILE A 196 -11.38 25.78 -16.14
C ILE A 196 -12.79 26.20 -15.68
N VAL A 197 -13.39 27.18 -16.35
CA VAL A 197 -14.66 27.74 -15.88
C VAL A 197 -15.85 27.45 -16.79
N GLY A 198 -15.58 27.06 -18.04
CA GLY A 198 -16.64 26.80 -18.99
C GLY A 198 -16.75 27.90 -20.04
N PRO A 199 -17.86 27.90 -20.80
CA PRO A 199 -18.10 28.90 -21.85
C PRO A 199 -18.06 30.32 -21.27
N LEU A 200 -17.10 31.12 -21.74
CA LEU A 200 -16.81 32.43 -21.18
C LEU A 200 -17.99 33.42 -21.25
N GLU A 201 -18.63 33.49 -22.41
CA GLU A 201 -19.77 34.39 -22.58
C GLU A 201 -21.08 33.74 -22.16
N LEU A 208 -26.01 25.28 -30.68
CA LEU A 208 -24.92 26.18 -31.09
C LEU A 208 -23.72 26.07 -30.17
N TRP A 209 -22.58 25.72 -30.75
CA TRP A 209 -21.34 25.47 -30.02
C TRP A 209 -20.79 26.72 -29.34
N PRO A 210 -20.79 26.73 -28.00
CA PRO A 210 -20.46 27.90 -27.15
C PRO A 210 -18.96 28.16 -26.94
N TYR A 211 -18.09 27.28 -27.42
CA TYR A 211 -16.66 27.40 -27.14
C TYR A 211 -15.85 28.06 -28.26
N LYS A 212 -14.92 28.94 -27.89
CA LYS A 212 -14.07 29.60 -28.87
C LYS A 212 -12.64 29.06 -28.93
N GLY A 213 -12.22 28.36 -27.88
CA GLY A 213 -10.86 27.83 -27.81
C GLY A 213 -10.62 26.66 -28.73
N ARG A 214 -11.64 25.84 -28.94
CA ARG A 214 -11.56 24.66 -29.80
C ARG A 214 -12.93 24.34 -30.41
N PRO A 215 -12.95 23.88 -31.67
CA PRO A 215 -14.20 23.52 -32.36
C PRO A 215 -14.80 22.21 -31.88
N GLU A 216 -15.94 21.83 -32.45
CA GLU A 216 -16.73 20.67 -32.00
C GLU A 216 -15.99 19.33 -32.13
N ASN A 217 -15.15 19.22 -33.15
CA ASN A 217 -14.39 17.99 -33.37
C ASN A 217 -13.26 17.82 -32.35
N LYS A 218 -13.21 18.73 -31.37
CA LYS A 218 -12.27 18.63 -30.26
C LYS A 218 -13.05 18.72 -28.95
N SER A 219 -14.38 18.59 -29.03
CA SER A 219 -15.26 18.70 -27.88
C SER A 219 -14.80 17.87 -26.67
N PHE A 220 -14.35 16.65 -26.94
CA PHE A 220 -13.91 15.73 -25.89
C PHE A 220 -12.84 16.33 -24.98
N LEU A 221 -12.04 17.24 -25.51
CA LEU A 221 -10.99 17.89 -24.72
C LEU A 221 -11.56 18.62 -23.50
N TYR A 222 -12.78 19.12 -23.64
CA TYR A 222 -13.45 19.84 -22.55
C TYR A 222 -14.03 18.92 -21.48
N GLU A 223 -13.94 17.61 -21.70
CA GLU A 223 -14.50 16.64 -20.76
C GLU A 223 -13.46 16.11 -19.80
N ILE A 224 -12.25 16.66 -19.87
CA ILE A 224 -11.10 16.10 -19.16
C ILE A 224 -10.80 16.78 -17.82
N VAL A 225 -10.58 18.09 -17.83
CA VAL A 225 -10.18 18.82 -16.63
C VAL A 225 -11.36 19.13 -15.70
N SER A 226 -12.43 19.72 -16.24
CA SER A 226 -13.66 19.94 -15.50
C SER A 226 -14.87 19.58 -16.36
N ASN A 227 -15.41 18.38 -16.12
CA ASN A 227 -16.52 17.86 -16.92
C ASN A 227 -17.86 18.45 -16.50
N LYS A 228 -18.31 19.50 -17.20
CA LYS A 228 -19.57 20.15 -16.88
C LYS A 228 -20.76 19.24 -17.21
N ARG A 229 -20.50 18.25 -18.06
CA ARG A 229 -21.55 17.36 -18.56
C ARG A 229 -21.99 16.30 -17.55
N ASN A 230 -21.04 15.63 -16.91
CA ASN A 230 -21.39 14.57 -15.97
C ASN A 230 -20.50 14.48 -14.72
N GLY A 231 -19.48 15.33 -14.64
CA GLY A 231 -18.63 15.39 -13.46
C GLY A 231 -17.52 14.34 -13.39
N ILE A 232 -17.40 13.52 -14.43
CA ILE A 232 -16.32 12.55 -14.51
C ILE A 232 -15.09 13.22 -15.09
N ASP A 233 -14.19 13.67 -14.21
CA ASP A 233 -12.95 14.34 -14.62
C ASP A 233 -11.77 13.91 -13.76
N VAL A 234 -10.56 14.24 -14.22
CA VAL A 234 -9.32 13.77 -13.57
C VAL A 234 -9.08 14.43 -12.20
N ASP A 235 -9.72 15.58 -11.98
CA ASP A 235 -9.60 16.30 -10.72
C ASP A 235 -10.13 15.42 -9.57
N LYS A 236 -11.30 14.84 -9.80
CA LYS A 236 -11.90 13.88 -8.89
C LYS A 236 -10.97 12.71 -8.64
N TRP A 237 -10.40 12.16 -9.70
CA TRP A 237 -9.52 10.98 -9.58
C TRP A 237 -8.35 11.28 -8.66
N ASP A 238 -7.68 12.39 -8.93
CA ASP A 238 -6.57 12.78 -8.08
C ASP A 238 -7.02 12.99 -6.65
N TYR A 239 -8.08 13.75 -6.41
CA TYR A 239 -8.43 13.96 -5.00
C TYR A 239 -8.89 12.69 -4.27
N PHE A 240 -9.51 11.76 -4.98
CA PHE A 240 -9.88 10.47 -4.40
C PHE A 240 -8.60 9.82 -3.90
N ALA A 241 -7.65 9.60 -4.81
CA ALA A 241 -6.42 8.91 -4.39
C ALA A 241 -5.63 9.65 -3.30
N ARG A 242 -5.44 10.95 -3.48
CA ARG A 242 -4.61 11.76 -2.58
C ARG A 242 -5.25 11.91 -1.19
N ASP A 243 -6.51 12.36 -1.16
CA ASP A 243 -7.23 12.51 0.09
C ASP A 243 -7.25 11.17 0.82
N CYS A 244 -7.54 10.09 0.08
CA CYS A 244 -7.54 8.77 0.74
C CYS A 244 -6.19 8.41 1.36
N HIS A 245 -5.13 8.66 0.58
CA HIS A 245 -3.77 8.43 1.04
C HIS A 245 -3.44 9.17 2.33
N HIS A 246 -3.93 10.40 2.47
CA HIS A 246 -3.61 11.20 3.66
C HIS A 246 -4.55 11.00 4.86
N LEU A 247 -5.83 10.74 4.58
CA LEU A 247 -6.82 10.56 5.63
C LEU A 247 -6.59 9.24 6.37
N GLY A 248 -6.15 8.23 5.62
CA GLY A 248 -6.01 6.90 6.19
C GLY A 248 -7.29 6.11 6.01
N ILE A 249 -7.96 6.35 4.88
CA ILE A 249 -9.10 5.54 4.45
C ILE A 249 -8.85 5.17 2.98
N GLN A 250 -9.19 3.95 2.58
CA GLN A 250 -8.76 3.45 1.26
C GLN A 250 -9.72 3.77 0.11
N ASN A 251 -9.14 4.04 -1.07
CA ASN A 251 -9.89 4.37 -2.28
C ASN A 251 -10.36 3.14 -3.05
N ASN A 252 -11.65 3.10 -3.39
CA ASN A 252 -12.26 1.99 -4.11
C ASN A 252 -12.18 2.10 -5.64
N PHE A 253 -11.95 3.32 -6.14
CA PHE A 253 -12.06 3.62 -7.56
C PHE A 253 -10.74 3.48 -8.33
N ASP A 254 -10.82 2.88 -9.52
CA ASP A 254 -9.65 2.60 -10.34
C ASP A 254 -9.64 3.50 -11.59
N TYR A 255 -9.04 4.67 -11.50
CA TYR A 255 -9.01 5.60 -12.63
C TYR A 255 -8.24 5.05 -13.83
N LYS A 256 -7.18 4.28 -13.57
CA LYS A 256 -6.36 3.70 -14.65
C LYS A 256 -7.19 2.79 -15.56
N ARG A 257 -8.01 1.95 -14.93
CA ARG A 257 -8.93 1.10 -15.67
C ARG A 257 -9.86 1.95 -16.54
N PHE A 258 -10.37 3.05 -15.98
CA PHE A 258 -11.25 3.92 -16.74
C PHE A 258 -10.54 4.46 -17.97
N ILE A 259 -9.33 4.96 -17.77
CA ILE A 259 -8.51 5.50 -18.85
C ILE A 259 -8.31 4.44 -19.93
N LYS A 260 -8.07 3.20 -19.53
CA LYS A 260 -7.90 2.13 -20.51
C LYS A 260 -9.18 1.76 -21.29
N PHE A 261 -10.33 1.82 -20.64
CA PHE A 261 -11.61 1.54 -21.32
C PHE A 261 -12.33 2.82 -21.71
N ALA A 262 -11.58 3.80 -22.23
CA ALA A 262 -12.19 5.06 -22.64
C ALA A 262 -11.91 5.30 -24.12
N ARG A 263 -12.90 5.84 -24.81
CA ARG A 263 -12.79 6.10 -26.25
C ARG A 263 -13.38 7.46 -26.56
N VAL A 264 -13.23 7.89 -27.81
CA VAL A 264 -13.98 9.04 -28.29
C VAL A 264 -14.94 8.57 -29.38
N CYS A 265 -16.23 8.75 -29.13
CA CYS A 265 -17.26 8.41 -30.11
C CYS A 265 -18.11 9.64 -30.41
N GLU A 266 -18.79 9.61 -31.55
CA GLU A 266 -19.57 10.74 -32.02
C GLU A 266 -20.99 10.80 -31.42
N VAL A 267 -21.33 11.94 -30.80
CA VAL A 267 -22.68 12.14 -30.25
C VAL A 267 -23.20 13.52 -30.64
N ASP A 268 -24.38 13.58 -31.25
CA ASP A 268 -25.04 14.84 -31.59
C ASP A 268 -24.12 15.89 -32.20
N ASN A 269 -23.46 15.52 -33.30
CA ASN A 269 -22.48 16.39 -33.96
C ASN A 269 -21.29 16.77 -33.08
N GLU A 270 -21.09 16.03 -32.00
CA GLU A 270 -19.94 16.21 -31.14
C GLU A 270 -19.18 14.90 -30.97
N LEU A 271 -17.86 15.01 -30.90
CA LEU A 271 -17.05 13.87 -30.49
C LEU A 271 -16.88 13.97 -28.98
N ARG A 272 -17.33 12.93 -28.29
CA ARG A 272 -17.35 12.91 -26.83
C ARG A 272 -16.74 11.63 -26.29
N ILE A 273 -16.21 11.73 -25.07
CA ILE A 273 -15.63 10.58 -24.39
C ILE A 273 -16.71 9.58 -24.01
N CYS A 274 -16.51 8.32 -24.39
CA CYS A 274 -17.42 7.25 -24.05
C CYS A 274 -16.70 6.18 -23.25
N ALA A 275 -17.40 5.61 -22.28
CA ALA A 275 -16.86 4.51 -21.50
C ALA A 275 -17.39 3.18 -22.05
N ARG A 276 -16.61 2.12 -21.94
CA ARG A 276 -17.08 0.80 -22.31
C ARG A 276 -18.27 0.42 -21.43
N ASP A 277 -19.30 -0.17 -22.03
CA ASP A 277 -20.55 -0.51 -21.33
C ASP A 277 -20.36 -1.16 -19.96
N LYS A 278 -19.53 -2.21 -19.93
CA LYS A 278 -19.32 -3.01 -18.72
C LYS A 278 -18.75 -2.21 -17.55
N GLU A 279 -18.33 -0.98 -17.81
CA GLU A 279 -17.78 -0.11 -16.77
C GLU A 279 -18.86 0.67 -16.01
N VAL A 280 -20.10 0.54 -16.47
CA VAL A 280 -21.19 1.33 -15.90
C VAL A 280 -21.30 1.16 -14.37
N GLY A 281 -21.26 -0.09 -13.90
CA GLY A 281 -21.25 -0.37 -12.47
C GLY A 281 -20.18 0.46 -11.78
N ASN A 282 -18.95 0.36 -12.30
CA ASN A 282 -17.84 1.09 -11.72
C ASN A 282 -18.12 2.57 -11.67
N LEU A 283 -18.75 3.10 -12.71
CA LEU A 283 -19.07 4.52 -12.75
C LEU A 283 -19.99 4.89 -11.60
N TYR A 284 -21.02 4.06 -11.36
CA TYR A 284 -21.91 4.32 -10.23
C TYR A 284 -21.05 4.32 -8.98
N ASP A 285 -20.18 3.31 -8.88
CA ASP A 285 -19.33 3.17 -7.71
C ASP A 285 -18.48 4.43 -7.52
N MET A 286 -18.06 5.04 -8.63
CA MET A 286 -17.22 6.24 -8.52
C MET A 286 -17.97 7.25 -7.67
N PHE A 287 -19.21 7.53 -8.06
CA PHE A 287 -19.97 8.55 -7.34
C PHE A 287 -20.22 8.07 -5.91
N HIS A 288 -20.45 6.76 -5.76
CA HIS A 288 -20.67 6.22 -4.43
C HIS A 288 -19.47 6.58 -3.57
N THR A 289 -18.27 6.37 -4.12
CA THR A 289 -17.05 6.65 -3.40
C THR A 289 -17.03 8.10 -2.96
N ARG A 290 -17.39 8.98 -3.89
CA ARG A 290 -17.43 10.41 -3.58
C ARG A 290 -18.31 10.65 -2.37
N ASN A 291 -19.51 10.07 -2.40
CA ASN A 291 -20.47 10.26 -1.32
C ASN A 291 -19.83 9.80 -0.02
N SER A 292 -19.19 8.64 -0.09
CA SER A 292 -18.59 8.05 1.09
C SER A 292 -17.55 9.00 1.66
N LEU A 293 -16.76 9.58 0.76
CA LEU A 293 -15.69 10.47 1.19
C LEU A 293 -16.28 11.69 1.88
N HIS A 294 -17.43 12.14 1.41
CA HIS A 294 -18.06 13.31 2.03
C HIS A 294 -18.61 12.88 3.39
N ARG A 295 -19.13 11.66 3.44
CA ARG A 295 -19.79 11.15 4.63
C ARG A 295 -18.79 11.00 5.77
N ARG A 296 -17.65 10.37 5.45
CA ARG A 296 -16.64 10.04 6.45
C ARG A 296 -15.73 11.21 6.81
N ALA A 297 -15.36 12.00 5.81
CA ALA A 297 -14.28 12.98 5.98
C ALA A 297 -14.69 14.44 5.76
N TYR A 298 -15.11 14.77 4.54
CA TYR A 298 -15.29 16.17 4.14
C TYR A 298 -16.39 16.88 4.93
N GLN A 299 -17.43 16.15 5.30
CA GLN A 299 -18.53 16.71 6.07
C GLN A 299 -18.54 16.21 7.50
N HIS A 300 -17.37 15.80 8.00
CA HIS A 300 -17.26 15.36 9.39
C HIS A 300 -17.79 16.45 10.32
N LYS A 301 -18.64 16.07 11.26
CA LYS A 301 -19.31 17.02 12.15
C LYS A 301 -18.35 18.01 12.80
N VAL A 302 -17.24 17.48 13.32
CA VAL A 302 -16.26 18.30 14.00
C VAL A 302 -15.40 19.11 13.02
N GLY A 303 -15.06 18.49 11.88
CA GLY A 303 -14.35 19.20 10.84
C GLY A 303 -15.13 20.43 10.42
N ASN A 304 -16.41 20.19 10.14
CA ASN A 304 -17.33 21.26 9.76
C ASN A 304 -17.45 22.32 10.85
N ILE A 305 -17.62 21.91 12.11
CA ILE A 305 -17.73 22.92 13.17
C ILE A 305 -16.43 23.74 13.33
N ILE A 306 -15.29 23.13 13.01
CA ILE A 306 -14.02 23.86 13.08
C ILE A 306 -13.88 24.87 11.93
N ASP A 307 -14.27 24.46 10.72
CA ASP A 307 -14.38 25.41 9.61
C ASP A 307 -15.31 26.58 9.99
N THR A 308 -16.40 26.24 10.67
CA THR A 308 -17.37 27.23 11.12
C THR A 308 -16.74 28.24 12.08
N MET A 309 -16.01 27.72 13.07
CA MET A 309 -15.37 28.59 14.06
C MET A 309 -14.29 29.49 13.43
N ILE A 310 -13.51 28.92 12.51
CA ILE A 310 -12.51 29.70 11.81
C ILE A 310 -13.17 30.79 10.96
N THR A 311 -14.29 30.45 10.33
CA THR A 311 -15.06 31.42 9.55
C THR A 311 -15.53 32.58 10.43
N ASP A 312 -16.04 32.24 11.61
CA ASP A 312 -16.45 33.25 12.59
C ASP A 312 -15.28 34.15 12.97
N ALA A 313 -14.12 33.54 13.22
CA ALA A 313 -12.94 34.33 13.58
C ALA A 313 -12.47 35.27 12.46
N PHE A 314 -12.51 34.78 11.22
CA PHE A 314 -12.14 35.62 10.07
C PHE A 314 -13.13 36.77 9.91
N LEU A 315 -14.40 36.49 10.14
CA LEU A 315 -15.42 37.54 10.08
C LEU A 315 -15.20 38.59 11.16
N LYS A 316 -14.80 38.16 12.35
CA LYS A 316 -14.49 39.11 13.42
C LYS A 316 -13.16 39.84 13.19
N ALA A 317 -12.32 39.28 12.32
CA ALA A 317 -11.01 39.89 12.06
C ALA A 317 -11.02 40.78 10.82
N ASP A 318 -12.07 40.68 10.02
CA ASP A 318 -12.09 41.25 8.67
C ASP A 318 -11.76 42.75 8.56
N ASP A 319 -12.23 43.54 9.53
CA ASP A 319 -12.02 44.99 9.47
C ASP A 319 -10.60 45.41 9.83
N TYR A 320 -9.80 44.48 10.36
CA TYR A 320 -8.52 44.86 10.95
C TYR A 320 -7.29 44.23 10.30
N ILE A 321 -7.49 43.17 9.53
CA ILE A 321 -6.39 42.54 8.82
C ILE A 321 -6.20 43.22 7.47
N GLU A 322 -5.04 43.84 7.29
CA GLU A 322 -4.74 44.50 6.02
C GLU A 322 -3.89 43.61 5.13
N ILE A 323 -4.30 43.52 3.87
CA ILE A 323 -3.53 42.79 2.86
C ILE A 323 -3.21 43.76 1.72
N THR A 324 -1.93 44.06 1.52
CA THR A 324 -1.53 45.06 0.54
C THR A 324 -1.54 44.49 -0.88
N GLY A 325 -2.26 45.16 -1.78
CA GLY A 325 -2.38 44.73 -3.16
C GLY A 325 -1.72 45.66 -4.16
N ALA A 326 -2.31 45.76 -5.34
CA ALA A 326 -1.73 46.54 -6.43
C ALA A 326 -1.82 48.05 -6.19
N GLY A 327 -0.68 48.72 -6.29
CA GLY A 327 -0.60 50.15 -6.05
C GLY A 327 -0.25 50.44 -4.61
N GLY A 328 -0.01 49.39 -3.83
CA GLY A 328 0.23 49.54 -2.41
C GLY A 328 -1.09 49.71 -1.67
N LYS A 329 -2.17 49.58 -2.42
CA LYS A 329 -3.52 49.66 -1.86
C LYS A 329 -3.72 48.54 -0.86
N LYS A 330 -4.49 48.82 0.20
CA LYS A 330 -4.73 47.82 1.23
C LYS A 330 -6.11 47.21 1.12
N TYR A 331 -6.17 45.89 1.25
CA TYR A 331 -7.42 45.16 1.13
C TYR A 331 -7.72 44.39 2.41
N ARG A 332 -8.92 43.82 2.48
CA ARG A 332 -9.31 42.97 3.60
C ARG A 332 -9.36 41.52 3.14
N ILE A 333 -9.59 40.62 4.08
CA ILE A 333 -9.80 39.21 3.78
C ILE A 333 -10.98 39.08 2.83
N SER A 334 -12.02 39.87 3.07
CA SER A 334 -13.25 39.82 2.29
C SER A 334 -13.11 40.45 0.91
N THR A 335 -12.18 41.38 0.76
CA THR A 335 -12.07 42.14 -0.49
C THR A 335 -10.82 41.79 -1.31
N ALA A 336 -9.97 40.93 -0.77
CA ALA A 336 -8.75 40.53 -1.50
C ALA A 336 -9.07 39.82 -2.82
N ILE A 337 -10.27 39.25 -2.92
CA ILE A 337 -10.70 38.58 -4.14
C ILE A 337 -10.94 39.57 -5.29
N ASP A 338 -10.90 40.86 -4.97
CA ASP A 338 -11.10 41.90 -5.98
C ASP A 338 -9.77 42.34 -6.61
N ASP A 339 -8.67 41.98 -5.97
CA ASP A 339 -7.34 42.30 -6.48
C ASP A 339 -6.45 41.06 -6.39
N MET A 340 -6.10 40.48 -7.53
CA MET A 340 -5.33 39.25 -7.57
C MET A 340 -3.95 39.35 -6.91
N GLU A 341 -3.38 40.56 -6.92
CA GLU A 341 -2.10 40.77 -6.26
C GLU A 341 -2.22 40.60 -4.74
N ALA A 342 -3.33 41.06 -4.18
CA ALA A 342 -3.58 40.90 -2.75
C ALA A 342 -4.00 39.46 -2.45
N TYR A 343 -4.82 38.89 -3.33
CA TYR A 343 -5.29 37.51 -3.17
C TYR A 343 -4.12 36.52 -3.17
N THR A 344 -3.07 36.85 -3.92
CA THR A 344 -1.86 36.02 -3.99
C THR A 344 -1.29 35.80 -2.60
N LYS A 345 -1.48 36.79 -1.73
CA LYS A 345 -0.94 36.76 -0.38
C LYS A 345 -2.01 36.36 0.64
N LEU A 346 -3.14 35.86 0.16
CA LEU A 346 -4.22 35.43 1.05
C LEU A 346 -4.25 33.91 1.19
N THR A 347 -3.61 33.40 2.25
CA THR A 347 -3.53 31.95 2.48
C THR A 347 -3.89 31.59 3.91
N ASP A 348 -3.68 30.32 4.29
CA ASP A 348 -3.96 29.83 5.64
C ASP A 348 -3.22 30.64 6.72
N ASN A 349 -2.14 31.31 6.31
CA ASN A 349 -1.36 32.16 7.19
C ASN A 349 -2.21 33.16 7.99
N ILE A 350 -3.33 33.59 7.42
CA ILE A 350 -4.25 34.51 8.08
C ILE A 350 -4.55 33.98 9.48
N PHE A 351 -4.91 32.70 9.53
CA PHE A 351 -5.17 32.01 10.79
C PHE A 351 -4.08 32.36 11.81
N LEU A 352 -2.82 32.07 11.46
CA LEU A 352 -1.74 32.31 12.41
C LEU A 352 -1.58 33.80 12.71
N GLU A 353 -1.77 34.64 11.70
CA GLU A 353 -1.64 36.08 11.95
C GLU A 353 -2.67 36.48 12.99
N ILE A 354 -3.86 35.89 12.93
CA ILE A 354 -4.87 36.20 13.93
C ILE A 354 -4.46 35.59 15.27
N LEU A 355 -3.94 34.36 15.24
CA LEU A 355 -3.65 33.63 16.48
C LEU A 355 -2.52 34.30 17.25
N TYR A 356 -1.55 34.85 16.52
CA TYR A 356 -0.35 35.44 17.14
C TYR A 356 -0.52 36.93 17.46
N SER A 357 -1.64 37.52 17.04
CA SER A 357 -1.85 38.97 17.22
C SER A 357 -1.91 39.39 18.69
N THR A 358 -1.79 40.69 18.95
CA THR A 358 -1.89 41.21 20.31
C THR A 358 -2.95 42.29 20.43
N ASP A 359 -3.26 42.93 19.31
CA ASP A 359 -4.15 44.08 19.29
C ASP A 359 -5.56 43.78 19.79
N PRO A 360 -6.07 44.61 20.72
CA PRO A 360 -7.43 44.51 21.27
C PRO A 360 -8.52 44.35 20.21
N LYS A 361 -8.44 45.10 19.10
CA LYS A 361 -9.42 44.97 18.01
C LYS A 361 -9.55 43.54 17.50
N LEU A 362 -8.49 42.76 17.64
CA LEU A 362 -8.46 41.38 17.15
C LEU A 362 -8.72 40.36 18.26
N LYS A 363 -8.82 40.82 19.51
CA LYS A 363 -8.97 39.90 20.65
C LYS A 363 -10.06 38.86 20.41
N ASP A 364 -11.26 39.33 20.11
CA ASP A 364 -12.40 38.43 19.90
C ASP A 364 -12.14 37.41 18.79
N ALA A 365 -11.45 37.82 17.74
CA ALA A 365 -11.09 36.89 16.68
C ALA A 365 -10.13 35.88 17.30
N ARG A 366 -9.06 36.43 17.89
CA ARG A 366 -7.97 35.65 18.45
C ARG A 366 -8.51 34.60 19.41
N GLU A 367 -9.31 35.06 20.36
CA GLU A 367 -9.91 34.17 21.35
C GLU A 367 -10.58 32.95 20.72
N ILE A 368 -11.32 33.16 19.64
CA ILE A 368 -12.01 32.05 19.00
C ILE A 368 -10.99 31.00 18.56
N LEU A 369 -9.93 31.45 17.90
CA LEU A 369 -8.89 30.53 17.46
C LEU A 369 -8.29 29.83 18.65
N LYS A 370 -8.12 30.55 19.75
CA LYS A 370 -7.51 29.94 20.93
C LYS A 370 -8.42 28.84 21.46
N GLN A 371 -9.73 29.04 21.38
CA GLN A 371 -10.64 28.00 21.85
C GLN A 371 -10.39 26.74 21.03
N ILE A 372 -10.16 26.93 19.72
CA ILE A 372 -9.91 25.79 18.84
C ILE A 372 -8.70 25.03 19.36
N GLU A 373 -7.67 25.77 19.78
CA GLU A 373 -6.46 25.12 20.27
C GLU A 373 -6.70 24.36 21.56
N TYR A 374 -7.63 24.87 22.38
CA TYR A 374 -7.91 24.25 23.66
C TYR A 374 -8.95 23.16 23.49
N ARG A 375 -9.41 22.97 22.25
CA ARG A 375 -10.44 22.00 21.91
C ARG A 375 -11.74 22.28 22.66
N ASN A 376 -11.95 23.55 23.00
CA ASN A 376 -13.23 23.98 23.55
C ASN A 376 -14.11 24.37 22.38
N LEU A 377 -14.59 23.36 21.66
CA LEU A 377 -15.38 23.59 20.45
C LEU A 377 -16.87 23.69 20.77
N PHE A 378 -17.64 24.27 19.85
CA PHE A 378 -19.10 24.23 19.94
C PHE A 378 -19.51 22.77 20.02
N LYS A 379 -20.60 22.49 20.72
CA LYS A 379 -20.99 21.10 20.98
C LYS A 379 -21.94 20.55 19.94
N TYR A 380 -21.68 19.32 19.47
CA TYR A 380 -22.56 18.65 18.54
C TYR A 380 -23.79 18.15 19.30
N VAL A 381 -24.97 18.60 18.88
CA VAL A 381 -26.20 18.18 19.54
C VAL A 381 -26.82 17.01 18.81
N GLY A 382 -26.92 17.10 17.48
CA GLY A 382 -27.43 15.95 16.74
C GLY A 382 -27.68 16.13 15.27
N GLU A 383 -28.15 15.07 14.63
CA GLU A 383 -28.43 15.13 13.20
C GLU A 383 -29.78 14.53 12.86
N THR A 384 -30.45 15.15 11.89
CA THR A 384 -31.73 14.65 11.39
C THR A 384 -31.81 14.90 9.89
N GLN A 385 -32.85 14.38 9.25
CA GLN A 385 -33.12 14.66 7.85
C GLN A 385 -34.58 15.01 7.67
N PRO A 386 -34.90 15.83 6.66
CA PRO A 386 -36.30 16.01 6.27
C PRO A 386 -36.83 14.76 5.57
N THR A 387 -38.05 14.36 5.92
CA THR A 387 -38.73 13.22 5.29
C THR A 387 -39.47 13.69 4.04
N GLY A 388 -40.02 12.74 3.28
CA GLY A 388 -40.82 13.08 2.11
C GLY A 388 -40.04 13.77 0.99
N GLN A 389 -40.79 14.36 0.05
CA GLN A 389 -40.21 15.03 -1.12
C GLN A 389 -39.77 16.45 -0.75
N ILE A 390 -40.17 16.88 0.45
CA ILE A 390 -39.91 18.25 0.92
C ILE A 390 -38.42 18.55 1.08
N LYS A 391 -38.04 19.80 0.86
CA LYS A 391 -36.64 20.21 0.95
C LYS A 391 -36.49 21.52 1.73
N ILE A 392 -35.29 21.78 2.24
CA ILE A 392 -35.02 23.02 2.97
C ILE A 392 -34.25 24.00 2.10
N LYS A 393 -34.93 25.09 1.75
CA LYS A 393 -34.34 26.10 0.86
C LYS A 393 -33.30 26.93 1.60
N ARG A 394 -32.29 27.40 0.88
CA ARG A 394 -31.21 28.21 1.44
C ARG A 394 -31.76 29.49 2.07
N GLU A 395 -32.98 29.82 1.70
CA GLU A 395 -33.65 31.04 2.13
C GLU A 395 -34.05 30.90 3.59
N ASP A 396 -34.33 29.66 4.00
CA ASP A 396 -34.83 29.37 5.33
C ASP A 396 -33.74 28.99 6.32
N TYR A 397 -32.50 28.87 5.83
CA TYR A 397 -31.39 28.44 6.67
C TYR A 397 -31.24 29.33 7.91
N GLU A 398 -31.33 30.64 7.71
CA GLU A 398 -31.16 31.60 8.80
C GLU A 398 -32.26 31.48 9.85
N SER A 399 -33.41 30.94 9.46
CA SER A 399 -34.57 30.84 10.34
C SER A 399 -34.50 29.62 11.26
N LEU A 400 -33.81 28.57 10.81
CA LEU A 400 -33.74 27.31 11.55
C LEU A 400 -33.19 27.38 12.99
N PRO A 401 -32.18 28.25 13.26
CA PRO A 401 -31.76 28.34 14.66
C PRO A 401 -32.83 28.91 15.58
N LYS A 402 -33.65 29.82 15.09
CA LYS A 402 -34.73 30.39 15.89
C LYS A 402 -35.75 29.30 16.22
N GLU A 403 -36.05 28.48 15.22
CA GLU A 403 -37.02 27.39 15.36
C GLU A 403 -36.67 26.42 16.48
N VAL A 404 -35.40 26.00 16.55
CA VAL A 404 -34.99 25.02 17.55
C VAL A 404 -35.12 25.60 18.98
N ALA A 405 -34.80 26.88 19.11
CA ALA A 405 -34.88 27.54 20.41
C ALA A 405 -36.33 27.87 20.77
N SER A 406 -37.21 27.76 19.77
CA SER A 406 -38.62 28.07 19.95
C SER A 406 -39.44 26.82 20.25
N ALA A 407 -38.79 25.66 20.21
CA ALA A 407 -39.44 24.41 20.57
C ALA A 407 -39.75 24.39 22.07
N LYS A 408 -40.73 23.58 22.47
CA LYS A 408 -41.16 23.56 23.86
C LYS A 408 -41.19 22.13 24.40
N PRO A 409 -40.02 21.58 24.72
CA PRO A 409 -39.93 20.23 25.28
C PRO A 409 -40.57 20.19 26.67
N LYS A 410 -41.54 19.30 26.84
CA LYS A 410 -42.25 19.20 28.11
C LYS A 410 -41.41 18.49 29.15
N VAL A 411 -40.33 19.17 29.58
CA VAL A 411 -39.41 18.70 30.61
C VAL A 411 -38.98 19.94 31.39
N LEU A 412 -38.65 19.77 32.67
CA LEU A 412 -38.11 20.88 33.46
C LEU A 412 -36.66 21.13 33.06
N LEU A 413 -36.35 22.39 32.73
CA LEU A 413 -35.01 22.78 32.30
C LEU A 413 -34.46 23.92 33.15
N ASP A 414 -33.24 23.75 33.66
CA ASP A 414 -32.60 24.80 34.45
C ASP A 414 -32.46 26.07 33.62
N VAL A 415 -31.96 25.90 32.40
CA VAL A 415 -31.58 27.03 31.57
C VAL A 415 -32.58 27.27 30.44
N LYS A 416 -32.57 28.47 29.88
CA LYS A 416 -33.22 28.73 28.61
C LYS A 416 -32.17 29.11 27.58
N LEU A 417 -32.32 28.59 26.37
CA LEU A 417 -31.36 28.87 25.32
C LEU A 417 -31.97 29.83 24.29
N LYS A 418 -31.13 30.70 23.75
CA LYS A 418 -31.57 31.66 22.75
C LYS A 418 -31.20 31.14 21.36
N ALA A 419 -31.82 31.70 20.33
CA ALA A 419 -31.52 31.32 18.95
C ALA A 419 -30.03 31.47 18.70
N GLU A 420 -29.45 32.51 19.30
CA GLU A 420 -28.02 32.79 19.20
C GLU A 420 -27.12 31.66 19.72
N ASP A 421 -27.69 30.76 20.52
CA ASP A 421 -26.92 29.67 21.11
C ASP A 421 -26.78 28.45 20.20
N PHE A 422 -27.57 28.42 19.13
CA PHE A 422 -27.59 27.26 18.25
C PHE A 422 -26.96 27.52 16.88
N ILE A 423 -26.24 26.52 16.37
CA ILE A 423 -25.81 26.53 14.98
C ILE A 423 -26.55 25.42 14.24
N VAL A 424 -27.15 25.75 13.11
CA VAL A 424 -27.82 24.77 12.28
C VAL A 424 -27.13 24.70 10.92
N ASP A 425 -26.54 23.55 10.62
CA ASP A 425 -25.75 23.37 9.41
C ASP A 425 -26.42 22.35 8.51
N VAL A 426 -26.86 22.79 7.35
CA VAL A 426 -27.56 21.92 6.40
C VAL A 426 -26.65 21.62 5.21
N ILE A 427 -26.60 20.35 4.82
CA ILE A 427 -25.63 19.87 3.86
C ILE A 427 -26.31 19.07 2.75
N ASN A 428 -26.18 19.56 1.53
CA ASN A 428 -26.72 18.86 0.38
C ASN A 428 -25.78 17.78 -0.14
N MET A 429 -26.19 16.53 0.05
CA MET A 429 -25.44 15.39 -0.45
C MET A 429 -26.04 14.96 -1.76
N ASP A 430 -25.23 14.90 -2.82
CA ASP A 430 -25.74 14.49 -4.13
C ASP A 430 -24.65 13.91 -5.02
N TYR A 431 -25.07 13.42 -6.19
CA TYR A 431 -24.15 12.86 -7.17
C TYR A 431 -23.62 13.93 -8.14
N GLY A 432 -23.62 15.18 -7.69
CA GLY A 432 -22.97 16.25 -8.43
C GLY A 432 -23.81 16.93 -9.51
N MET A 433 -25.04 16.47 -9.70
CA MET A 433 -25.95 17.09 -10.67
C MET A 433 -27.32 17.30 -10.02
N GLN A 434 -27.31 17.89 -8.83
CA GLN A 434 -28.53 18.09 -8.04
C GLN A 434 -29.38 16.82 -7.91
N GLU A 435 -30.54 16.81 -8.56
N GLU A 435 -30.55 16.82 -8.57
CA GLU A 435 -31.46 15.67 -8.46
CA GLU A 435 -31.48 15.69 -8.47
C GLU A 435 -31.20 14.62 -9.53
C GLU A 435 -31.22 14.63 -9.55
N LYS A 436 -30.42 14.99 -10.55
CA LYS A 436 -30.17 14.11 -11.68
C LYS A 436 -29.23 12.94 -11.38
N ASN A 437 -29.34 11.91 -12.21
CA ASN A 437 -28.43 10.77 -12.21
C ASN A 437 -27.38 11.01 -13.28
N PRO A 438 -26.12 11.26 -12.86
CA PRO A 438 -25.07 11.62 -13.82
C PRO A 438 -24.81 10.53 -14.86
N ILE A 439 -25.14 9.28 -14.55
CA ILE A 439 -24.92 8.18 -15.47
C ILE A 439 -25.87 8.27 -16.67
N ASP A 440 -27.01 8.92 -16.47
CA ASP A 440 -27.92 9.22 -17.57
C ASP A 440 -27.26 10.14 -18.59
N HIS A 441 -26.18 10.80 -18.17
CA HIS A 441 -25.44 11.72 -19.04
C HIS A 441 -24.06 11.18 -19.44
N VAL A 442 -23.91 9.86 -19.39
CA VAL A 442 -22.70 9.19 -19.85
C VAL A 442 -22.97 8.44 -21.15
N SER A 443 -22.03 8.51 -22.08
CA SER A 443 -22.13 7.74 -23.30
C SER A 443 -21.30 6.46 -23.16
N PHE A 444 -21.82 5.36 -23.69
CA PHE A 444 -21.14 4.07 -23.61
C PHE A 444 -20.87 3.46 -24.98
N TYR A 445 -19.97 2.48 -25.02
CA TYR A 445 -19.72 1.74 -26.25
C TYR A 445 -19.59 0.24 -25.97
N CYS A 446 -19.98 -0.57 -26.95
CA CYS A 446 -19.91 -2.01 -26.84
C CYS A 446 -18.74 -2.51 -27.68
N LYS A 447 -18.17 -3.66 -27.31
CA LYS A 447 -17.01 -4.16 -28.05
C LYS A 447 -17.35 -4.67 -29.45
N THR A 448 -18.64 -4.86 -29.73
CA THR A 448 -19.08 -5.33 -31.04
C THR A 448 -19.15 -4.20 -32.07
N ALA A 449 -19.30 -2.97 -31.59
CA ALA A 449 -19.23 -1.77 -32.44
C ALA A 449 -18.79 -0.56 -31.64
N PRO A 450 -17.49 -0.47 -31.33
CA PRO A 450 -16.92 0.50 -30.40
C PRO A 450 -16.85 1.95 -30.90
N ASN A 451 -17.40 2.23 -32.08
CA ASN A 451 -17.47 3.61 -32.56
C ASN A 451 -18.87 4.17 -32.46
N ARG A 452 -19.73 3.47 -31.73
CA ARG A 452 -21.14 3.81 -31.68
C ARG A 452 -21.63 4.08 -30.26
N ALA A 453 -21.97 5.33 -29.99
CA ALA A 453 -22.46 5.73 -28.68
C ALA A 453 -23.81 5.09 -28.38
N ILE A 454 -23.98 4.61 -27.15
CA ILE A 454 -25.28 4.15 -26.68
C ILE A 454 -25.51 4.68 -25.27
N ARG A 455 -26.74 4.54 -24.79
CA ARG A 455 -27.11 4.93 -23.44
C ARG A 455 -27.40 3.69 -22.61
N ILE A 456 -27.24 3.81 -21.29
CA ILE A 456 -27.63 2.74 -20.38
C ILE A 456 -28.45 3.33 -19.23
N THR A 457 -29.63 2.76 -18.99
CA THR A 457 -30.50 3.24 -17.93
C THR A 457 -30.21 2.49 -16.64
N LYS A 458 -30.67 3.05 -15.52
CA LYS A 458 -30.43 2.45 -14.21
C LYS A 458 -31.03 1.05 -14.10
N ASN A 459 -32.21 0.86 -14.70
CA ASN A 459 -32.88 -0.44 -14.66
C ASN A 459 -32.06 -1.53 -15.35
N GLN A 460 -31.31 -1.14 -16.39
CA GLN A 460 -30.47 -2.08 -17.12
C GLN A 460 -29.27 -2.55 -16.29
N VAL A 461 -29.04 -1.92 -15.15
CA VAL A 461 -27.84 -2.19 -14.36
C VAL A 461 -28.11 -3.03 -13.11
N SER A 462 -28.79 -2.43 -12.13
CA SER A 462 -29.04 -3.11 -10.85
C SER A 462 -30.20 -2.51 -10.08
N GLN A 463 -30.89 -3.35 -9.32
CA GLN A 463 -32.02 -2.91 -8.50
C GLN A 463 -31.56 -2.44 -7.13
N LEU A 464 -30.27 -2.58 -6.87
CA LEU A 464 -29.69 -2.24 -5.57
C LEU A 464 -29.08 -0.84 -5.57
N LEU A 465 -29.23 -0.12 -6.67
CA LEU A 465 -28.69 1.23 -6.77
C LEU A 465 -29.59 2.23 -6.04
N PRO A 466 -29.09 3.46 -5.79
CA PRO A 466 -29.95 4.46 -5.14
C PRO A 466 -31.20 4.74 -5.96
N GLU A 467 -32.33 4.95 -5.30
CA GLU A 467 -33.57 5.28 -5.99
C GLU A 467 -33.63 6.80 -6.18
N LYS A 468 -32.84 7.50 -5.38
CA LYS A 468 -32.71 8.95 -5.47
C LYS A 468 -31.23 9.33 -5.53
N PHE A 469 -30.95 10.56 -5.93
CA PHE A 469 -29.57 10.98 -6.12
C PHE A 469 -29.24 12.30 -5.44
N ALA A 470 -30.04 12.65 -4.44
CA ALA A 470 -29.85 13.87 -3.67
C ALA A 470 -30.64 13.80 -2.37
N GLU A 471 -30.03 14.26 -1.28
CA GLU A 471 -30.71 14.33 0.01
C GLU A 471 -30.07 15.43 0.85
N GLN A 472 -30.69 15.76 1.97
CA GLN A 472 -30.18 16.80 2.86
C GLN A 472 -29.87 16.27 4.26
N LEU A 473 -28.82 16.81 4.87
CA LEU A 473 -28.46 16.46 6.23
C LEU A 473 -28.54 17.71 7.09
N ILE A 474 -29.18 17.60 8.25
CA ILE A 474 -29.25 18.72 9.19
C ILE A 474 -28.52 18.41 10.48
N ARG A 475 -27.42 19.14 10.72
CA ARG A 475 -26.68 19.03 11.96
C ARG A 475 -26.97 20.23 12.85
N VAL A 476 -27.08 19.97 14.15
CA VAL A 476 -27.37 21.02 15.11
C VAL A 476 -26.32 21.00 16.23
N TYR A 477 -25.80 22.19 16.50
CA TYR A 477 -24.74 22.43 17.47
C TYR A 477 -25.19 23.45 18.51
N CYS A 478 -24.60 23.41 19.69
CA CYS A 478 -24.85 24.41 20.74
C CYS A 478 -23.54 25.10 21.15
N LYS A 479 -23.54 26.42 21.13
CA LYS A 479 -22.36 27.20 21.46
C LYS A 479 -22.15 27.29 22.97
N LYS A 480 -23.16 26.85 23.72
CA LYS A 480 -23.03 26.71 25.16
C LYS A 480 -22.58 25.28 25.46
N VAL A 481 -21.44 25.16 26.14
CA VAL A 481 -20.78 23.86 26.26
C VAL A 481 -20.88 23.23 27.65
N ASP A 482 -21.43 23.97 28.60
CA ASP A 482 -21.68 23.42 29.93
C ASP A 482 -22.72 22.31 29.84
N ARG A 483 -22.73 21.42 30.82
CA ARG A 483 -23.55 20.21 30.77
C ARG A 483 -25.06 20.48 30.77
N LYS A 484 -25.50 21.42 31.61
CA LYS A 484 -26.90 21.81 31.68
C LYS A 484 -27.40 22.26 30.32
N SER A 485 -26.63 23.18 29.73
CA SER A 485 -26.94 23.74 28.42
C SER A 485 -27.01 22.66 27.36
N LEU A 486 -26.11 21.68 27.42
CA LEU A 486 -26.09 20.63 26.41
C LEU A 486 -27.31 19.73 26.55
N TYR A 487 -27.66 19.38 27.79
CA TYR A 487 -28.87 18.61 28.05
C TYR A 487 -30.08 19.33 27.47
N ALA A 488 -30.24 20.59 27.88
CA ALA A 488 -31.32 21.43 27.37
C ALA A 488 -31.36 21.46 25.84
N ALA A 489 -30.20 21.61 25.22
CA ALA A 489 -30.08 21.67 23.77
C ALA A 489 -30.56 20.37 23.13
N ARG A 490 -30.23 19.25 23.76
CA ARG A 490 -30.69 17.95 23.29
C ARG A 490 -32.20 17.87 23.36
N GLN A 491 -32.77 18.39 24.45
CA GLN A 491 -34.22 18.44 24.58
C GLN A 491 -34.90 19.27 23.47
N TYR A 492 -34.47 20.52 23.35
CA TYR A 492 -34.93 21.43 22.30
C TYR A 492 -34.85 20.78 20.93
N PHE A 493 -33.69 20.19 20.63
CA PHE A 493 -33.44 19.60 19.32
C PHE A 493 -34.34 18.42 19.01
N VAL A 494 -34.43 17.47 19.94
CA VAL A 494 -35.29 16.31 19.70
C VAL A 494 -36.76 16.75 19.56
N GLN A 495 -37.16 17.69 20.40
CA GLN A 495 -38.53 18.23 20.31
C GLN A 495 -38.78 18.90 18.96
N TRP A 496 -37.77 19.58 18.43
CA TRP A 496 -37.87 20.29 17.16
C TRP A 496 -37.95 19.29 16.01
N CYS A 497 -37.21 18.18 16.15
CA CYS A 497 -37.29 17.09 15.19
C CYS A 497 -38.69 16.50 15.17
N ALA A 498 -39.26 16.32 16.36
CA ALA A 498 -40.62 15.81 16.47
C ALA A 498 -41.64 16.75 15.84
N ASP A 499 -41.51 18.05 16.15
CA ASP A 499 -42.45 19.07 15.70
C ASP A 499 -42.55 19.20 14.18
N ARG A 500 -41.48 18.81 13.49
CA ARG A 500 -41.42 19.01 12.05
C ARG A 500 -41.44 17.69 11.29
N ASN A 501 -41.73 16.62 12.03
CA ASN A 501 -41.71 15.26 11.49
C ASN A 501 -40.39 14.92 10.82
N PHE A 502 -39.30 15.47 11.34
CA PHE A 502 -37.97 15.13 10.87
C PHE A 502 -37.62 13.71 11.32
N THR A 503 -36.57 13.14 10.75
CA THR A 503 -36.19 11.78 11.11
C THR A 503 -35.74 11.68 12.55
N LYS A 504 -36.11 10.60 13.20
CA LYS A 504 -35.72 10.32 14.57
C LYS A 504 -34.20 10.25 14.70
N PRO A 505 -33.62 11.12 15.53
CA PRO A 505 -32.17 11.09 15.77
C PRO A 505 -31.76 9.72 16.29
N GLN A 506 -30.63 9.20 15.81
CA GLN A 506 -30.21 7.84 16.14
C GLN A 506 -30.13 7.59 17.64
N ASP A 507 -29.63 8.58 18.39
CA ASP A 507 -29.51 8.47 19.84
C ASP A 507 -30.67 9.16 20.54
N GLY A 508 -31.80 9.27 19.86
CA GLY A 508 -32.98 9.96 20.38
C GLY A 508 -33.46 9.48 21.74
N ASP A 509 -33.66 8.17 21.86
CA ASP A 509 -34.13 7.57 23.10
C ASP A 509 -33.17 7.80 24.24
N VAL A 510 -31.88 7.90 23.93
CA VAL A 510 -30.83 8.03 24.93
C VAL A 510 -30.68 9.46 25.45
N ILE A 511 -30.67 10.43 24.53
CA ILE A 511 -30.45 11.82 24.90
C ILE A 511 -31.73 12.57 25.32
N ALA A 512 -32.89 12.09 24.86
CA ALA A 512 -34.16 12.72 25.22
C ALA A 512 -35.27 11.69 25.45
N PRO A 513 -35.14 10.88 26.52
CA PRO A 513 -36.07 9.78 26.79
C PRO A 513 -37.48 10.27 27.12
N LEU A 514 -37.59 11.50 27.62
CA LEU A 514 -38.88 12.07 27.96
C LEU A 514 -39.59 12.64 26.73
N ILE A 515 -38.83 12.84 25.65
CA ILE A 515 -39.36 13.50 24.46
C ILE A 515 -39.90 12.54 23.39
N THR A 516 -39.10 11.55 23.02
CA THR A 516 -39.47 10.60 21.96
C THR A 516 -40.82 9.86 22.09
N PRO A 517 -41.30 9.57 23.32
CA PRO A 517 -42.60 8.89 23.43
C PRO A 517 -43.80 9.60 22.77
N GLN A 518 -43.78 10.93 22.67
CA GLN A 518 -44.90 11.65 22.06
C GLN A 518 -45.02 11.37 20.56
N LYS A 519 -43.93 10.93 19.95
CA LYS A 519 -43.90 10.65 18.52
C LYS A 519 -44.17 9.17 18.25
N LYS A 520 -45.44 8.84 18.03
CA LYS A 520 -45.89 7.46 17.84
C LYS A 520 -45.14 6.72 16.73
N GLU A 521 -44.61 7.48 15.79
CA GLU A 521 -43.93 6.95 14.63
C GLU A 521 -42.51 6.47 14.98
N TRP A 522 -42.02 6.95 16.11
CA TRP A 522 -40.69 6.59 16.59
C TRP A 522 -40.83 5.40 17.54
N ASN A 523 -42.05 4.84 17.56
CA ASN A 523 -42.51 3.74 18.44
C ASN A 523 -43.26 4.23 19.68
N ASP B 37 -9.29 -10.76 -34.15
CA ASP B 37 -8.67 -10.91 -32.83
C ASP B 37 -7.99 -9.61 -32.38
N THR B 38 -8.11 -9.30 -31.09
CA THR B 38 -7.60 -8.04 -30.56
C THR B 38 -6.91 -8.17 -29.21
N MET B 39 -6.28 -7.07 -28.79
CA MET B 39 -5.57 -6.99 -27.52
C MET B 39 -6.45 -7.36 -26.33
N LYS B 40 -5.85 -7.92 -25.28
CA LYS B 40 -6.59 -8.18 -24.05
C LYS B 40 -5.98 -7.39 -22.90
N VAL B 41 -6.82 -6.92 -21.98
CA VAL B 41 -6.33 -6.24 -20.79
C VAL B 41 -6.38 -7.19 -19.60
N ILE B 42 -5.32 -7.22 -18.81
CA ILE B 42 -5.23 -8.09 -17.64
C ILE B 42 -4.96 -7.24 -16.39
N ASN B 43 -5.72 -7.46 -15.32
CA ASN B 43 -5.48 -6.72 -14.08
C ASN B 43 -4.53 -7.48 -13.15
N ASP B 44 -3.40 -6.86 -12.85
CA ASP B 44 -2.38 -7.48 -12.00
C ASP B 44 -2.17 -6.64 -10.74
N PRO B 45 -2.11 -7.32 -9.58
CA PRO B 45 -1.91 -6.63 -8.29
C PRO B 45 -0.65 -5.75 -8.30
N ILE B 46 0.41 -6.18 -8.97
CA ILE B 46 1.65 -5.41 -8.99
C ILE B 46 1.62 -4.24 -9.97
N HIS B 47 1.25 -4.51 -11.22
CA HIS B 47 1.37 -3.50 -12.27
C HIS B 47 0.06 -2.83 -12.69
N GLY B 48 -1.07 -3.31 -12.17
CA GLY B 48 -2.36 -2.80 -12.57
C GLY B 48 -2.79 -3.38 -13.91
N HIS B 49 -3.29 -2.53 -14.80
CA HIS B 49 -3.80 -2.99 -16.10
C HIS B 49 -2.74 -3.12 -17.18
N ILE B 50 -2.41 -4.35 -17.52
CA ILE B 50 -1.43 -4.69 -18.56
C ILE B 50 -2.15 -4.95 -19.87
N GLU B 51 -1.72 -4.28 -20.94
CA GLU B 51 -2.20 -4.59 -22.27
C GLU B 51 -1.39 -5.72 -22.89
N LEU B 52 -2.07 -6.66 -23.53
CA LEU B 52 -1.41 -7.78 -24.19
C LEU B 52 -1.82 -7.85 -25.67
N HIS B 53 -0.86 -7.57 -26.53
CA HIS B 53 -0.98 -7.70 -27.98
C HIS B 53 -1.43 -9.12 -28.35
N PRO B 54 -2.29 -9.25 -29.38
CA PRO B 54 -2.85 -10.53 -29.82
C PRO B 54 -1.83 -11.67 -30.00
N LEU B 55 -0.64 -11.35 -30.50
CA LEU B 55 0.41 -12.37 -30.68
C LEU B 55 0.82 -12.95 -29.32
N LEU B 56 1.06 -12.04 -28.37
CA LEU B 56 1.38 -12.42 -26.99
C LEU B 56 0.27 -13.28 -26.39
N VAL B 57 -0.98 -12.90 -26.63
CA VAL B 57 -2.13 -13.66 -26.15
C VAL B 57 -2.10 -15.07 -26.71
N ARG B 58 -1.81 -15.17 -28.02
CA ARG B 58 -1.71 -16.47 -28.67
C ARG B 58 -0.62 -17.33 -28.04
N ILE B 59 0.49 -16.71 -27.65
CA ILE B 59 1.57 -17.46 -27.01
C ILE B 59 1.18 -17.91 -25.60
N ILE B 60 0.53 -17.03 -24.86
CA ILE B 60 0.11 -17.29 -23.49
C ILE B 60 -0.93 -18.41 -23.39
N ASP B 61 -1.83 -18.46 -24.37
CA ASP B 61 -2.90 -19.46 -24.37
C ASP B 61 -2.46 -20.79 -25.00
N THR B 62 -1.41 -21.36 -24.44
CA THR B 62 -0.88 -22.66 -24.84
C THR B 62 -0.62 -23.48 -23.57
N PRO B 63 -0.64 -24.82 -23.67
CA PRO B 63 -0.35 -25.68 -22.51
C PRO B 63 1.05 -25.40 -21.95
N GLN B 64 1.97 -25.09 -22.85
CA GLN B 64 3.36 -24.79 -22.50
C GLN B 64 3.48 -23.58 -21.59
N PHE B 65 2.69 -22.53 -21.85
CA PHE B 65 2.73 -21.33 -21.03
C PHE B 65 1.84 -21.47 -19.79
N GLN B 66 0.61 -21.95 -20.00
CA GLN B 66 -0.34 -22.13 -18.90
C GLN B 66 0.19 -23.06 -17.81
N ARG B 67 1.06 -23.99 -18.21
CA ARG B 67 1.82 -24.83 -17.29
C ARG B 67 2.40 -24.06 -16.09
N LEU B 68 2.84 -22.83 -16.34
CA LEU B 68 3.48 -22.03 -15.28
C LEU B 68 2.56 -21.67 -14.11
N ARG B 69 1.25 -21.86 -14.27
CA ARG B 69 0.31 -21.63 -13.17
C ARG B 69 0.49 -22.65 -12.05
N TYR B 70 1.16 -23.76 -12.35
CA TYR B 70 1.22 -24.88 -11.43
C TYR B 70 2.62 -25.09 -10.85
N ILE B 71 3.40 -24.01 -10.86
CA ILE B 71 4.75 -24.01 -10.30
C ILE B 71 4.96 -22.78 -9.42
N LYS B 72 5.21 -23.02 -8.13
CA LYS B 72 5.38 -21.92 -7.17
C LYS B 72 6.67 -21.15 -7.42
N GLN B 73 6.56 -19.82 -7.46
CA GLN B 73 7.72 -18.95 -7.66
C GLN B 73 8.82 -19.21 -6.63
N LEU B 74 8.42 -19.30 -5.35
CA LEU B 74 9.37 -19.42 -4.26
C LEU B 74 9.48 -20.85 -3.69
N GLY B 75 8.82 -21.79 -4.35
CA GLY B 75 8.81 -23.19 -3.91
C GLY B 75 8.54 -23.34 -2.42
N GLY B 76 9.49 -23.99 -1.74
CA GLY B 76 9.39 -24.27 -0.31
C GLY B 76 9.12 -23.05 0.56
N GLY B 77 9.43 -21.86 0.03
CA GLY B 77 9.17 -20.63 0.75
C GLY B 77 7.71 -20.51 1.15
N TYR B 78 6.81 -21.03 0.31
CA TYR B 78 5.38 -20.99 0.60
C TYR B 78 5.04 -21.66 1.94
N TYR B 79 5.88 -22.61 2.35
CA TYR B 79 5.62 -23.35 3.57
C TYR B 79 6.20 -22.65 4.79
N VAL B 80 6.74 -21.45 4.57
CA VAL B 80 7.25 -20.62 5.65
C VAL B 80 6.56 -19.25 5.63
N PHE B 81 6.42 -18.69 4.43
CA PHE B 81 5.67 -17.45 4.22
C PHE B 81 4.35 -17.82 3.51
N PRO B 82 3.24 -17.86 4.26
CA PRO B 82 1.95 -18.27 3.70
C PRO B 82 1.41 -17.37 2.59
N GLY B 83 1.87 -16.13 2.51
CA GLY B 83 1.43 -15.24 1.46
C GLY B 83 2.06 -15.56 0.12
N ALA B 84 3.14 -16.34 0.15
CA ALA B 84 3.90 -16.65 -1.06
C ALA B 84 3.28 -17.79 -1.88
N SER B 85 2.00 -17.63 -2.23
CA SER B 85 1.28 -18.60 -3.03
C SER B 85 1.46 -18.37 -4.54
N HIS B 86 2.13 -17.28 -4.90
CA HIS B 86 2.20 -16.89 -6.32
C HIS B 86 3.01 -17.85 -7.18
N ASN B 87 2.62 -17.95 -8.45
CA ASN B 87 3.25 -18.89 -9.37
C ASN B 87 4.06 -18.21 -10.46
N ARG B 88 4.79 -19.00 -11.23
CA ARG B 88 5.66 -18.50 -12.30
C ARG B 88 4.87 -17.78 -13.40
N PHE B 89 3.60 -18.12 -13.54
CA PHE B 89 2.76 -17.57 -14.60
C PHE B 89 2.59 -16.04 -14.51
N GLU B 90 2.09 -15.59 -13.34
CA GLU B 90 1.86 -14.17 -13.13
C GLU B 90 3.17 -13.37 -13.18
N HIS B 91 4.23 -13.97 -12.66
CA HIS B 91 5.57 -13.38 -12.75
C HIS B 91 5.96 -13.18 -14.22
N SER B 92 5.74 -14.22 -15.03
CA SER B 92 6.07 -14.14 -16.45
C SER B 92 5.32 -12.99 -17.11
N LEU B 93 4.02 -12.87 -16.80
CA LEU B 93 3.23 -11.75 -17.32
C LEU B 93 3.87 -10.40 -16.93
N GLY B 94 4.26 -10.31 -15.66
CA GLY B 94 4.92 -9.10 -15.17
C GLY B 94 6.20 -8.74 -15.92
N VAL B 95 7.05 -9.75 -16.14
CA VAL B 95 8.32 -9.54 -16.84
C VAL B 95 8.09 -9.08 -18.29
N GLY B 96 7.14 -9.74 -18.98
CA GLY B 96 6.80 -9.29 -20.33
C GLY B 96 6.35 -7.83 -20.33
N TYR B 97 5.47 -7.50 -19.39
CA TYR B 97 5.01 -6.12 -19.26
C TYR B 97 6.16 -5.13 -19.08
N LEU B 98 7.04 -5.40 -18.12
CA LEU B 98 8.16 -4.49 -17.83
C LEU B 98 9.16 -4.36 -18.98
N ALA B 99 9.42 -5.47 -19.67
CA ALA B 99 10.28 -5.42 -20.85
C ALA B 99 9.68 -4.47 -21.88
N GLY B 100 8.38 -4.64 -22.10
CA GLY B 100 7.64 -3.71 -22.94
C GLY B 100 7.79 -2.26 -22.51
N CYS B 101 7.62 -2.00 -21.22
CA CYS B 101 7.77 -0.64 -20.68
C CYS B 101 9.14 -0.03 -20.96
N LEU B 102 10.20 -0.76 -20.63
CA LEU B 102 11.54 -0.20 -20.81
C LEU B 102 11.84 0.05 -22.30
N VAL B 103 11.54 -0.94 -23.16
CA VAL B 103 11.84 -0.73 -24.58
C VAL B 103 11.02 0.43 -25.18
N HIS B 104 9.76 0.54 -24.77
CA HIS B 104 8.92 1.66 -25.21
C HIS B 104 9.44 3.02 -24.75
N ALA B 105 9.83 3.12 -23.48
CA ALA B 105 10.38 4.36 -22.95
C ALA B 105 11.64 4.77 -23.71
N LEU B 106 12.56 3.81 -23.87
CA LEU B 106 13.77 4.07 -24.64
C LEU B 106 13.43 4.58 -26.04
N GLY B 107 12.47 3.94 -26.69
CA GLY B 107 12.05 4.35 -28.02
C GLY B 107 11.49 5.76 -28.07
N GLU B 108 10.68 6.12 -27.07
CA GLU B 108 10.03 7.43 -27.03
C GLU B 108 11.02 8.55 -26.74
N LYS B 109 11.95 8.31 -25.82
CA LYS B 109 12.96 9.31 -25.52
C LYS B 109 13.95 9.53 -26.69
N GLN B 110 14.29 8.45 -27.38
CA GLN B 110 15.32 8.51 -28.43
C GLN B 110 14.91 7.86 -29.76
N PRO B 111 14.18 8.62 -30.59
CA PRO B 111 13.73 8.19 -31.92
C PRO B 111 14.88 7.68 -32.80
N GLU B 112 16.09 8.23 -32.60
CA GLU B 112 17.23 7.90 -33.45
C GLU B 112 17.73 6.46 -33.31
N LEU B 113 17.26 5.77 -32.28
CA LEU B 113 17.64 4.36 -32.07
C LEU B 113 16.99 3.45 -33.10
N GLN B 114 15.90 3.94 -33.71
CA GLN B 114 15.15 3.17 -34.71
C GLN B 114 14.55 1.87 -34.15
N ILE B 115 13.93 1.96 -32.98
CA ILE B 115 13.25 0.82 -32.38
C ILE B 115 11.90 0.58 -33.05
N SER B 116 11.70 -0.62 -33.60
CA SER B 116 10.49 -0.94 -34.34
C SER B 116 9.48 -1.70 -33.48
N GLU B 117 8.24 -1.78 -33.96
CA GLU B 117 7.21 -2.56 -33.29
C GLU B 117 7.61 -4.02 -33.22
N ARG B 118 8.39 -4.43 -34.20
CA ARG B 118 8.90 -5.80 -34.27
C ARG B 118 9.87 -6.03 -33.12
N ASP B 119 10.74 -5.05 -32.88
CA ASP B 119 11.68 -5.10 -31.77
C ASP B 119 10.92 -5.19 -30.44
N VAL B 120 9.91 -4.33 -30.29
CA VAL B 120 9.12 -4.27 -29.07
C VAL B 120 8.43 -5.61 -28.81
N LEU B 121 7.85 -6.19 -29.85
CA LEU B 121 7.17 -7.47 -29.72
C LEU B 121 8.15 -8.59 -29.38
N CYS B 122 9.32 -8.58 -30.00
CA CYS B 122 10.34 -9.60 -29.71
C CYS B 122 10.84 -9.51 -28.26
N VAL B 123 11.08 -8.29 -27.79
CA VAL B 123 11.49 -8.08 -26.39
C VAL B 123 10.38 -8.50 -25.41
N GLN B 124 9.14 -8.17 -25.75
CA GLN B 124 7.99 -8.58 -24.93
C GLN B 124 7.87 -10.10 -24.85
N ILE B 125 8.03 -10.77 -26.00
CA ILE B 125 7.94 -12.22 -26.06
C ILE B 125 9.05 -12.85 -25.23
N ALA B 126 10.26 -12.33 -25.39
CA ALA B 126 11.38 -12.83 -24.60
C ALA B 126 11.12 -12.68 -23.10
N GLY B 127 10.68 -11.50 -22.68
CA GLY B 127 10.35 -11.27 -21.28
C GLY B 127 9.29 -12.24 -20.78
N LEU B 128 8.29 -12.49 -21.62
CA LEU B 128 7.16 -13.35 -21.29
C LEU B 128 7.57 -14.81 -21.15
N CYS B 129 8.54 -15.22 -21.95
CA CYS B 129 8.89 -16.63 -22.07
C CYS B 129 10.16 -17.05 -21.32
N ARG B 130 10.84 -16.10 -20.67
CA ARG B 130 12.09 -16.42 -19.98
C ARG B 130 11.93 -17.20 -18.68
N ASN B 131 10.70 -17.61 -18.37
CA ASN B 131 10.48 -18.49 -17.21
C ASN B 131 9.88 -19.85 -17.57
N LEU B 132 9.85 -20.16 -18.86
CA LEU B 132 9.24 -21.41 -19.35
C LEU B 132 10.00 -22.65 -18.90
N GLY B 133 11.28 -22.50 -18.60
CA GLY B 133 12.13 -23.64 -18.29
C GLY B 133 12.10 -24.12 -16.87
N HIS B 134 11.45 -23.38 -15.98
CA HIS B 134 11.43 -23.75 -14.56
C HIS B 134 10.72 -25.08 -14.31
N GLY B 135 11.18 -25.82 -13.31
CA GLY B 135 10.58 -27.09 -12.92
C GLY B 135 9.88 -26.99 -11.58
N PRO B 136 9.40 -28.13 -11.05
CA PRO B 136 8.63 -28.17 -9.81
C PRO B 136 9.29 -27.41 -8.66
N PHE B 137 8.52 -26.53 -8.01
CA PHE B 137 9.01 -25.71 -6.90
C PHE B 137 10.20 -24.83 -7.30
N SER B 138 10.22 -24.45 -8.58
CA SER B 138 11.22 -23.54 -9.14
C SER B 138 12.67 -23.92 -8.80
N HIS B 139 13.29 -23.15 -7.92
CA HIS B 139 14.71 -23.33 -7.66
CA HIS B 139 14.72 -23.29 -7.59
C HIS B 139 15.06 -24.60 -6.91
N MET B 140 14.05 -25.31 -6.43
CA MET B 140 14.30 -26.62 -5.86
C MET B 140 14.74 -27.57 -6.98
N PHE B 141 14.11 -27.42 -8.15
CA PHE B 141 14.38 -28.30 -9.29
C PHE B 141 15.76 -28.11 -9.91
N ASP B 142 16.12 -26.87 -10.24
CA ASP B 142 17.41 -26.64 -10.89
C ASP B 142 18.57 -26.49 -9.90
N GLY B 143 18.26 -26.07 -8.68
CA GLY B 143 19.29 -25.85 -7.68
C GLY B 143 19.64 -27.07 -6.83
N ARG B 144 18.71 -27.99 -6.68
CA ARG B 144 18.92 -29.14 -5.80
C ARG B 144 18.67 -30.49 -6.48
N PHE B 145 17.46 -30.71 -6.98
CA PHE B 145 17.09 -32.00 -7.57
C PHE B 145 17.97 -32.40 -8.75
N ILE B 146 17.90 -31.64 -9.84
CA ILE B 146 18.68 -31.95 -11.05
C ILE B 146 20.20 -32.16 -10.85
N PRO B 147 20.86 -31.27 -10.09
CA PRO B 147 22.29 -31.51 -9.86
C PRO B 147 22.59 -32.85 -9.17
N LEU B 148 21.68 -33.32 -8.33
CA LEU B 148 21.87 -34.60 -7.62
C LEU B 148 21.46 -35.81 -8.46
N ALA B 149 20.37 -35.66 -9.22
CA ALA B 149 19.80 -36.75 -9.99
C ALA B 149 20.52 -36.91 -11.32
N ARG B 150 20.97 -35.80 -11.87
CA ARG B 150 21.65 -35.80 -13.16
C ARG B 150 22.94 -34.96 -13.12
N PRO B 151 23.94 -35.41 -12.34
CA PRO B 151 25.17 -34.62 -12.18
C PRO B 151 25.95 -34.49 -13.49
N GLU B 152 25.78 -35.46 -14.39
CA GLU B 152 26.54 -35.48 -15.64
C GLU B 152 26.11 -34.39 -16.63
N VAL B 153 24.95 -33.78 -16.40
CA VAL B 153 24.46 -32.72 -17.26
C VAL B 153 24.50 -31.34 -16.57
N LYS B 154 24.73 -30.29 -17.36
CA LYS B 154 24.73 -28.92 -16.85
C LYS B 154 23.42 -28.25 -17.23
N TRP B 155 22.37 -28.54 -16.47
CA TRP B 155 21.04 -27.97 -16.71
C TRP B 155 20.93 -26.56 -16.11
N THR B 156 20.23 -25.68 -16.84
CA THR B 156 19.86 -24.35 -16.32
C THR B 156 18.44 -24.04 -16.74
N HIS B 157 17.75 -23.20 -15.98
CA HIS B 157 16.39 -22.82 -16.37
C HIS B 157 16.36 -22.03 -17.68
N GLU B 158 17.49 -21.40 -18.03
CA GLU B 158 17.59 -20.70 -19.31
C GLU B 158 17.48 -21.66 -20.51
N GLN B 159 18.26 -22.75 -20.47
CA GLN B 159 18.21 -23.77 -21.52
C GLN B 159 16.81 -24.37 -21.61
N GLY B 160 16.26 -24.67 -20.45
CA GLY B 160 14.90 -25.20 -20.36
C GLY B 160 13.93 -24.26 -21.02
N SER B 161 14.11 -22.96 -20.78
CA SER B 161 13.25 -21.94 -21.36
C SER B 161 13.36 -21.90 -22.87
N VAL B 162 14.58 -21.95 -23.42
CA VAL B 162 14.65 -21.95 -24.89
C VAL B 162 14.03 -23.22 -25.50
N MET B 163 14.29 -24.38 -24.89
CA MET B 163 13.67 -25.63 -25.35
C MET B 163 12.13 -25.57 -25.32
N MET B 164 11.59 -25.18 -24.18
CA MET B 164 10.14 -25.06 -24.03
C MET B 164 9.55 -24.05 -25.00
N PHE B 165 10.30 -22.98 -25.26
CA PHE B 165 9.87 -21.97 -26.23
C PHE B 165 9.76 -22.58 -27.63
N GLU B 166 10.79 -23.31 -28.04
CA GLU B 166 10.78 -23.98 -29.34
C GLU B 166 9.58 -24.94 -29.45
N HIS B 167 9.39 -25.75 -28.40
CA HIS B 167 8.26 -26.66 -28.33
C HIS B 167 6.92 -25.93 -28.44
N LEU B 168 6.85 -24.76 -27.80
CA LEU B 168 5.62 -23.95 -27.79
C LEU B 168 5.31 -23.44 -29.20
N ILE B 169 6.33 -22.86 -29.84
CA ILE B 169 6.16 -22.35 -31.19
C ILE B 169 5.74 -23.47 -32.15
N ASN B 170 6.45 -24.59 -32.09
CA ASN B 170 6.19 -25.69 -33.02
C ASN B 170 4.89 -26.46 -32.79
N SER B 171 4.43 -26.51 -31.54
CA SER B 171 3.21 -27.25 -31.22
C SER B 171 1.93 -26.46 -31.47
N ASN B 172 2.05 -25.15 -31.68
CA ASN B 172 0.88 -24.29 -31.76
C ASN B 172 0.86 -23.37 -32.99
N GLY B 173 1.68 -23.70 -33.99
CA GLY B 173 1.72 -22.96 -35.24
C GLY B 173 1.85 -21.46 -35.07
N ILE B 174 2.80 -21.04 -34.24
CA ILE B 174 2.96 -19.62 -33.92
C ILE B 174 3.62 -18.83 -35.05
N LYS B 175 4.52 -19.47 -35.80
CA LYS B 175 5.22 -18.81 -36.90
C LYS B 175 4.32 -18.02 -37.87
N PRO B 176 3.20 -18.62 -38.35
CA PRO B 176 2.34 -17.83 -39.23
C PRO B 176 1.69 -16.64 -38.53
N VAL B 177 1.51 -16.74 -37.22
CA VAL B 177 0.93 -15.63 -36.46
C VAL B 177 1.97 -14.49 -36.34
N MET B 178 3.21 -14.89 -36.07
CA MET B 178 4.35 -13.96 -36.04
C MET B 178 4.47 -13.23 -37.36
N GLU B 179 4.42 -13.98 -38.47
CA GLU B 179 4.48 -13.38 -39.79
C GLU B 179 3.29 -12.46 -40.02
N GLN B 180 2.12 -12.89 -39.55
CA GLN B 180 0.90 -12.10 -39.68
C GLN B 180 1.04 -10.75 -38.97
N TYR B 181 1.83 -10.72 -37.90
CA TYR B 181 2.03 -9.45 -37.18
C TYR B 181 3.36 -8.74 -37.47
N GLY B 182 3.98 -9.07 -38.60
CA GLY B 182 5.14 -8.32 -39.05
C GLY B 182 6.49 -8.87 -38.61
N LEU B 183 6.49 -9.99 -37.91
CA LEU B 183 7.75 -10.60 -37.50
C LEU B 183 8.38 -11.41 -38.62
N ILE B 184 9.69 -11.60 -38.53
CA ILE B 184 10.45 -12.44 -39.45
C ILE B 184 11.01 -13.60 -38.64
N PRO B 185 10.27 -14.72 -38.57
CA PRO B 185 10.49 -15.85 -37.67
C PRO B 185 11.91 -16.39 -37.54
N GLU B 186 12.67 -16.52 -38.62
CA GLU B 186 14.05 -16.98 -38.49
C GLU B 186 14.85 -16.05 -37.56
N GLU B 187 15.11 -14.85 -38.07
CA GLU B 187 15.78 -13.78 -37.34
C GLU B 187 15.21 -13.62 -35.94
N ASP B 188 13.90 -13.39 -35.85
CA ASP B 188 13.26 -13.02 -34.58
C ASP B 188 13.22 -14.13 -33.53
N ILE B 189 13.00 -15.37 -33.95
CA ILE B 189 13.10 -16.50 -33.03
C ILE B 189 14.52 -16.60 -32.50
N CYS B 190 15.50 -16.45 -33.41
CA CYS B 190 16.89 -16.38 -32.97
C CYS B 190 17.10 -15.30 -31.91
N PHE B 191 16.56 -14.10 -32.18
CA PHE B 191 16.67 -12.93 -31.31
C PHE B 191 16.12 -13.21 -29.92
N ILE B 192 14.91 -13.77 -29.87
CA ILE B 192 14.22 -14.08 -28.62
C ILE B 192 15.02 -15.10 -27.79
N LYS B 193 15.42 -16.18 -28.45
CA LYS B 193 16.23 -17.19 -27.76
C LYS B 193 17.54 -16.59 -27.23
N GLU B 194 18.13 -15.68 -28.01
CA GLU B 194 19.37 -15.02 -27.59
C GLU B 194 19.14 -14.14 -26.37
N GLN B 195 18.01 -13.44 -26.34
CA GLN B 195 17.64 -12.66 -25.16
C GLN B 195 17.53 -13.56 -23.95
N ILE B 196 16.97 -14.76 -24.14
CA ILE B 196 16.76 -15.66 -23.01
C ILE B 196 18.04 -16.34 -22.48
N VAL B 197 18.86 -16.87 -23.37
CA VAL B 197 19.97 -17.74 -22.95
C VAL B 197 21.35 -17.17 -23.27
N GLY B 198 21.41 -16.09 -24.06
CA GLY B 198 22.67 -15.54 -24.50
C GLY B 198 23.02 -16.04 -25.89
N PRO B 199 24.21 -15.69 -26.40
CA PRO B 199 24.62 -16.13 -27.74
C PRO B 199 24.59 -17.64 -27.87
N LEU B 200 24.00 -18.14 -28.95
CA LEU B 200 23.85 -19.58 -29.16
C LEU B 200 25.14 -20.18 -29.71
N GLU B 201 26.11 -19.32 -29.98
CA GLU B 201 27.36 -19.70 -30.64
C GLU B 201 27.11 -20.50 -31.91
N LEU B 208 34.16 -9.13 -30.53
CA LEU B 208 33.49 -9.45 -31.79
C LEU B 208 32.05 -9.88 -31.56
N TRP B 209 31.12 -9.11 -32.11
CA TRP B 209 29.68 -9.31 -31.92
C TRP B 209 29.20 -10.74 -32.14
N PRO B 210 28.82 -11.43 -31.05
CA PRO B 210 28.43 -12.84 -31.07
C PRO B 210 26.94 -13.09 -31.36
N TYR B 211 26.16 -12.03 -31.50
CA TYR B 211 24.71 -12.18 -31.72
C TYR B 211 24.32 -12.13 -33.19
N LYS B 212 23.36 -12.97 -33.57
CA LYS B 212 22.87 -13.01 -34.94
C LYS B 212 21.47 -12.41 -35.05
N GLY B 213 20.71 -12.48 -33.96
CA GLY B 213 19.34 -11.97 -33.94
C GLY B 213 19.23 -10.48 -34.23
N ARG B 214 20.17 -9.70 -33.68
CA ARG B 214 20.21 -8.26 -33.91
C ARG B 214 21.66 -7.79 -33.96
N PRO B 215 21.92 -6.72 -34.73
CA PRO B 215 23.25 -6.12 -34.87
C PRO B 215 23.69 -5.29 -33.66
N GLU B 216 24.93 -4.81 -33.70
CA GLU B 216 25.53 -4.08 -32.57
C GLU B 216 24.78 -2.78 -32.24
N ASN B 217 24.21 -2.14 -33.25
CA ASN B 217 23.49 -0.89 -33.05
C ASN B 217 22.19 -1.06 -32.26
N LYS B 218 21.81 -2.32 -32.03
CA LYS B 218 20.66 -2.65 -31.19
C LYS B 218 21.11 -3.41 -29.96
N SER B 219 22.40 -3.31 -29.62
CA SER B 219 22.97 -4.04 -28.49
C SER B 219 22.18 -3.87 -27.20
N PHE B 220 21.71 -2.65 -26.96
CA PHE B 220 20.97 -2.31 -25.75
C PHE B 220 19.73 -3.18 -25.57
N LEU B 221 19.17 -3.68 -26.67
CA LEU B 221 17.99 -4.53 -26.60
C LEU B 221 18.27 -5.81 -25.82
N TYR B 222 19.53 -6.23 -25.78
CA TYR B 222 19.91 -7.45 -25.06
C TYR B 222 20.11 -7.20 -23.57
N GLU B 223 19.97 -5.95 -23.13
CA GLU B 223 20.19 -5.64 -21.71
C GLU B 223 18.90 -5.57 -20.91
N ILE B 224 17.78 -5.90 -21.54
CA ILE B 224 16.45 -5.66 -20.98
C ILE B 224 15.85 -6.85 -20.22
N VAL B 225 15.75 -7.99 -20.90
CA VAL B 225 15.06 -9.16 -20.35
C VAL B 225 15.97 -10.00 -19.46
N SER B 226 17.18 -10.24 -19.94
CA SER B 226 18.18 -10.93 -19.12
C SER B 226 19.56 -10.31 -19.35
N ASN B 227 19.98 -9.45 -18.43
CA ASN B 227 21.21 -8.69 -18.58
C ASN B 227 22.45 -9.47 -18.15
N LYS B 228 23.18 -10.01 -19.12
CA LYS B 228 24.40 -10.77 -18.83
C LYS B 228 25.55 -9.85 -18.43
N ARG B 229 25.45 -8.58 -18.79
CA ARG B 229 26.54 -7.64 -18.57
C ARG B 229 26.69 -7.26 -17.09
N ASN B 230 25.58 -6.93 -16.43
CA ASN B 230 25.65 -6.51 -15.04
C ASN B 230 24.48 -6.96 -14.16
N GLY B 231 23.54 -7.69 -14.76
CA GLY B 231 22.43 -8.26 -14.03
C GLY B 231 21.24 -7.34 -13.80
N ILE B 232 21.34 -6.10 -14.29
CA ILE B 232 20.24 -5.16 -14.13
C ILE B 232 19.21 -5.35 -15.25
N ASP B 233 18.17 -6.12 -14.97
CA ASP B 233 17.12 -6.37 -15.95
C ASP B 233 15.72 -6.33 -15.33
N VAL B 234 14.69 -6.32 -16.17
CA VAL B 234 13.31 -6.18 -15.71
C VAL B 234 12.79 -7.38 -14.92
N ASP B 235 13.45 -8.53 -15.10
CA ASP B 235 13.08 -9.76 -14.42
C ASP B 235 13.21 -9.57 -12.90
N LYS B 236 14.37 -9.04 -12.50
CA LYS B 236 14.62 -8.66 -11.12
C LYS B 236 13.56 -7.70 -10.60
N TRP B 237 13.23 -6.67 -11.38
CA TRP B 237 12.28 -5.65 -10.95
C TRP B 237 10.92 -6.28 -10.62
N ASP B 238 10.44 -7.10 -11.56
CA ASP B 238 9.18 -7.77 -11.32
C ASP B 238 9.24 -8.63 -10.08
N TYR B 239 10.28 -9.46 -9.94
CA TYR B 239 10.27 -10.32 -8.74
C TYR B 239 10.47 -9.60 -7.41
N PHE B 240 11.21 -8.50 -7.42
CA PHE B 240 11.33 -7.65 -6.23
C PHE B 240 9.93 -7.26 -5.83
N ALA B 241 9.22 -6.60 -6.76
CA ALA B 241 7.88 -6.10 -6.43
C ALA B 241 6.88 -7.21 -6.02
N ARG B 242 6.81 -8.25 -6.83
CA ARG B 242 5.84 -9.35 -6.64
C ARG B 242 6.14 -10.17 -5.38
N ASP B 243 7.36 -10.67 -5.27
CA ASP B 243 7.77 -11.42 -4.10
C ASP B 243 7.53 -10.59 -2.86
N CYS B 244 7.91 -9.31 -2.89
CA CYS B 244 7.63 -8.48 -1.73
C CYS B 244 6.15 -8.40 -1.39
N HIS B 245 5.33 -8.17 -2.43
CA HIS B 245 3.89 -8.09 -2.26
C HIS B 245 3.33 -9.32 -1.55
N HIS B 246 3.85 -10.49 -1.93
CA HIS B 246 3.30 -11.74 -1.36
C HIS B 246 3.91 -12.18 -0.03
N LEU B 247 5.19 -11.91 0.16
CA LEU B 247 5.92 -12.34 1.35
C LEU B 247 5.51 -11.56 2.60
N GLY B 248 5.13 -10.30 2.40
CA GLY B 248 4.87 -9.42 3.54
C GLY B 248 6.15 -8.69 3.92
N ILE B 249 6.99 -8.48 2.91
CA ILE B 249 8.19 -7.66 3.02
C ILE B 249 8.03 -6.49 2.08
N GLN B 250 8.57 -5.34 2.46
CA GLN B 250 8.48 -4.14 1.66
C GLN B 250 9.68 -4.01 0.72
N ASN B 251 9.40 -3.74 -0.56
CA ASN B 251 10.47 -3.49 -1.52
C ASN B 251 10.87 -2.01 -1.54
N ASN B 252 12.16 -1.73 -1.49
CA ASN B 252 12.62 -0.36 -1.52
C ASN B 252 13.26 0.11 -2.85
N PHE B 253 13.19 -0.73 -3.89
CA PHE B 253 13.72 -0.34 -5.19
C PHE B 253 12.64 0.24 -6.10
N ASP B 254 12.95 1.36 -6.73
CA ASP B 254 12.00 2.04 -7.60
C ASP B 254 12.38 1.83 -9.06
N TYR B 255 11.83 0.79 -9.69
CA TYR B 255 12.13 0.49 -11.10
C TYR B 255 11.66 1.61 -12.04
N LYS B 256 10.52 2.23 -11.70
CA LYS B 256 9.96 3.31 -12.51
C LYS B 256 10.95 4.45 -12.66
N ARG B 257 11.50 4.89 -11.53
CA ARG B 257 12.51 5.94 -11.53
C ARG B 257 13.69 5.54 -12.42
N PHE B 258 14.15 4.30 -12.30
CA PHE B 258 15.26 3.85 -13.13
C PHE B 258 14.91 4.01 -14.60
N ILE B 259 13.72 3.54 -14.97
CA ILE B 259 13.26 3.63 -16.35
C ILE B 259 13.27 5.07 -16.85
N LYS B 260 12.78 5.99 -16.02
CA LYS B 260 12.73 7.39 -16.44
C LYS B 260 14.10 8.03 -16.62
N PHE B 261 15.11 7.52 -15.90
CA PHE B 261 16.46 8.07 -15.97
C PHE B 261 17.42 7.24 -16.83
N ALA B 262 16.90 6.29 -17.60
CA ALA B 262 17.77 5.48 -18.45
C ALA B 262 17.83 6.07 -19.86
N ARG B 263 18.99 5.94 -20.51
CA ARG B 263 19.18 6.40 -21.89
C ARG B 263 20.02 5.39 -22.64
N VAL B 264 20.17 5.55 -23.95
CA VAL B 264 21.12 4.74 -24.69
C VAL B 264 22.28 5.62 -25.14
N CYS B 265 23.50 5.19 -24.82
CA CYS B 265 24.71 5.92 -25.21
C CYS B 265 25.69 4.97 -25.87
N GLU B 266 26.59 5.51 -26.67
CA GLU B 266 27.64 4.69 -27.27
C GLU B 266 28.69 4.30 -26.25
N VAL B 267 28.97 3.01 -26.18
CA VAL B 267 30.00 2.45 -25.32
C VAL B 267 30.75 1.38 -26.09
N ASP B 268 32.03 1.63 -26.38
CA ASP B 268 32.88 0.69 -27.12
C ASP B 268 32.21 0.13 -28.37
N ASN B 269 31.72 1.02 -29.23
CA ASN B 269 31.14 0.66 -30.52
C ASN B 269 29.87 -0.20 -30.46
N GLU B 270 29.19 -0.15 -29.33
CA GLU B 270 27.82 -0.65 -29.21
C GLU B 270 26.97 0.48 -28.68
N LEU B 271 25.67 0.39 -28.89
CA LEU B 271 24.74 1.29 -28.23
C LEU B 271 24.21 0.57 -26.99
N ARG B 272 24.57 1.07 -25.81
CA ARG B 272 24.21 0.38 -24.56
C ARG B 272 23.35 1.25 -23.65
N ILE B 273 22.67 0.59 -22.72
CA ILE B 273 21.86 1.29 -21.72
C ILE B 273 22.73 1.93 -20.65
N CYS B 274 22.53 3.22 -20.45
CA CYS B 274 23.25 4.00 -19.45
C CYS B 274 22.29 4.62 -18.45
N ALA B 275 22.69 4.62 -17.18
CA ALA B 275 21.87 5.24 -16.13
C ALA B 275 22.43 6.61 -15.80
N ARG B 276 21.57 7.53 -15.37
CA ARG B 276 22.03 8.84 -14.95
C ARG B 276 22.98 8.68 -13.76
N ASP B 277 24.06 9.47 -13.72
CA ASP B 277 25.10 9.33 -12.69
C ASP B 277 24.58 9.25 -11.26
N LYS B 278 23.71 10.20 -10.89
CA LYS B 278 23.22 10.31 -9.52
C LYS B 278 22.37 9.12 -9.05
N GLU B 279 22.07 8.20 -9.97
CA GLU B 279 21.32 6.99 -9.63
C GLU B 279 22.24 5.90 -9.11
N VAL B 280 23.55 6.14 -9.16
CA VAL B 280 24.52 5.11 -8.76
C VAL B 280 24.22 4.52 -7.36
N GLY B 281 23.97 5.38 -6.38
CA GLY B 281 23.57 4.94 -5.05
C GLY B 281 22.43 3.95 -5.12
N ASN B 282 21.37 4.35 -5.82
CA ASN B 282 20.20 3.51 -5.98
C ASN B 282 20.57 2.16 -6.61
N LEU B 283 21.48 2.19 -7.57
CA LEU B 283 21.92 0.94 -8.20
C LEU B 283 22.55 0.03 -7.16
N TYR B 284 23.43 0.58 -6.33
CA TYR B 284 24.05 -0.25 -5.31
C TYR B 284 22.92 -0.81 -4.45
N ASP B 285 21.96 0.06 -4.14
CA ASP B 285 20.89 -0.34 -3.24
C ASP B 285 20.07 -1.46 -3.86
N MET B 286 19.94 -1.44 -5.19
CA MET B 286 19.17 -2.49 -5.86
C MET B 286 19.77 -3.84 -5.45
N PHE B 287 21.09 -3.96 -5.56
CA PHE B 287 21.70 -5.25 -5.27
C PHE B 287 21.58 -5.54 -3.79
N HIS B 288 21.66 -4.48 -2.98
CA HIS B 288 21.54 -4.67 -1.53
C HIS B 288 20.17 -5.29 -1.30
N THR B 289 19.16 -4.75 -1.98
CA THR B 289 17.81 -5.25 -1.83
C THR B 289 17.77 -6.75 -2.15
N ARG B 290 18.41 -7.12 -3.26
CA ARG B 290 18.40 -8.51 -3.69
C ARG B 290 18.98 -9.36 -2.57
N ASN B 291 20.11 -8.90 -2.04
CA ASN B 291 20.80 -9.65 -1.00
C ASN B 291 19.84 -9.84 0.18
N SER B 292 19.14 -8.76 0.54
CA SER B 292 18.26 -8.80 1.70
C SER B 292 17.15 -9.80 1.46
N LEU B 293 16.63 -9.82 0.23
CA LEU B 293 15.51 -10.71 -0.06
C LEU B 293 16.00 -12.15 0.07
N HIS B 294 17.27 -12.38 -0.24
CA HIS B 294 17.83 -13.72 -0.12
C HIS B 294 17.99 -14.06 1.36
N ARG B 295 18.42 -13.09 2.18
CA ARG B 295 18.69 -13.44 3.58
C ARG B 295 17.42 -13.68 4.37
N ARG B 296 16.41 -12.88 4.12
CA ARG B 296 15.13 -12.99 4.84
C ARG B 296 14.24 -14.13 4.34
N ALA B 297 14.12 -14.27 3.02
CA ALA B 297 13.14 -15.21 2.45
C ALA B 297 13.72 -16.38 1.64
N TYR B 298 14.35 -16.09 0.51
CA TYR B 298 14.78 -17.14 -0.44
C TYR B 298 15.73 -18.17 0.18
N GLN B 299 16.56 -17.74 1.13
CA GLN B 299 17.50 -18.64 1.79
C GLN B 299 17.13 -18.92 3.24
N HIS B 300 15.86 -18.67 3.59
CA HIS B 300 15.37 -18.98 4.93
C HIS B 300 15.74 -20.42 5.30
N LYS B 301 16.28 -20.61 6.49
CA LYS B 301 16.77 -21.92 6.96
C LYS B 301 15.74 -23.03 6.77
N VAL B 302 14.51 -22.75 7.21
CA VAL B 302 13.42 -23.72 7.16
C VAL B 302 12.90 -23.91 5.74
N GLY B 303 12.81 -22.81 4.99
CA GLY B 303 12.45 -22.91 3.59
C GLY B 303 13.43 -23.81 2.84
N ASN B 304 14.71 -23.61 3.11
CA ASN B 304 15.76 -24.40 2.46
C ASN B 304 15.65 -25.87 2.86
N ILE B 305 15.45 -26.13 4.15
CA ILE B 305 15.35 -27.52 4.57
C ILE B 305 14.11 -28.22 3.97
N ILE B 306 13.00 -27.49 3.85
CA ILE B 306 11.81 -28.03 3.20
C ILE B 306 12.07 -28.36 1.72
N ASP B 307 12.73 -27.43 1.00
CA ASP B 307 13.19 -27.76 -0.35
C ASP B 307 14.03 -29.04 -0.36
N THR B 308 14.91 -29.17 0.63
CA THR B 308 15.79 -30.34 0.72
C THR B 308 15.00 -31.64 0.90
N MET B 309 14.00 -31.62 1.77
CA MET B 309 13.18 -32.81 2.03
C MET B 309 12.34 -33.18 0.83
N ILE B 310 11.79 -32.17 0.15
CA ILE B 310 11.05 -32.43 -1.08
C ILE B 310 11.97 -33.04 -2.13
N THR B 311 13.20 -32.54 -2.22
CA THR B 311 14.19 -33.12 -3.14
C THR B 311 14.48 -34.58 -2.80
N ASP B 312 14.65 -34.86 -1.52
CA ASP B 312 14.86 -36.23 -1.05
C ASP B 312 13.72 -37.14 -1.48
N ALA B 313 12.49 -36.66 -1.28
CA ALA B 313 11.29 -37.40 -1.67
C ALA B 313 11.23 -37.67 -3.17
N PHE B 314 11.58 -36.66 -3.97
CA PHE B 314 11.61 -36.82 -5.43
C PHE B 314 12.65 -37.85 -5.85
N LEU B 315 13.82 -37.78 -5.24
CA LEU B 315 14.89 -38.75 -5.52
C LEU B 315 14.45 -40.16 -5.18
N LYS B 316 13.76 -40.32 -4.06
CA LYS B 316 13.26 -41.63 -3.66
C LYS B 316 12.04 -42.10 -4.47
N ALA B 317 11.40 -41.16 -5.18
CA ALA B 317 10.25 -41.50 -6.02
C ALA B 317 10.61 -41.63 -7.51
N ASP B 318 11.82 -41.23 -7.88
CA ASP B 318 12.19 -41.09 -9.30
C ASP B 318 12.07 -42.36 -10.14
N ASP B 319 12.17 -43.52 -9.49
CA ASP B 319 12.11 -44.78 -10.21
C ASP B 319 10.67 -45.23 -10.52
N TYR B 320 9.71 -44.65 -9.82
CA TYR B 320 8.35 -45.18 -9.81
C TYR B 320 7.30 -44.27 -10.44
N ILE B 321 7.53 -42.96 -10.40
CA ILE B 321 6.64 -42.03 -11.09
C ILE B 321 6.91 -42.10 -12.58
N GLU B 322 5.84 -42.13 -13.38
CA GLU B 322 5.98 -42.10 -14.82
C GLU B 322 5.33 -40.84 -15.36
N ILE B 323 6.03 -40.16 -16.26
CA ILE B 323 5.43 -39.06 -17.01
C ILE B 323 5.39 -39.42 -18.48
N THR B 324 4.20 -39.39 -19.07
CA THR B 324 4.01 -39.87 -20.43
C THR B 324 4.21 -38.75 -21.45
N GLY B 325 5.30 -38.82 -22.20
CA GLY B 325 5.64 -37.79 -23.17
C GLY B 325 5.29 -38.18 -24.60
N ALA B 326 6.02 -37.61 -25.55
CA ALA B 326 5.75 -37.80 -26.98
C ALA B 326 5.77 -39.26 -27.41
N GLY B 327 4.84 -39.62 -28.29
CA GLY B 327 4.74 -40.98 -28.79
C GLY B 327 4.48 -42.01 -27.69
N GLY B 328 3.93 -41.55 -26.57
CA GLY B 328 3.57 -42.44 -25.48
C GLY B 328 4.75 -43.01 -24.70
N LYS B 329 5.96 -42.56 -25.02
CA LYS B 329 7.14 -42.96 -24.28
C LYS B 329 7.03 -42.54 -22.81
N LYS B 330 7.70 -43.27 -21.93
CA LYS B 330 7.60 -43.00 -20.50
C LYS B 330 8.89 -42.41 -19.95
N TYR B 331 8.76 -41.36 -19.14
CA TYR B 331 9.91 -40.68 -18.56
C TYR B 331 9.82 -40.62 -17.04
N ARG B 332 10.96 -40.43 -16.40
CA ARG B 332 11.00 -40.23 -14.96
C ARG B 332 11.01 -38.73 -14.69
N ILE B 333 10.97 -38.36 -13.42
CA ILE B 333 11.07 -36.96 -13.01
C ILE B 333 12.41 -36.40 -13.46
N SER B 334 13.45 -37.25 -13.37
CA SER B 334 14.82 -36.85 -13.70
C SER B 334 15.10 -36.81 -15.20
N THR B 335 14.22 -37.40 -15.99
CA THR B 335 14.43 -37.50 -17.45
C THR B 335 13.43 -36.69 -18.25
N ALA B 336 12.44 -36.12 -17.57
CA ALA B 336 11.41 -35.32 -18.25
C ALA B 336 12.01 -34.11 -18.96
N ILE B 337 13.18 -33.66 -18.50
CA ILE B 337 13.91 -32.58 -19.15
C ILE B 337 14.36 -32.94 -20.56
N ASP B 338 14.36 -34.24 -20.89
CA ASP B 338 14.81 -34.71 -22.21
C ASP B 338 13.69 -34.72 -23.25
N ASP B 339 12.46 -34.51 -22.80
CA ASP B 339 11.31 -34.49 -23.69
C ASP B 339 10.34 -33.40 -23.28
N MET B 340 10.18 -32.40 -24.15
CA MET B 340 9.39 -31.23 -23.81
C MET B 340 7.90 -31.53 -23.61
N GLU B 341 7.39 -32.57 -24.26
CA GLU B 341 6.01 -32.98 -24.05
C GLU B 341 5.82 -33.52 -22.62
N ALA B 342 6.81 -34.26 -22.16
CA ALA B 342 6.81 -34.76 -20.79
C ALA B 342 7.00 -33.62 -19.81
N TYR B 343 8.01 -32.78 -20.08
CA TYR B 343 8.34 -31.65 -19.22
C TYR B 343 7.15 -30.71 -19.06
N THR B 344 6.35 -30.56 -20.11
CA THR B 344 5.12 -29.77 -20.09
C THR B 344 4.19 -30.25 -18.97
N LYS B 345 4.24 -31.54 -18.66
CA LYS B 345 3.39 -32.13 -17.64
C LYS B 345 4.09 -32.25 -16.29
N LEU B 346 5.29 -31.70 -16.18
CA LEU B 346 6.06 -31.80 -14.94
C LEU B 346 5.95 -30.52 -14.10
N THR B 347 5.01 -30.52 -13.16
CA THR B 347 4.77 -29.36 -12.30
C THR B 347 4.76 -29.74 -10.83
N ASP B 348 4.30 -28.83 -9.97
CA ASP B 348 4.20 -29.07 -8.54
C ASP B 348 3.27 -30.26 -8.23
N ASN B 349 2.41 -30.57 -9.19
CA ASN B 349 1.51 -31.72 -9.12
C ASN B 349 2.20 -32.98 -8.62
N ILE B 350 3.45 -33.19 -9.07
CA ILE B 350 4.26 -34.33 -8.65
C ILE B 350 4.21 -34.53 -7.13
N PHE B 351 4.43 -33.46 -6.39
CA PHE B 351 4.37 -33.47 -4.92
C PHE B 351 3.11 -34.21 -4.50
N LEU B 352 1.97 -33.70 -4.95
CA LEU B 352 0.69 -34.27 -4.55
C LEU B 352 0.58 -35.72 -5.03
N GLU B 353 1.08 -35.99 -6.24
CA GLU B 353 1.01 -37.34 -6.79
C GLU B 353 1.74 -38.29 -5.85
N ILE B 354 2.83 -37.81 -5.24
CA ILE B 354 3.55 -38.66 -4.30
C ILE B 354 2.78 -38.75 -3.00
N LEU B 355 2.19 -37.63 -2.57
CA LEU B 355 1.51 -37.59 -1.28
C LEU B 355 0.25 -38.45 -1.26
N TYR B 356 -0.46 -38.47 -2.39
CA TYR B 356 -1.74 -39.16 -2.49
C TYR B 356 -1.62 -40.62 -2.94
N SER B 357 -0.39 -41.07 -3.18
CA SER B 357 -0.17 -42.40 -3.76
C SER B 357 -0.55 -43.56 -2.82
N THR B 358 -0.77 -44.73 -3.40
CA THR B 358 -1.06 -45.95 -2.63
C THR B 358 0.03 -47.01 -2.85
N ASP B 359 0.62 -46.96 -4.04
CA ASP B 359 1.75 -47.82 -4.43
C ASP B 359 2.78 -48.00 -3.32
N PRO B 360 3.01 -49.25 -2.89
CA PRO B 360 3.96 -49.54 -1.81
C PRO B 360 5.38 -49.09 -2.16
N LYS B 361 5.75 -49.18 -3.43
CA LYS B 361 7.07 -48.73 -3.89
C LYS B 361 7.33 -47.26 -3.54
N LEU B 362 6.26 -46.49 -3.41
CA LEU B 362 6.36 -45.06 -3.15
C LEU B 362 6.36 -44.73 -1.67
N LYS B 363 6.19 -45.77 -0.84
CA LYS B 363 6.11 -45.59 0.62
C LYS B 363 7.14 -44.58 1.14
N ASP B 364 8.41 -44.92 0.95
CA ASP B 364 9.51 -44.09 1.45
C ASP B 364 9.42 -42.64 0.99
N ALA B 365 9.01 -42.41 -0.25
CA ALA B 365 8.89 -41.04 -0.74
C ALA B 365 7.75 -40.39 0.05
N ARG B 366 6.60 -41.06 0.03
CA ARG B 366 5.37 -40.56 0.63
C ARG B 366 5.62 -40.13 2.07
N GLU B 367 6.20 -41.04 2.84
CA GLU B 367 6.51 -40.77 4.23
C GLU B 367 7.23 -39.45 4.43
N ILE B 368 8.25 -39.17 3.62
CA ILE B 368 9.00 -37.93 3.80
C ILE B 368 8.05 -36.74 3.66
N LEU B 369 7.24 -36.76 2.61
CA LEU B 369 6.28 -35.68 2.39
C LEU B 369 5.34 -35.60 3.58
N LYS B 370 4.94 -36.76 4.11
CA LYS B 370 4.02 -36.75 5.24
C LYS B 370 4.70 -36.09 6.44
N GLN B 371 5.99 -36.36 6.61
CA GLN B 371 6.74 -35.73 7.69
C GLN B 371 6.76 -34.20 7.54
N ILE B 372 6.66 -33.71 6.30
CA ILE B 372 6.58 -32.28 6.08
C ILE B 372 5.24 -31.77 6.59
N GLU B 373 4.17 -32.51 6.31
CA GLU B 373 2.83 -32.08 6.71
C GLU B 373 2.67 -32.05 8.23
N TYR B 374 3.32 -32.98 8.92
CA TYR B 374 3.26 -33.05 10.37
C TYR B 374 4.26 -32.08 11.00
N ARG B 375 5.01 -31.38 10.14
CA ARG B 375 6.03 -30.44 10.58
C ARG B 375 7.10 -31.16 11.41
N ASN B 376 7.37 -32.40 11.07
CA ASN B 376 8.50 -33.13 11.64
C ASN B 376 9.71 -32.98 10.72
N LEU B 377 10.32 -31.80 10.75
CA LEU B 377 11.39 -31.47 9.82
C LEU B 377 12.75 -31.70 10.45
N PHE B 378 13.77 -31.81 9.61
CA PHE B 378 15.16 -31.90 10.07
C PHE B 378 15.46 -30.67 10.92
N LYS B 379 16.27 -30.85 11.97
CA LYS B 379 16.49 -29.77 12.91
C LYS B 379 17.67 -28.89 12.53
N TYR B 380 17.43 -27.58 12.51
CA TYR B 380 18.48 -26.61 12.21
C TYR B 380 19.47 -26.58 13.39
N VAL B 381 20.74 -26.84 13.09
CA VAL B 381 21.77 -26.86 14.13
C VAL B 381 22.48 -25.52 14.23
N GLY B 382 22.85 -24.93 13.09
CA GLY B 382 23.45 -23.61 13.14
C GLY B 382 24.02 -23.06 11.85
N GLU B 383 24.52 -21.83 11.91
CA GLU B 383 25.14 -21.19 10.74
C GLU B 383 26.55 -20.72 11.06
N THR B 384 27.45 -20.84 10.07
CA THR B 384 28.82 -20.33 10.21
C THR B 384 29.33 -19.82 8.88
N GLN B 385 30.49 -19.16 8.90
CA GLN B 385 31.14 -18.70 7.67
C GLN B 385 32.62 -19.01 7.68
N PRO B 386 33.22 -19.17 6.49
CA PRO B 386 34.67 -19.26 6.35
C PRO B 386 35.33 -17.92 6.67
N THR B 387 36.56 -17.97 7.18
CA THR B 387 37.35 -16.76 7.42
C THR B 387 38.52 -16.72 6.44
N GLY B 388 39.43 -15.78 6.62
CA GLY B 388 40.56 -15.64 5.72
C GLY B 388 40.13 -15.46 4.27
N GLN B 389 40.83 -16.11 3.35
CA GLN B 389 40.45 -16.08 1.95
C GLN B 389 39.79 -17.39 1.54
N ILE B 390 39.67 -18.30 2.50
CA ILE B 390 39.14 -19.65 2.28
C ILE B 390 37.79 -19.67 1.55
N LYS B 391 37.69 -20.52 0.53
CA LYS B 391 36.43 -20.75 -0.18
C LYS B 391 36.12 -22.24 -0.28
N ILE B 392 34.86 -22.59 -0.08
CA ILE B 392 34.42 -23.98 -0.21
C ILE B 392 33.85 -24.25 -1.61
N LYS B 393 34.42 -25.24 -2.28
CA LYS B 393 34.06 -25.51 -3.68
C LYS B 393 33.09 -26.69 -3.79
N ARG B 394 32.38 -26.76 -4.91
CA ARG B 394 31.27 -27.69 -5.10
C ARG B 394 31.66 -29.16 -4.97
N GLU B 395 32.87 -29.48 -5.42
CA GLU B 395 33.39 -30.84 -5.33
C GLU B 395 33.58 -31.27 -3.87
N ASP B 396 33.75 -30.30 -2.98
CA ASP B 396 34.07 -30.58 -1.59
C ASP B 396 32.84 -30.56 -0.69
N TYR B 397 31.67 -30.33 -1.28
CA TYR B 397 30.41 -30.31 -0.53
C TYR B 397 30.18 -31.65 0.18
N GLU B 398 30.33 -32.73 -0.57
CA GLU B 398 30.08 -34.09 -0.07
C GLU B 398 30.90 -34.44 1.15
N SER B 399 32.06 -33.80 1.30
CA SER B 399 33.00 -34.14 2.38
C SER B 399 32.59 -33.51 3.71
N LEU B 400 31.67 -32.56 3.67
CA LEU B 400 31.32 -31.77 4.85
C LEU B 400 30.55 -32.51 5.96
N PRO B 401 29.51 -33.29 5.61
CA PRO B 401 28.83 -34.04 6.68
C PRO B 401 29.79 -34.97 7.42
N LYS B 402 30.68 -35.64 6.68
CA LYS B 402 31.68 -36.52 7.28
C LYS B 402 32.61 -35.77 8.21
N GLU B 403 33.09 -34.60 7.76
CA GLU B 403 33.94 -33.76 8.58
C GLU B 403 33.27 -33.40 9.92
N VAL B 404 31.98 -33.10 9.86
CA VAL B 404 31.24 -32.70 11.05
C VAL B 404 31.16 -33.82 12.10
N ALA B 405 30.81 -35.02 11.65
CA ALA B 405 30.70 -36.16 12.55
C ALA B 405 32.07 -36.61 13.07
N SER B 406 33.12 -36.36 12.29
CA SER B 406 34.49 -36.71 12.66
C SER B 406 35.09 -35.72 13.66
N ALA B 407 34.32 -34.70 14.02
CA ALA B 407 34.75 -33.76 15.05
C ALA B 407 34.68 -34.42 16.43
N LYS B 408 35.65 -34.11 17.28
CA LYS B 408 35.67 -34.68 18.63
C LYS B 408 35.51 -33.59 19.68
N PRO B 409 34.26 -33.23 20.00
CA PRO B 409 34.03 -32.27 21.08
C PRO B 409 34.41 -32.92 22.41
N LYS B 410 35.12 -32.18 23.27
CA LYS B 410 35.58 -32.72 24.54
C LYS B 410 34.49 -32.61 25.60
N VAL B 411 33.35 -33.24 25.34
CA VAL B 411 32.17 -33.11 26.20
C VAL B 411 31.50 -34.46 26.39
N LEU B 412 30.88 -34.65 27.56
CA LEU B 412 30.03 -35.81 27.80
C LEU B 412 28.90 -35.86 26.77
N LEU B 413 28.88 -36.93 25.98
CA LEU B 413 27.80 -37.17 25.03
C LEU B 413 27.09 -38.47 25.37
N ASP B 414 25.81 -38.55 25.01
CA ASP B 414 25.02 -39.75 25.30
C ASP B 414 24.79 -40.57 24.04
N VAL B 415 24.40 -39.89 22.96
CA VAL B 415 24.22 -40.52 21.66
C VAL B 415 25.50 -40.29 20.85
N LYS B 416 25.69 -41.07 19.79
CA LYS B 416 26.77 -40.82 18.84
C LYS B 416 26.18 -40.65 17.45
N LEU B 417 26.59 -39.59 16.75
CA LEU B 417 25.99 -39.27 15.45
C LEU B 417 26.90 -39.63 14.28
N LYS B 418 26.27 -40.03 13.17
CA LYS B 418 27.01 -40.42 11.97
C LYS B 418 26.93 -39.34 10.89
N ALA B 419 27.71 -39.52 9.83
CA ALA B 419 27.77 -38.55 8.74
C ALA B 419 26.40 -38.38 8.07
N GLU B 420 25.68 -39.48 7.92
CA GLU B 420 24.37 -39.48 7.25
C GLU B 420 23.28 -38.81 8.10
N ASP B 421 23.61 -38.50 9.35
CA ASP B 421 22.67 -37.79 10.23
C ASP B 421 22.75 -36.29 9.98
N PHE B 422 23.80 -35.87 9.28
CA PHE B 422 24.09 -34.46 9.11
C PHE B 422 23.80 -33.94 7.70
N ILE B 423 23.26 -32.72 7.63
CA ILE B 423 23.13 -32.05 6.35
C ILE B 423 23.89 -30.73 6.38
N VAL B 424 24.78 -30.55 5.40
CA VAL B 424 25.55 -29.31 5.30
C VAL B 424 25.15 -28.57 4.03
N ASP B 425 24.49 -27.44 4.21
CA ASP B 425 24.00 -26.65 3.09
C ASP B 425 24.84 -25.39 2.96
N VAL B 426 25.53 -25.25 1.84
CA VAL B 426 26.42 -24.12 1.62
C VAL B 426 25.82 -23.19 0.58
N ILE B 427 25.82 -21.90 0.88
CA ILE B 427 25.08 -20.91 0.10
C ILE B 427 25.97 -19.76 -0.32
N ASN B 428 26.08 -19.57 -1.63
CA ASN B 428 26.88 -18.48 -2.18
C ASN B 428 26.08 -17.21 -2.37
N MET B 429 26.32 -16.24 -1.49
CA MET B 429 25.63 -14.96 -1.52
C MET B 429 26.52 -13.92 -2.20
N ASP B 430 26.04 -13.37 -3.31
CA ASP B 430 26.85 -12.37 -4.02
C ASP B 430 26.00 -11.35 -4.79
N TYR B 431 26.68 -10.44 -5.49
CA TYR B 431 25.98 -9.41 -6.27
C TYR B 431 25.79 -9.84 -7.72
N GLY B 432 25.76 -11.15 -7.96
CA GLY B 432 25.36 -11.69 -9.25
C GLY B 432 26.48 -11.88 -10.25
N MET B 433 27.70 -11.53 -9.87
CA MET B 433 28.84 -11.69 -10.76
C MET B 433 30.02 -12.25 -9.99
N GLN B 434 29.75 -13.24 -9.16
CA GLN B 434 30.76 -13.86 -8.31
C GLN B 434 31.47 -12.81 -7.45
N GLU B 435 32.77 -12.67 -7.61
CA GLU B 435 33.53 -11.73 -6.78
C GLU B 435 33.46 -10.28 -7.25
N LYS B 436 32.99 -10.08 -8.48
CA LYS B 436 32.98 -8.75 -9.11
C LYS B 436 31.88 -7.79 -8.59
N ASN B 437 32.22 -6.51 -8.57
CA ASN B 437 31.25 -5.45 -8.31
C ASN B 437 30.56 -5.11 -9.62
N PRO B 438 29.25 -5.42 -9.72
CA PRO B 438 28.53 -5.23 -10.99
C PRO B 438 28.40 -3.76 -11.41
N ILE B 439 28.51 -2.82 -10.46
CA ILE B 439 28.38 -1.41 -10.80
C ILE B 439 29.62 -0.93 -11.58
N ASP B 440 30.72 -1.69 -11.47
CA ASP B 440 31.88 -1.45 -12.31
C ASP B 440 31.61 -1.83 -13.77
N HIS B 441 30.47 -2.46 -14.02
CA HIS B 441 30.03 -2.79 -15.37
C HIS B 441 28.75 -2.05 -15.78
N VAL B 442 28.53 -0.90 -15.14
CA VAL B 442 27.42 -0.03 -15.51
C VAL B 442 27.96 1.25 -16.15
N SER B 443 27.31 1.68 -17.24
CA SER B 443 27.65 2.94 -17.87
C SER B 443 26.70 4.03 -17.36
N PHE B 444 27.26 5.21 -17.08
CA PHE B 444 26.45 6.33 -16.61
C PHE B 444 26.47 7.49 -17.60
N TYR B 445 25.55 8.43 -17.44
CA TYR B 445 25.64 9.67 -18.19
C TYR B 445 25.40 10.85 -17.27
N CYS B 446 25.92 12.01 -17.64
CA CYS B 446 25.73 13.21 -16.84
C CYS B 446 24.76 14.18 -17.49
N LYS B 447 24.13 14.98 -16.64
CA LYS B 447 23.15 15.99 -17.02
C LYS B 447 23.64 16.90 -18.16
N THR B 448 24.89 17.33 -18.07
CA THR B 448 25.43 18.32 -19.02
C THR B 448 25.89 17.73 -20.36
N ALA B 449 26.04 16.41 -20.42
CA ALA B 449 26.34 15.73 -21.69
C ALA B 449 25.65 14.38 -21.76
N PRO B 450 24.33 14.37 -21.98
CA PRO B 450 23.45 13.19 -21.95
C PRO B 450 23.91 12.04 -22.84
N ASN B 451 24.72 12.34 -23.86
CA ASN B 451 25.13 11.32 -24.82
C ASN B 451 26.54 10.77 -24.58
N ARG B 452 27.20 11.28 -23.56
CA ARG B 452 28.55 10.84 -23.23
C ARG B 452 28.56 9.86 -22.04
N ALA B 453 28.96 8.62 -22.31
CA ALA B 453 29.00 7.59 -21.27
C ALA B 453 30.24 7.72 -20.40
N ILE B 454 30.08 7.53 -19.09
CA ILE B 454 31.18 7.57 -18.15
C ILE B 454 31.12 6.39 -17.20
N ARG B 455 32.17 6.26 -16.38
CA ARG B 455 32.26 5.21 -15.38
C ARG B 455 32.34 5.85 -14.00
N ILE B 456 31.83 5.14 -13.00
CA ILE B 456 31.87 5.62 -11.63
C ILE B 456 32.44 4.50 -10.75
N THR B 457 33.51 4.80 -10.00
CA THR B 457 34.13 3.80 -9.12
C THR B 457 33.51 3.85 -7.73
N LYS B 458 33.77 2.82 -6.92
CA LYS B 458 33.12 2.70 -5.61
C LYS B 458 33.57 3.79 -4.63
N ASN B 459 34.83 4.21 -4.73
CA ASN B 459 35.33 5.27 -3.86
C ASN B 459 34.67 6.61 -4.16
N GLN B 460 34.13 6.74 -5.37
CA GLN B 460 33.44 7.96 -5.80
C GLN B 460 32.02 8.06 -5.25
N VAL B 461 31.59 7.07 -4.48
CA VAL B 461 30.20 7.01 -4.04
C VAL B 461 30.02 7.08 -2.52
N SER B 462 30.60 6.13 -1.82
CA SER B 462 30.41 6.02 -0.38
C SER B 462 31.39 5.01 0.22
N GLN B 463 32.02 5.38 1.34
CA GLN B 463 32.93 4.49 2.06
C GLN B 463 32.17 3.49 2.93
N LEU B 464 30.86 3.62 2.95
CA LEU B 464 30.01 2.74 3.78
C LEU B 464 29.44 1.57 2.97
N LEU B 465 29.88 1.45 1.72
CA LEU B 465 29.45 0.36 0.84
C LEU B 465 30.25 -0.91 1.16
N PRO B 466 29.80 -2.08 0.66
CA PRO B 466 30.56 -3.32 0.93
C PRO B 466 31.99 -3.28 0.38
N GLU B 467 32.94 -3.85 1.10
CA GLU B 467 34.31 -3.96 0.60
C GLU B 467 34.44 -5.21 -0.26
N LYS B 468 33.51 -6.13 -0.03
CA LYS B 468 33.51 -7.44 -0.69
C LYS B 468 32.14 -7.68 -1.30
N PHE B 469 32.08 -8.46 -2.38
CA PHE B 469 30.82 -8.66 -3.09
C PHE B 469 30.37 -10.14 -3.21
N ALA B 470 31.00 -11.00 -2.42
CA ALA B 470 30.61 -12.41 -2.37
C ALA B 470 31.01 -12.99 -1.02
N GLU B 471 30.21 -13.93 -0.54
CA GLU B 471 30.56 -14.66 0.68
C GLU B 471 29.78 -15.98 0.70
N GLN B 472 30.16 -16.86 1.62
CA GLN B 472 29.50 -18.14 1.75
C GLN B 472 28.87 -18.27 3.14
N LEU B 473 27.68 -18.85 3.18
CA LEU B 473 27.06 -19.18 4.47
C LEU B 473 26.94 -20.70 4.54
N ILE B 474 27.27 -21.27 5.70
CA ILE B 474 27.17 -22.70 5.89
C ILE B 474 26.14 -23.03 6.97
N ARG B 475 25.02 -23.61 6.57
CA ARG B 475 24.01 -24.05 7.53
C ARG B 475 24.20 -25.55 7.77
N VAL B 476 24.10 -25.95 9.02
CA VAL B 476 24.18 -27.36 9.38
C VAL B 476 22.88 -27.76 10.06
N TYR B 477 22.31 -28.86 9.57
CA TYR B 477 21.09 -29.46 10.10
C TYR B 477 21.36 -30.88 10.58
N CYS B 478 20.49 -31.39 11.44
CA CYS B 478 20.58 -32.78 11.92
C CYS B 478 19.30 -33.57 11.62
N LYS B 479 19.46 -34.76 11.06
CA LYS B 479 18.32 -35.59 10.68
C LYS B 479 17.66 -36.31 11.86
N LYS B 480 18.35 -36.33 13.01
CA LYS B 480 17.80 -36.93 14.22
C LYS B 480 17.22 -35.82 15.10
N VAL B 481 15.92 -35.95 15.41
CA VAL B 481 15.18 -34.84 16.00
C VAL B 481 14.93 -34.93 17.50
N ASP B 482 15.68 -35.78 18.19
CA ASP B 482 15.54 -35.89 19.64
C ASP B 482 16.52 -34.96 20.38
N ARG B 483 16.10 -34.48 21.55
CA ARG B 483 16.85 -33.52 22.36
C ARG B 483 18.31 -33.89 22.59
N LYS B 484 18.54 -35.16 22.90
CA LYS B 484 19.87 -35.72 23.10
C LYS B 484 20.71 -35.57 21.83
N SER B 485 20.17 -36.07 20.73
CA SER B 485 20.81 -35.99 19.42
C SER B 485 21.08 -34.56 19.00
N LEU B 486 20.13 -33.66 19.27
CA LEU B 486 20.26 -32.27 18.91
C LEU B 486 21.40 -31.62 19.70
N TYR B 487 21.47 -31.93 20.99
CA TYR B 487 22.58 -31.47 21.83
C TYR B 487 23.93 -31.93 21.27
N ALA B 488 24.03 -33.23 21.03
CA ALA B 488 25.23 -33.82 20.45
C ALA B 488 25.63 -33.10 19.15
N ALA B 489 24.68 -32.97 18.23
CA ALA B 489 24.90 -32.32 16.95
C ALA B 489 25.38 -30.88 17.12
N ARG B 490 24.89 -30.21 18.16
CA ARG B 490 25.35 -28.87 18.46
C ARG B 490 26.83 -28.88 18.86
N GLN B 491 27.20 -29.81 19.74
CA GLN B 491 28.60 -29.95 20.12
C GLN B 491 29.51 -30.26 18.93
N TYR B 492 29.12 -31.24 18.12
CA TYR B 492 29.83 -31.60 16.89
C TYR B 492 30.01 -30.38 15.98
N PHE B 493 28.92 -29.64 15.77
CA PHE B 493 28.93 -28.48 14.90
C PHE B 493 29.90 -27.40 15.38
N VAL B 494 29.77 -27.00 16.64
CA VAL B 494 30.67 -25.97 17.18
C VAL B 494 32.13 -26.40 17.15
N GLN B 495 32.39 -27.66 17.54
CA GLN B 495 33.76 -28.18 17.47
C GLN B 495 34.31 -28.13 16.04
N TRP B 496 33.47 -28.51 15.07
CA TRP B 496 33.83 -28.44 13.65
C TRP B 496 34.20 -27.01 13.26
N CYS B 497 33.32 -26.06 13.60
CA CYS B 497 33.57 -24.64 13.34
C CYS B 497 34.91 -24.20 13.88
N ALA B 498 35.21 -24.62 15.10
CA ALA B 498 36.49 -24.28 15.73
C ALA B 498 37.67 -24.88 14.97
N ASP B 499 37.58 -26.17 14.63
CA ASP B 499 38.65 -26.88 13.95
C ASP B 499 39.00 -26.26 12.60
N ARG B 500 38.00 -25.82 11.87
CA ARG B 500 38.23 -25.28 10.53
C ARG B 500 38.40 -23.77 10.56
N ASN B 501 38.49 -23.23 11.77
CA ASN B 501 38.66 -21.79 11.97
C ASN B 501 37.56 -20.96 11.29
N PHE B 502 36.34 -21.47 11.38
CA PHE B 502 35.17 -20.76 10.86
C PHE B 502 34.72 -19.74 11.90
N THR B 503 33.74 -18.91 11.54
CA THR B 503 33.24 -17.91 12.48
C THR B 503 32.47 -18.55 13.63
N LYS B 504 32.53 -17.92 14.79
CA LYS B 504 31.79 -18.36 15.96
C LYS B 504 30.29 -18.22 15.70
N PRO B 505 29.54 -19.33 15.81
CA PRO B 505 28.08 -19.26 15.64
C PRO B 505 27.46 -18.28 16.64
N GLN B 506 26.43 -17.56 16.21
CA GLN B 506 25.85 -16.49 17.01
C GLN B 506 25.36 -16.96 18.39
N ASP B 507 24.89 -18.20 18.47
CA ASP B 507 24.40 -18.75 19.73
C ASP B 507 25.42 -19.67 20.41
N GLY B 508 26.65 -19.63 19.94
CA GLY B 508 27.70 -20.56 20.36
C GLY B 508 27.90 -20.76 21.85
N ASP B 509 27.95 -19.66 22.60
CA ASP B 509 28.16 -19.72 24.04
C ASP B 509 26.97 -20.34 24.79
N VAL B 510 25.81 -20.32 24.14
CA VAL B 510 24.59 -20.85 24.74
C VAL B 510 24.43 -22.35 24.48
N ILE B 511 24.63 -22.77 23.23
CA ILE B 511 24.43 -24.16 22.85
C ILE B 511 25.63 -25.06 23.16
N ALA B 512 26.82 -24.47 23.21
CA ALA B 512 28.03 -25.22 23.52
C ALA B 512 28.96 -24.43 24.44
N PRO B 513 28.55 -24.22 25.70
CA PRO B 513 29.33 -23.40 26.63
C PRO B 513 30.64 -24.06 27.04
N LEU B 514 30.82 -25.33 26.67
CA LEU B 514 32.03 -26.06 27.00
C LEU B 514 33.04 -26.06 25.85
N ILE B 515 32.60 -25.62 24.67
CA ILE B 515 33.47 -25.63 23.48
C ILE B 515 34.10 -24.26 23.18
N THR B 516 33.27 -23.22 23.13
CA THR B 516 33.71 -21.89 22.70
C THR B 516 34.92 -21.26 23.42
N PRO B 517 35.06 -21.46 24.76
CA PRO B 517 36.25 -20.86 25.37
C PRO B 517 37.57 -21.49 24.93
N GLN B 518 37.53 -22.71 24.39
CA GLN B 518 38.74 -23.39 23.92
C GLN B 518 39.29 -22.69 22.69
N LYS B 519 38.42 -21.95 22.01
CA LYS B 519 38.78 -21.25 20.78
C LYS B 519 39.08 -19.79 21.11
N LYS B 520 40.36 -19.49 21.22
CA LYS B 520 40.82 -18.14 21.54
C LYS B 520 40.42 -17.14 20.45
N GLU B 521 40.50 -17.58 19.20
CA GLU B 521 40.17 -16.74 18.03
C GLU B 521 38.75 -16.15 18.07
N TRP B 522 37.94 -16.62 19.01
CA TRP B 522 36.56 -16.17 19.17
C TRP B 522 36.42 -15.23 20.35
N ASN B 523 37.47 -15.12 21.15
CA ASN B 523 37.40 -14.46 22.44
C ASN B 523 38.53 -13.47 22.67
N ASP C 37 6.99 -27.13 23.77
CA ASP C 37 6.51 -26.50 22.54
C ASP C 37 6.00 -25.09 22.81
N THR C 38 6.56 -24.12 22.09
CA THR C 38 6.20 -22.72 22.28
C THR C 38 5.32 -22.21 21.14
N MET C 39 4.85 -20.97 21.29
CA MET C 39 4.07 -20.33 20.25
C MET C 39 4.95 -20.11 19.02
N LYS C 40 4.34 -19.98 17.86
CA LYS C 40 5.08 -19.66 16.64
C LYS C 40 4.59 -18.36 16.04
N VAL C 41 5.48 -17.60 15.40
CA VAL C 41 5.08 -16.37 14.72
C VAL C 41 5.07 -16.60 13.22
N ILE C 42 3.99 -16.20 12.57
CA ILE C 42 3.87 -16.34 11.13
C ILE C 42 3.67 -14.96 10.50
N ASN C 43 4.44 -14.65 9.48
CA ASN C 43 4.30 -13.36 8.80
C ASN C 43 3.33 -13.44 7.62
N ASP C 44 2.26 -12.66 7.70
CA ASP C 44 1.22 -12.66 6.68
C ASP C 44 1.19 -11.30 5.99
N PRO C 45 1.05 -11.28 4.66
CA PRO C 45 0.98 -10.04 3.88
C PRO C 45 -0.18 -9.13 4.28
N ILE C 46 -1.26 -9.73 4.77
CA ILE C 46 -2.43 -8.95 5.16
C ILE C 46 -2.30 -8.42 6.59
N HIS C 47 -2.02 -9.33 7.52
CA HIS C 47 -2.07 -9.00 8.94
C HIS C 47 -0.72 -8.77 9.60
N GLY C 48 0.37 -8.97 8.86
CA GLY C 48 1.69 -8.86 9.46
C GLY C 48 2.01 -10.07 10.32
N HIS C 49 2.55 -9.83 11.51
CA HIS C 49 2.98 -10.92 12.38
C HIS C 49 1.88 -11.47 13.29
N ILE C 50 1.44 -12.68 12.96
CA ILE C 50 0.41 -13.42 13.68
C ILE C 50 1.06 -14.38 14.68
N GLU C 51 0.69 -14.26 15.96
CA GLU C 51 1.13 -15.23 16.96
C GLU C 51 0.18 -16.42 17.02
N LEU C 52 0.75 -17.63 17.05
CA LEU C 52 -0.04 -18.85 17.15
C LEU C 52 0.35 -19.66 18.39
N HIS C 53 -0.61 -19.75 19.31
CA HIS C 53 -0.52 -20.64 20.47
C HIS C 53 -0.18 -22.07 20.03
N PRO C 54 0.62 -22.79 20.84
CA PRO C 54 1.04 -24.17 20.54
C PRO C 54 -0.11 -25.13 20.18
N LEU C 55 -1.29 -24.93 20.77
CA LEU C 55 -2.44 -25.78 20.46
C LEU C 55 -2.88 -25.57 19.02
N LEU C 56 -2.95 -24.30 18.62
CA LEU C 56 -3.29 -23.95 17.25
C LEU C 56 -2.23 -24.51 16.29
N VAL C 57 -0.97 -24.47 16.71
CA VAL C 57 0.12 -24.98 15.87
C VAL C 57 -0.08 -26.48 15.67
N ARG C 58 -0.37 -27.19 16.75
CA ARG C 58 -0.61 -28.63 16.68
C ARG C 58 -1.76 -28.95 15.75
N ILE C 59 -2.81 -28.11 15.81
CA ILE C 59 -3.96 -28.29 14.93
C ILE C 59 -3.64 -28.02 13.44
N ILE C 60 -2.82 -27.00 13.18
CA ILE C 60 -2.48 -26.57 11.83
C ILE C 60 -1.58 -27.60 11.12
N ASP C 61 -0.66 -28.18 11.87
CA ASP C 61 0.29 -29.12 11.29
C ASP C 61 -0.29 -30.54 11.20
N THR C 62 -1.38 -30.68 10.44
CA THR C 62 -2.04 -31.95 10.17
C THR C 62 -2.37 -32.03 8.68
N PRO C 63 -2.58 -33.26 8.15
CA PRO C 63 -2.94 -33.37 6.73
C PRO C 63 -4.28 -32.71 6.42
N GLN C 64 -5.20 -32.76 7.37
CA GLN C 64 -6.53 -32.18 7.21
C GLN C 64 -6.48 -30.67 7.01
N PHE C 65 -5.62 -29.99 7.78
CA PHE C 65 -5.50 -28.54 7.68
C PHE C 65 -4.61 -28.12 6.51
N GLN C 66 -3.42 -28.73 6.41
CA GLN C 66 -2.49 -28.44 5.32
C GLN C 66 -3.09 -28.70 3.94
N ARG C 67 -4.09 -29.59 3.90
CA ARG C 67 -4.90 -29.81 2.70
C ARG C 67 -5.34 -28.50 2.01
N LEU C 68 -5.64 -27.50 2.82
CA LEU C 68 -6.17 -26.23 2.30
C LEU C 68 -5.16 -25.42 1.47
N ARG C 69 -3.88 -25.76 1.58
CA ARG C 69 -2.85 -25.18 0.73
C ARG C 69 -3.10 -25.49 -0.75
N TYR C 70 -3.92 -26.50 -1.01
CA TYR C 70 -4.09 -27.00 -2.37
C TYR C 70 -5.50 -26.76 -2.92
N ILE C 71 -6.18 -25.75 -2.36
CA ILE C 71 -7.48 -25.33 -2.87
C ILE C 71 -7.55 -23.80 -3.04
N LYS C 72 -7.72 -23.35 -4.27
CA LYS C 72 -7.81 -21.93 -4.58
C LYS C 72 -9.01 -21.28 -3.90
N GLN C 73 -8.77 -20.16 -3.22
CA GLN C 73 -9.83 -19.38 -2.59
C GLN C 73 -10.94 -19.00 -3.58
N LEU C 74 -10.54 -18.53 -4.75
CA LEU C 74 -11.49 -18.00 -5.72
C LEU C 74 -11.72 -18.92 -6.93
N GLY C 75 -11.12 -20.11 -6.89
CA GLY C 75 -11.25 -21.07 -7.97
C GLY C 75 -10.94 -20.50 -9.34
N GLY C 76 -11.90 -20.65 -10.27
CA GLY C 76 -11.74 -20.19 -11.63
C GLY C 76 -11.36 -18.72 -11.77
N GLY C 77 -11.58 -17.95 -10.70
CA GLY C 77 -11.19 -16.56 -10.68
C GLY C 77 -9.73 -16.35 -11.02
N TYR C 78 -8.88 -17.32 -10.63
CA TYR C 78 -7.45 -17.25 -10.91
C TYR C 78 -7.17 -17.18 -12.41
N TYR C 79 -8.03 -17.81 -13.19
CA TYR C 79 -7.87 -17.81 -14.66
C TYR C 79 -8.35 -16.51 -15.30
N VAL C 80 -8.79 -15.57 -14.45
CA VAL C 80 -9.20 -14.26 -14.93
C VAL C 80 -8.37 -13.16 -14.26
N PHE C 81 -8.16 -13.31 -12.95
CA PHE C 81 -7.30 -12.43 -12.17
C PHE C 81 -6.05 -13.21 -11.76
N PRO C 82 -4.93 -13.00 -12.48
CA PRO C 82 -3.71 -13.79 -12.24
C PRO C 82 -3.10 -13.60 -10.85
N GLY C 83 -3.40 -12.49 -10.18
CA GLY C 83 -2.90 -12.29 -8.82
C GLY C 83 -3.62 -13.18 -7.81
N ALA C 84 -4.79 -13.68 -8.20
CA ALA C 84 -5.64 -14.47 -7.29
C ALA C 84 -5.20 -15.92 -7.17
N SER C 85 -3.94 -16.11 -6.78
CA SER C 85 -3.37 -17.45 -6.62
C SER C 85 -3.55 -17.97 -5.20
N HIS C 86 -4.15 -17.16 -4.34
CA HIS C 86 -4.20 -17.50 -2.92
C HIS C 86 -5.12 -18.69 -2.62
N ASN C 87 -4.73 -19.46 -1.60
CA ASN C 87 -5.44 -20.68 -1.23
C ASN C 87 -6.20 -20.54 0.09
N ARG C 88 -7.09 -21.49 0.35
CA ARG C 88 -7.90 -21.49 1.58
C ARG C 88 -7.07 -21.48 2.87
N PHE C 89 -5.87 -22.05 2.80
CA PHE C 89 -4.99 -22.18 3.96
C PHE C 89 -4.68 -20.84 4.66
N GLU C 90 -4.05 -19.94 3.92
CA GLU C 90 -3.65 -18.64 4.46
C GLU C 90 -4.87 -17.82 4.92
N HIS C 91 -5.96 -17.93 4.17
CA HIS C 91 -7.24 -17.31 4.55
C HIS C 91 -7.70 -17.81 5.92
N SER C 92 -7.62 -19.12 6.13
CA SER C 92 -7.96 -19.73 7.42
C SER C 92 -7.09 -19.15 8.54
N LEU C 93 -5.79 -19.02 8.27
CA LEU C 93 -4.89 -18.39 9.24
C LEU C 93 -5.37 -16.98 9.62
N GLY C 94 -5.76 -16.21 8.60
CA GLY C 94 -6.23 -14.85 8.83
C GLY C 94 -7.52 -14.80 9.64
N VAL C 95 -8.42 -15.73 9.37
CA VAL C 95 -9.70 -15.79 10.07
C VAL C 95 -9.49 -16.12 11.55
N GLY C 96 -8.65 -17.12 11.82
CA GLY C 96 -8.29 -17.44 13.20
C GLY C 96 -7.70 -16.24 13.92
N TYR C 97 -6.76 -15.58 13.23
CA TYR C 97 -6.13 -14.39 13.79
C TYR C 97 -7.14 -13.30 14.18
N LEU C 98 -8.02 -12.95 13.25
CA LEU C 98 -9.01 -11.89 13.51
C LEU C 98 -10.02 -12.28 14.59
N ALA C 99 -10.42 -13.55 14.61
CA ALA C 99 -11.26 -14.07 15.68
C ALA C 99 -10.62 -13.76 17.03
N GLY C 100 -9.36 -14.16 17.15
CA GLY C 100 -8.58 -13.83 18.34
C GLY C 100 -8.58 -12.35 18.67
N CYS C 101 -8.29 -11.52 17.67
CA CYS C 101 -8.28 -10.06 17.84
C CYS C 101 -9.57 -9.55 18.47
N LEU C 102 -10.70 -9.91 17.87
CA LEU C 102 -11.99 -9.39 18.31
C LEU C 102 -12.35 -9.86 19.72
N VAL C 103 -12.19 -11.16 20.00
CA VAL C 103 -12.54 -11.64 21.34
C VAL C 103 -11.63 -11.00 22.40
N HIS C 104 -10.36 -10.81 22.06
CA HIS C 104 -9.41 -10.14 22.97
C HIS C 104 -9.79 -8.68 23.23
N ALA C 105 -10.21 -7.97 22.19
CA ALA C 105 -10.62 -6.58 22.35
C ALA C 105 -11.85 -6.49 23.25
N LEU C 106 -12.85 -7.31 22.96
CA LEU C 106 -14.06 -7.35 23.78
C LEU C 106 -13.73 -7.62 25.24
N GLY C 107 -12.83 -8.58 25.47
CA GLY C 107 -12.41 -8.92 26.82
C GLY C 107 -11.67 -7.82 27.55
N GLU C 108 -10.75 -7.16 26.86
CA GLU C 108 -9.91 -6.15 27.50
C GLU C 108 -10.65 -4.84 27.73
N LYS C 109 -11.70 -4.59 26.96
CA LYS C 109 -12.54 -3.41 27.21
C LYS C 109 -13.59 -3.63 28.30
N GLN C 110 -14.06 -4.88 28.43
CA GLN C 110 -15.09 -5.21 29.42
C GLN C 110 -14.76 -6.48 30.21
N PRO C 111 -13.97 -6.35 31.29
CA PRO C 111 -13.60 -7.51 32.11
C PRO C 111 -14.80 -8.22 32.75
N GLU C 112 -15.95 -7.56 32.80
CA GLU C 112 -17.13 -8.12 33.46
C GLU C 112 -17.81 -9.25 32.68
N LEU C 113 -17.39 -9.46 31.44
CA LEU C 113 -17.94 -10.55 30.64
C LEU C 113 -17.25 -11.86 30.98
N GLN C 114 -16.18 -11.77 31.76
CA GLN C 114 -15.42 -12.93 32.24
C GLN C 114 -14.95 -13.85 31.10
N ILE C 115 -14.58 -13.26 29.98
CA ILE C 115 -14.04 -14.05 28.87
C ILE C 115 -12.75 -14.73 29.32
N SER C 116 -12.72 -16.05 29.21
CA SER C 116 -11.57 -16.84 29.63
C SER C 116 -10.63 -17.12 28.45
N GLU C 117 -9.39 -17.47 28.74
CA GLU C 117 -8.45 -17.80 27.68
C GLU C 117 -8.84 -19.11 26.99
N ARG C 118 -9.65 -19.89 27.69
CA ARG C 118 -10.27 -21.07 27.09
C ARG C 118 -11.24 -20.66 26.00
N ASP C 119 -12.05 -19.65 26.30
CA ASP C 119 -12.97 -19.06 25.31
C ASP C 119 -12.18 -18.50 24.13
N VAL C 120 -11.09 -17.79 24.43
CA VAL C 120 -10.26 -17.20 23.40
C VAL C 120 -9.73 -18.29 22.46
N LEU C 121 -9.20 -19.36 23.06
CA LEU C 121 -8.67 -20.47 22.27
C LEU C 121 -9.75 -21.15 21.43
N CYS C 122 -10.95 -21.34 21.99
CA CYS C 122 -12.03 -21.98 21.25
C CYS C 122 -12.53 -21.13 20.07
N VAL C 123 -12.64 -19.82 20.29
CA VAL C 123 -12.99 -18.89 19.22
C VAL C 123 -11.90 -18.89 18.12
N GLN C 124 -10.63 -18.92 18.54
CA GLN C 124 -9.52 -18.99 17.60
C GLN C 124 -9.55 -20.29 16.77
N ILE C 125 -9.81 -21.40 17.43
CA ILE C 125 -9.87 -22.70 16.76
C ILE C 125 -11.02 -22.73 15.75
N ALA C 126 -12.17 -22.23 16.16
CA ALA C 126 -13.32 -22.12 15.26
C ALA C 126 -12.99 -21.25 14.04
N GLY C 127 -12.36 -20.12 14.27
CA GLY C 127 -11.92 -19.25 13.19
C GLY C 127 -11.00 -19.99 12.24
N LEU C 128 -10.03 -20.70 12.80
CA LEU C 128 -9.04 -21.46 12.04
C LEU C 128 -9.64 -22.57 11.19
N CYS C 129 -10.69 -23.20 11.70
CA CYS C 129 -11.19 -24.43 11.10
C CYS C 129 -12.45 -24.30 10.24
N ARG C 130 -13.00 -23.10 10.15
CA ARG C 130 -14.28 -22.93 9.44
C ARG C 130 -14.17 -22.94 7.91
N ASN C 131 -13.00 -23.34 7.39
CA ASN C 131 -12.86 -23.53 5.94
C ASN C 131 -12.47 -24.96 5.57
N LEU C 132 -12.38 -25.84 6.56
CA LEU C 132 -11.90 -27.21 6.33
C LEU C 132 -12.75 -28.03 5.36
N GLY C 133 -14.02 -27.66 5.23
CA GLY C 133 -14.95 -28.43 4.41
C GLY C 133 -14.98 -28.09 2.94
N HIS C 134 -14.27 -27.04 2.55
CA HIS C 134 -14.24 -26.65 1.14
C HIS C 134 -13.61 -27.73 0.27
N GLY C 135 -14.10 -27.84 -0.96
CA GLY C 135 -13.59 -28.80 -1.91
C GLY C 135 -12.86 -28.10 -3.04
N PRO C 136 -12.50 -28.86 -4.09
CA PRO C 136 -11.72 -28.36 -5.23
C PRO C 136 -12.30 -27.09 -5.85
N PHE C 137 -11.46 -26.07 -6.00
CA PHE C 137 -11.86 -24.79 -6.58
C PHE C 137 -12.97 -24.10 -5.78
N SER C 138 -12.98 -24.39 -4.48
CA SER C 138 -13.90 -23.78 -3.53
C SER C 138 -15.36 -23.84 -3.97
N HIS C 139 -15.93 -22.68 -4.30
CA HIS C 139 -17.36 -22.62 -4.54
C HIS C 139 -17.86 -23.43 -5.74
N MET C 140 -17.01 -23.56 -6.75
CA MET C 140 -17.27 -24.45 -7.88
C MET C 140 -17.74 -25.83 -7.40
N PHE C 141 -17.18 -26.30 -6.29
CA PHE C 141 -17.50 -27.61 -5.78
C PHE C 141 -18.86 -27.68 -5.06
N ASP C 142 -19.23 -26.63 -4.35
CA ASP C 142 -20.47 -26.70 -3.58
C ASP C 142 -21.61 -25.92 -4.23
N GLY C 143 -21.27 -25.03 -5.16
CA GLY C 143 -22.27 -24.26 -5.87
C GLY C 143 -22.63 -24.83 -7.23
N ARG C 144 -21.77 -25.69 -7.77
CA ARG C 144 -22.02 -26.27 -9.09
C ARG C 144 -21.88 -27.79 -9.15
N PHE C 145 -20.74 -28.32 -8.72
CA PHE C 145 -20.47 -29.74 -8.92
C PHE C 145 -21.33 -30.69 -8.08
N ILE C 146 -21.21 -30.60 -6.76
CA ILE C 146 -22.01 -31.44 -5.87
C ILE C 146 -23.54 -31.35 -6.10
N PRO C 147 -24.09 -30.12 -6.29
CA PRO C 147 -25.51 -30.03 -6.59
C PRO C 147 -25.95 -30.79 -7.86
N LEU C 148 -25.06 -30.91 -8.85
CA LEU C 148 -25.40 -31.61 -10.10
C LEU C 148 -25.07 -33.09 -10.07
N ALA C 149 -24.06 -33.45 -9.26
CA ALA C 149 -23.61 -34.83 -9.16
C ALA C 149 -24.46 -35.58 -8.13
N ARG C 150 -24.70 -34.92 -7.00
CA ARG C 150 -25.47 -35.52 -5.91
C ARG C 150 -26.67 -34.65 -5.55
N PRO C 151 -27.67 -34.58 -6.45
CA PRO C 151 -28.79 -33.68 -6.15
C PRO C 151 -29.70 -34.16 -5.01
N GLU C 152 -29.48 -35.38 -4.51
CA GLU C 152 -30.26 -35.88 -3.38
C GLU C 152 -29.74 -35.31 -2.07
N VAL C 153 -28.43 -35.07 -2.00
CA VAL C 153 -27.82 -34.55 -0.79
C VAL C 153 -28.06 -33.04 -0.65
N LYS C 154 -27.98 -32.56 0.57
CA LYS C 154 -27.96 -31.13 0.83
C LYS C 154 -26.64 -30.85 1.57
N TRP C 155 -25.60 -30.69 0.77
CA TRP C 155 -24.24 -30.51 1.27
C TRP C 155 -23.88 -29.04 1.32
N THR C 156 -23.23 -28.63 2.41
CA THR C 156 -22.73 -27.27 2.56
C THR C 156 -21.28 -27.33 3.02
N HIS C 157 -20.51 -26.29 2.76
CA HIS C 157 -19.11 -26.28 3.22
C HIS C 157 -19.02 -26.25 4.74
N GLU C 158 -20.04 -25.69 5.38
CA GLU C 158 -20.12 -25.67 6.84
C GLU C 158 -20.10 -27.09 7.45
N GLN C 159 -20.98 -27.95 6.95
CA GLN C 159 -21.08 -29.31 7.44
C GLN C 159 -19.78 -30.06 7.17
N GLY C 160 -19.22 -29.82 5.99
CA GLY C 160 -17.94 -30.41 5.63
C GLY C 160 -16.85 -30.01 6.60
N SER C 161 -16.88 -28.74 7.00
CA SER C 161 -15.90 -28.23 7.96
C SER C 161 -16.08 -28.93 9.30
N VAL C 162 -17.32 -29.16 9.69
CA VAL C 162 -17.61 -29.89 10.93
C VAL C 162 -17.03 -31.31 10.90
N MET C 163 -17.35 -32.05 9.84
CA MET C 163 -16.87 -33.42 9.68
C MET C 163 -15.34 -33.49 9.62
N MET C 164 -14.75 -32.59 8.84
CA MET C 164 -13.31 -32.56 8.67
C MET C 164 -12.63 -32.20 9.97
N PHE C 165 -13.25 -31.32 10.75
CA PHE C 165 -12.73 -30.95 12.07
C PHE C 165 -12.72 -32.17 12.98
N GLU C 166 -13.85 -32.87 13.03
CA GLU C 166 -13.93 -34.10 13.84
C GLU C 166 -12.84 -35.10 13.42
N HIS C 167 -12.68 -35.26 12.11
CA HIS C 167 -11.68 -36.17 11.55
C HIS C 167 -10.27 -35.77 11.97
N LEU C 168 -9.98 -34.47 11.90
CA LEU C 168 -8.69 -33.91 12.28
C LEU C 168 -8.40 -34.23 13.75
N ILE C 169 -9.37 -33.89 14.60
CA ILE C 169 -9.27 -34.15 16.02
C ILE C 169 -8.95 -35.62 16.32
N ASN C 170 -9.77 -36.52 15.75
CA ASN C 170 -9.63 -37.95 16.02
C ASN C 170 -8.34 -38.55 15.45
N SER C 171 -7.99 -38.12 14.24
CA SER C 171 -6.82 -38.65 13.54
C SER C 171 -5.51 -38.12 14.10
N ASN C 172 -5.55 -37.05 14.87
CA ASN C 172 -4.29 -36.45 15.32
C ASN C 172 -4.02 -36.36 16.82
N GLY C 173 -4.85 -37.03 17.64
CA GLY C 173 -4.64 -37.04 19.07
C GLY C 173 -4.68 -35.65 19.71
N ILE C 174 -5.60 -34.82 19.23
CA ILE C 174 -5.70 -33.44 19.65
C ILE C 174 -6.32 -33.28 21.06
N LYS C 175 -7.32 -34.10 21.37
CA LYS C 175 -8.01 -34.01 22.66
C LYS C 175 -7.12 -33.89 23.91
N PRO C 176 -6.06 -34.72 24.02
CA PRO C 176 -5.21 -34.55 25.20
C PRO C 176 -4.35 -33.28 25.14
N VAL C 177 -4.08 -32.75 23.96
CA VAL C 177 -3.37 -31.46 23.85
C VAL C 177 -4.29 -30.35 24.34
N MET C 178 -5.55 -30.41 23.89
CA MET C 178 -6.59 -29.52 24.36
C MET C 178 -6.64 -29.54 25.89
N GLU C 179 -6.72 -30.73 26.47
CA GLU C 179 -6.72 -30.87 27.92
C GLU C 179 -5.47 -30.28 28.56
N GLN C 180 -4.33 -30.50 27.91
CA GLN C 180 -3.05 -29.96 28.36
C GLN C 180 -3.13 -28.44 28.47
N TYR C 181 -3.92 -27.82 27.60
CA TYR C 181 -4.03 -26.37 27.64
C TYR C 181 -5.31 -25.81 28.29
N GLY C 182 -5.94 -26.63 29.14
CA GLY C 182 -7.05 -26.13 29.95
C GLY C 182 -8.43 -26.28 29.34
N LEU C 183 -8.50 -26.82 28.13
CA LEU C 183 -9.79 -27.03 27.49
C LEU C 183 -10.48 -28.28 28.04
N ILE C 184 -11.81 -28.25 28.05
CA ILE C 184 -12.61 -29.41 28.40
C ILE C 184 -13.27 -29.91 27.12
N PRO C 185 -12.66 -30.94 26.48
CA PRO C 185 -12.92 -31.39 25.12
C PRO C 185 -14.39 -31.61 24.73
N GLU C 186 -15.22 -32.19 25.59
CA GLU C 186 -16.62 -32.42 25.19
C GLU C 186 -17.32 -31.10 24.88
N GLU C 187 -17.46 -30.29 25.93
CA GLU C 187 -18.10 -28.98 25.85
C GLU C 187 -17.43 -28.07 24.81
N ASP C 188 -16.11 -28.06 24.78
CA ASP C 188 -15.37 -27.13 23.92
C ASP C 188 -15.39 -27.53 22.44
N ILE C 189 -15.34 -28.83 22.16
CA ILE C 189 -15.50 -29.32 20.79
C ILE C 189 -16.91 -29.01 20.31
N CYS C 190 -17.88 -29.25 21.19
CA CYS C 190 -19.26 -28.85 20.90
C CYS C 190 -19.35 -27.36 20.54
N PHE C 191 -18.72 -26.52 21.37
CA PHE C 191 -18.70 -25.07 21.17
C PHE C 191 -18.09 -24.66 19.83
N ILE C 192 -16.95 -25.25 19.50
CA ILE C 192 -16.27 -24.98 18.24
C ILE C 192 -17.14 -25.35 17.04
N LYS C 193 -17.73 -26.55 17.10
CA LYS C 193 -18.63 -26.99 16.02
C LYS C 193 -19.84 -26.08 15.87
N GLU C 194 -20.41 -25.66 17.00
CA GLU C 194 -21.56 -24.76 17.00
C GLU C 194 -21.19 -23.40 16.38
N GLN C 195 -19.99 -22.93 16.66
CA GLN C 195 -19.51 -21.71 16.01
C GLN C 195 -19.41 -21.89 14.50
N ILE C 196 -18.97 -23.07 14.06
CA ILE C 196 -18.86 -23.32 12.63
C ILE C 196 -20.21 -23.46 11.90
N VAL C 197 -21.11 -24.30 12.41
CA VAL C 197 -22.33 -24.64 11.68
C VAL C 197 -23.66 -24.24 12.35
N GLY C 198 -23.60 -23.85 13.63
CA GLY C 198 -24.80 -23.47 14.35
C GLY C 198 -25.34 -24.59 15.23
N PRO C 199 -26.57 -24.42 15.74
CA PRO C 199 -27.22 -25.41 16.61
C PRO C 199 -27.20 -26.81 16.00
N LEU C 200 -26.78 -27.80 16.80
CA LEU C 200 -26.53 -29.14 16.28
C LEU C 200 -27.80 -29.99 16.16
N GLU C 201 -28.94 -29.36 16.35
CA GLU C 201 -30.24 -30.01 16.18
C GLU C 201 -30.51 -30.29 14.71
N LEU C 208 -36.24 -21.44 23.18
CA LEU C 208 -35.23 -21.44 24.23
C LEU C 208 -33.82 -21.52 23.65
N TRP C 209 -32.83 -21.14 24.45
CA TRP C 209 -31.42 -21.12 24.04
C TRP C 209 -30.93 -22.47 23.51
N PRO C 210 -30.68 -22.55 22.19
CA PRO C 210 -30.43 -23.78 21.43
C PRO C 210 -28.98 -24.29 21.43
N TYR C 211 -28.05 -23.57 22.04
CA TYR C 211 -26.65 -23.99 22.05
C TYR C 211 -26.27 -24.76 23.30
N LYS C 212 -25.38 -25.75 23.14
CA LYS C 212 -24.95 -26.59 24.25
C LYS C 212 -23.53 -26.23 24.69
N GLY C 213 -22.77 -25.63 23.78
CA GLY C 213 -21.38 -25.30 24.03
C GLY C 213 -21.18 -24.19 25.04
N ARG C 214 -22.00 -23.14 24.95
CA ARG C 214 -21.94 -22.00 25.86
C ARG C 214 -23.34 -21.44 26.11
N PRO C 215 -23.57 -20.86 27.31
CA PRO C 215 -24.89 -20.33 27.66
C PRO C 215 -25.09 -18.89 27.19
N GLU C 216 -26.28 -18.35 27.45
CA GLU C 216 -26.68 -17.02 26.97
C GLU C 216 -25.72 -15.89 27.33
N ASN C 217 -25.10 -15.98 28.49
CA ASN C 217 -24.19 -14.92 28.95
C ASN C 217 -22.88 -14.87 28.17
N LYS C 218 -22.67 -15.84 27.29
CA LYS C 218 -21.55 -15.83 26.36
C LYS C 218 -22.06 -15.80 24.92
N SER C 219 -23.31 -15.40 24.75
CA SER C 219 -23.97 -15.39 23.43
C SER C 219 -23.14 -14.70 22.35
N PHE C 220 -22.54 -13.57 22.72
CA PHE C 220 -21.75 -12.77 21.79
C PHE C 220 -20.61 -13.55 21.15
N LEU C 221 -20.12 -14.57 21.85
CA LEU C 221 -19.02 -15.40 21.34
C LEU C 221 -19.43 -16.07 20.03
N TYR C 222 -20.72 -16.36 19.88
CA TYR C 222 -21.23 -17.01 18.68
C TYR C 222 -21.38 -16.04 17.50
N GLU C 223 -21.07 -14.76 17.73
CA GLU C 223 -21.22 -13.75 16.69
C GLU C 223 -19.90 -13.39 16.00
N ILE C 224 -18.83 -14.08 16.39
CA ILE C 224 -17.49 -13.72 15.94
C ILE C 224 -17.05 -14.44 14.67
N VAL C 225 -17.04 -15.78 14.69
CA VAL C 225 -16.52 -16.55 13.57
C VAL C 225 -17.50 -16.66 12.40
N SER C 226 -18.74 -17.05 12.71
CA SER C 226 -19.78 -17.16 11.69
C SER C 226 -21.08 -16.60 12.23
N ASN C 227 -21.42 -15.38 11.81
CA ASN C 227 -22.56 -14.66 12.39
C ASN C 227 -23.86 -14.97 11.66
N LYS C 228 -24.63 -15.90 12.19
CA LYS C 228 -25.89 -16.31 11.57
C LYS C 228 -26.97 -15.25 11.78
N ARG C 229 -26.73 -14.35 12.71
CA ARG C 229 -27.70 -13.31 13.05
C ARG C 229 -27.78 -12.19 12.02
N ASN C 230 -26.63 -11.72 11.54
CA ASN C 230 -26.61 -10.65 10.54
C ASN C 230 -25.47 -10.75 9.51
N GLY C 231 -24.56 -11.71 9.71
CA GLY C 231 -23.51 -11.95 8.74
C GLY C 231 -22.25 -11.12 8.90
N ILE C 232 -22.22 -10.27 9.92
CA ILE C 232 -21.01 -9.49 10.21
C ILE C 232 -20.05 -10.32 11.08
N ASP C 233 -19.05 -10.93 10.43
CA ASP C 233 -18.08 -11.76 11.11
C ASP C 233 -16.68 -11.57 10.54
N VAL C 234 -15.68 -12.12 11.22
CA VAL C 234 -14.27 -11.90 10.87
C VAL C 234 -13.83 -12.62 9.59
N ASP C 235 -14.59 -13.65 9.20
CA ASP C 235 -14.33 -14.40 7.98
C ASP C 235 -14.43 -13.46 6.79
N LYS C 236 -15.49 -12.68 6.77
CA LYS C 236 -15.70 -11.65 5.75
C LYS C 236 -14.55 -10.66 5.73
N TRP C 237 -14.15 -10.18 6.91
CA TRP C 237 -13.11 -9.15 6.99
C TRP C 237 -11.82 -9.66 6.35
N ASP C 238 -11.41 -10.86 6.73
CA ASP C 238 -10.24 -11.44 6.11
C ASP C 238 -10.39 -11.60 4.60
N TYR C 239 -11.50 -12.16 4.13
CA TYR C 239 -11.58 -12.32 2.66
C TYR C 239 -11.66 -11.00 1.89
N PHE C 240 -12.29 -9.97 2.46
CA PHE C 240 -12.27 -8.62 1.86
C PHE C 240 -10.83 -8.21 1.64
N ALA C 241 -10.07 -8.18 2.75
CA ALA C 241 -8.69 -7.70 2.69
C ALA C 241 -7.80 -8.55 1.77
N ARG C 242 -7.82 -9.86 1.97
CA ARG C 242 -6.96 -10.80 1.24
C ARG C 242 -7.30 -10.86 -0.24
N ASP C 243 -8.59 -11.05 -0.56
CA ASP C 243 -9.02 -11.12 -1.95
C ASP C 243 -8.65 -9.82 -2.64
N CYS C 244 -8.91 -8.68 -2.00
CA CYS C 244 -8.52 -7.40 -2.59
C CYS C 244 -7.02 -7.30 -2.85
N HIS C 245 -6.23 -7.75 -1.87
CA HIS C 245 -4.79 -7.74 -1.99
C HIS C 245 -4.33 -8.51 -3.24
N HIS C 246 -4.94 -9.67 -3.49
CA HIS C 246 -4.54 -10.50 -4.62
C HIS C 246 -5.17 -10.17 -5.98
N LEU C 247 -6.45 -9.78 -5.99
CA LEU C 247 -7.17 -9.44 -7.21
C LEU C 247 -6.63 -8.16 -7.84
N GLY C 248 -6.19 -7.25 -6.99
CA GLY C 248 -5.78 -5.94 -7.45
C GLY C 248 -6.96 -4.97 -7.44
N ILE C 249 -7.87 -5.18 -6.50
CA ILE C 249 -8.94 -4.23 -6.20
C ILE C 249 -8.64 -3.72 -4.81
N GLN C 250 -8.99 -2.47 -4.51
CA GLN C 250 -8.70 -1.93 -3.19
C GLN C 250 -9.91 -2.08 -2.26
N ASN C 251 -9.65 -2.50 -1.02
CA ASN C 251 -10.71 -2.70 -0.03
C ASN C 251 -10.98 -1.42 0.76
N ASN C 252 -12.23 -0.98 0.79
CA ASN C 252 -12.59 0.25 1.50
C ASN C 252 -13.26 0.03 2.85
N PHE C 253 -13.27 -1.21 3.33
CA PHE C 253 -13.81 -1.51 4.66
C PHE C 253 -12.71 -1.61 5.72
N ASP C 254 -12.94 -0.95 6.85
CA ASP C 254 -11.96 -0.83 7.92
C ASP C 254 -12.36 -1.67 9.15
N TYR C 255 -11.99 -2.95 9.13
CA TYR C 255 -12.37 -3.86 10.21
C TYR C 255 -11.73 -3.49 11.56
N LYS C 256 -10.51 -2.96 11.52
CA LYS C 256 -9.85 -2.51 12.74
C LYS C 256 -10.68 -1.45 13.46
N ARG C 257 -11.25 -0.54 12.68
CA ARG C 257 -12.15 0.47 13.22
C ARG C 257 -13.37 -0.15 13.87
N PHE C 258 -14.03 -1.08 13.19
CA PHE C 258 -15.19 -1.76 13.74
C PHE C 258 -14.84 -2.39 15.08
N ILE C 259 -13.74 -3.14 15.10
CA ILE C 259 -13.25 -3.78 16.32
C ILE C 259 -13.07 -2.76 17.43
N LYS C 260 -12.45 -1.63 17.10
CA LYS C 260 -12.27 -0.54 18.06
C LYS C 260 -13.58 -0.02 18.66
N PHE C 261 -14.63 0.04 17.84
CA PHE C 261 -15.91 0.59 18.27
C PHE C 261 -16.93 -0.45 18.73
N ALA C 262 -16.51 -1.70 18.86
CA ALA C 262 -17.45 -2.75 19.26
C ALA C 262 -17.52 -2.89 20.77
N ARG C 263 -18.73 -3.07 21.28
CA ARG C 263 -18.95 -3.42 22.68
C ARG C 263 -19.89 -4.61 22.72
N VAL C 264 -20.26 -5.04 23.92
CA VAL C 264 -21.33 -6.02 24.04
C VAL C 264 -22.37 -5.53 25.04
N CYS C 265 -23.61 -5.45 24.59
CA CYS C 265 -24.71 -4.93 25.40
C CYS C 265 -25.78 -5.98 25.55
N GLU C 266 -26.76 -5.69 26.40
CA GLU C 266 -27.89 -6.59 26.62
C GLU C 266 -28.97 -6.36 25.56
N VAL C 267 -29.33 -7.43 24.85
CA VAL C 267 -30.41 -7.39 23.87
C VAL C 267 -31.35 -8.57 24.12
N ASP C 268 -32.58 -8.27 24.54
CA ASP C 268 -33.54 -9.26 25.09
C ASP C 268 -32.91 -10.37 25.94
N ASN C 269 -32.33 -9.97 27.07
CA ASN C 269 -31.70 -10.91 28.01
C ASN C 269 -30.61 -11.76 27.37
N GLU C 270 -29.98 -11.21 26.32
CA GLU C 270 -28.81 -11.82 25.70
C GLU C 270 -27.69 -10.80 25.64
N LEU C 271 -26.47 -11.25 25.93
CA LEU C 271 -25.29 -10.39 25.80
C LEU C 271 -24.76 -10.46 24.36
N ARG C 272 -25.15 -9.50 23.53
CA ARG C 272 -24.78 -9.51 22.12
C ARG C 272 -23.79 -8.43 21.75
N ILE C 273 -23.10 -8.63 20.62
CA ILE C 273 -22.15 -7.66 20.09
C ILE C 273 -22.86 -6.46 19.46
N CYS C 274 -22.53 -5.26 19.95
CA CYS C 274 -23.14 -4.03 19.46
C CYS C 274 -22.10 -3.08 18.90
N ALA C 275 -22.48 -2.36 17.84
CA ALA C 275 -21.59 -1.39 17.20
C ALA C 275 -21.91 0.04 17.64
N ARG C 276 -20.93 0.93 17.62
CA ARG C 276 -21.19 2.33 17.89
C ARG C 276 -22.14 2.90 16.84
N ASP C 277 -23.16 3.65 17.28
CA ASP C 277 -24.19 4.19 16.39
C ASP C 277 -23.62 4.82 15.11
N LYS C 278 -22.67 5.72 15.30
CA LYS C 278 -21.95 6.42 14.23
C LYS C 278 -21.56 5.51 13.07
N GLU C 279 -21.23 4.27 13.40
CA GLU C 279 -20.66 3.34 12.44
C GLU C 279 -21.67 2.75 11.45
N VAL C 280 -22.95 3.03 11.65
CA VAL C 280 -24.00 2.40 10.83
C VAL C 280 -23.76 2.52 9.32
N GLY C 281 -23.39 3.73 8.87
CA GLY C 281 -23.05 3.97 7.48
C GLY C 281 -22.01 2.98 6.97
N ASN C 282 -20.90 2.89 7.71
CA ASN C 282 -19.82 1.97 7.36
C ASN C 282 -20.35 0.54 7.25
N LEU C 283 -21.23 0.15 8.16
CA LEU C 283 -21.78 -1.19 8.13
C LEU C 283 -22.54 -1.43 6.84
N TYR C 284 -23.35 -0.46 6.45
CA TYR C 284 -24.07 -0.57 5.19
C TYR C 284 -23.04 -0.77 4.08
N ASP C 285 -22.00 0.06 4.10
CA ASP C 285 -21.00 0.01 3.06
C ASP C 285 -20.25 -1.31 3.06
N MET C 286 -20.15 -1.95 4.24
CA MET C 286 -19.50 -3.26 4.30
C MET C 286 -20.19 -4.17 3.30
N PHE C 287 -21.52 -4.22 3.37
CA PHE C 287 -22.25 -5.12 2.50
C PHE C 287 -22.13 -4.66 1.06
N HIS C 288 -22.11 -3.33 0.86
CA HIS C 288 -21.95 -2.77 -0.47
C HIS C 288 -20.65 -3.32 -1.04
N THR C 289 -19.61 -3.32 -0.21
CA THR C 289 -18.30 -3.80 -0.63
C THR C 289 -18.43 -5.25 -1.10
N ARG C 290 -19.11 -6.06 -0.27
CA ARG C 290 -19.32 -7.46 -0.61
C ARG C 290 -19.94 -7.55 -2.00
N ASN C 291 -21.00 -6.76 -2.21
CA ASN C 291 -21.69 -6.78 -3.48
C ASN C 291 -20.73 -6.46 -4.61
N SER C 292 -19.94 -5.40 -4.42
CA SER C 292 -19.01 -4.96 -5.45
C SER C 292 -18.02 -6.08 -5.77
N LEU C 293 -17.53 -6.76 -4.73
CA LEU C 293 -16.54 -7.81 -4.95
C LEU C 293 -17.17 -8.95 -5.75
N HIS C 294 -18.46 -9.20 -5.49
CA HIS C 294 -19.17 -10.21 -6.24
C HIS C 294 -19.37 -9.73 -7.68
N ARG C 295 -19.60 -8.44 -7.85
CA ARG C 295 -19.83 -7.87 -9.18
C ARG C 295 -18.58 -7.92 -10.03
N ARG C 296 -17.45 -7.52 -9.44
CA ARG C 296 -16.19 -7.37 -10.17
C ARG C 296 -15.44 -8.68 -10.37
N ALA C 297 -15.49 -9.56 -9.36
CA ALA C 297 -14.61 -10.72 -9.34
C ALA C 297 -15.28 -12.09 -9.19
N TYR C 298 -15.98 -12.30 -8.07
CA TYR C 298 -16.50 -13.62 -7.72
C TYR C 298 -17.52 -14.15 -8.73
N GLN C 299 -18.22 -13.22 -9.41
CA GLN C 299 -19.25 -13.60 -10.37
C GLN C 299 -18.90 -13.10 -11.77
N HIS C 300 -17.62 -12.87 -12.00
CA HIS C 300 -17.13 -12.49 -13.34
C HIS C 300 -17.59 -13.54 -14.36
N LYS C 301 -18.12 -13.06 -15.48
CA LYS C 301 -18.71 -13.91 -16.51
C LYS C 301 -17.80 -15.05 -16.99
N VAL C 302 -16.54 -14.72 -17.21
CA VAL C 302 -15.57 -15.70 -17.71
C VAL C 302 -15.10 -16.64 -16.60
N GLY C 303 -14.91 -16.11 -15.40
CA GLY C 303 -14.56 -16.94 -14.26
C GLY C 303 -15.65 -17.96 -13.94
N ASN C 304 -16.89 -17.51 -14.06
CA ASN C 304 -18.04 -18.39 -13.91
C ASN C 304 -18.13 -19.44 -15.02
N ILE C 305 -18.00 -19.02 -16.28
CA ILE C 305 -18.03 -19.98 -17.38
C ILE C 305 -16.88 -20.99 -17.27
N ILE C 306 -15.80 -20.59 -16.63
CA ILE C 306 -14.66 -21.48 -16.42
C ILE C 306 -14.93 -22.48 -15.30
N ASP C 307 -15.52 -22.02 -14.20
CA ASP C 307 -16.00 -22.94 -13.17
C ASP C 307 -16.98 -23.96 -13.78
N THR C 308 -17.79 -23.48 -14.72
CA THR C 308 -18.76 -24.31 -15.42
C THR C 308 -18.07 -25.38 -16.26
N MET C 309 -17.03 -24.99 -17.00
CA MET C 309 -16.30 -25.96 -17.83
C MET C 309 -15.57 -27.00 -16.98
N ILE C 310 -14.95 -26.55 -15.88
CA ILE C 310 -14.30 -27.47 -14.96
C ILE C 310 -15.29 -28.44 -14.31
N THR C 311 -16.49 -27.94 -14.00
CA THR C 311 -17.54 -28.78 -13.42
C THR C 311 -18.01 -29.81 -14.44
N ASP C 312 -18.14 -29.39 -15.70
CA ASP C 312 -18.51 -30.30 -16.77
C ASP C 312 -17.50 -31.44 -16.86
N ALA C 313 -16.22 -31.06 -16.89
CA ALA C 313 -15.14 -32.05 -16.97
C ALA C 313 -15.08 -32.97 -15.75
N PHE C 314 -15.40 -32.44 -14.56
CA PHE C 314 -15.47 -33.28 -13.37
C PHE C 314 -16.61 -34.27 -13.48
N LEU C 315 -17.71 -33.82 -14.08
CA LEU C 315 -18.87 -34.69 -14.31
C LEU C 315 -18.55 -35.82 -15.29
N LYS C 316 -17.75 -35.53 -16.31
CA LYS C 316 -17.39 -36.56 -17.30
C LYS C 316 -16.27 -37.48 -16.83
N ALA C 317 -15.37 -36.95 -16.02
CA ALA C 317 -14.31 -37.78 -15.42
C ALA C 317 -14.90 -38.58 -14.27
N ASP C 318 -16.13 -38.24 -13.89
CA ASP C 318 -16.76 -38.77 -12.69
C ASP C 318 -16.67 -40.32 -12.67
N ASP C 319 -17.02 -40.98 -13.78
CA ASP C 319 -17.08 -42.44 -13.73
C ASP C 319 -15.74 -43.15 -13.47
N TYR C 320 -14.61 -42.45 -13.64
CA TYR C 320 -13.33 -43.13 -13.78
C TYR C 320 -12.20 -42.80 -12.78
N ILE C 321 -12.22 -41.61 -12.20
CA ILE C 321 -11.21 -41.23 -11.20
C ILE C 321 -11.45 -41.99 -9.89
N GLU C 322 -10.39 -42.55 -9.32
CA GLU C 322 -10.51 -43.23 -8.02
C GLU C 322 -9.76 -42.51 -6.91
N ILE C 323 -10.40 -42.40 -5.74
CA ILE C 323 -9.76 -41.84 -4.56
C ILE C 323 -9.86 -42.79 -3.37
N THR C 324 -8.71 -43.22 -2.85
CA THR C 324 -8.68 -44.20 -1.76
C THR C 324 -9.12 -43.59 -0.43
N GLY C 325 -10.15 -44.18 0.16
CA GLY C 325 -10.64 -43.73 1.45
C GLY C 325 -10.19 -44.64 2.59
N ALA C 326 -10.97 -44.64 3.67
CA ALA C 326 -10.64 -45.47 4.83
C ALA C 326 -10.80 -46.96 4.53
N GLY C 327 -9.75 -47.73 4.74
CA GLY C 327 -9.80 -49.17 4.55
C GLY C 327 -9.60 -49.62 3.12
N GLY C 328 -9.04 -48.76 2.29
CA GLY C 328 -8.75 -49.11 0.91
C GLY C 328 -9.94 -48.95 0.00
N LYS C 329 -11.12 -48.80 0.59
CA LYS C 329 -12.35 -48.58 -0.16
C LYS C 329 -12.20 -47.45 -1.17
N LYS C 330 -12.46 -47.77 -2.43
CA LYS C 330 -12.35 -46.77 -3.49
C LYS C 330 -13.50 -45.81 -3.44
N TYR C 331 -13.18 -44.53 -3.30
CA TYR C 331 -14.18 -43.50 -3.45
C TYR C 331 -14.00 -42.73 -4.74
N ARG C 332 -14.41 -41.49 -4.73
CA ARG C 332 -15.07 -40.93 -5.89
C ARG C 332 -15.15 -39.46 -5.72
N ILE C 333 -15.00 -38.73 -6.82
CA ILE C 333 -15.09 -37.27 -6.76
C ILE C 333 -16.40 -36.87 -6.12
N SER C 334 -17.50 -37.39 -6.63
CA SER C 334 -18.83 -37.04 -6.13
C SER C 334 -19.19 -37.71 -4.80
N THR C 335 -18.41 -38.72 -4.39
CA THR C 335 -18.71 -39.43 -3.15
C THR C 335 -17.59 -39.38 -2.10
N ALA C 336 -16.51 -38.65 -2.40
CA ALA C 336 -15.44 -38.47 -1.41
C ALA C 336 -15.95 -37.76 -0.16
N ILE C 337 -17.04 -37.00 -0.33
CA ILE C 337 -17.67 -36.29 0.78
C ILE C 337 -18.24 -37.22 1.85
N ASP C 338 -18.43 -38.49 1.51
CA ASP C 338 -19.00 -39.47 2.42
C ASP C 338 -17.96 -40.06 3.39
N ASP C 339 -16.69 -39.93 3.03
CA ASP C 339 -15.59 -40.43 3.85
C ASP C 339 -14.46 -39.41 3.96
N MET C 340 -14.24 -38.92 5.17
CA MET C 340 -13.30 -37.84 5.40
C MET C 340 -11.84 -38.16 5.06
N GLU C 341 -11.43 -39.42 5.26
CA GLU C 341 -10.06 -39.83 4.90
C GLU C 341 -9.83 -39.65 3.40
N ALA C 342 -10.88 -39.90 2.61
CA ALA C 342 -10.81 -39.71 1.17
C ALA C 342 -10.91 -38.23 0.80
N TYR C 343 -11.88 -37.54 1.36
CA TYR C 343 -12.11 -36.12 1.09
C TYR C 343 -10.87 -35.29 1.40
N THR C 344 -10.07 -35.77 2.35
CA THR C 344 -8.79 -35.15 2.69
C THR C 344 -7.87 -35.12 1.47
N LYS C 345 -8.05 -36.10 0.58
CA LYS C 345 -7.23 -36.17 -0.62
C LYS C 345 -7.91 -35.56 -1.84
N LEU C 346 -9.08 -34.96 -1.63
CA LEU C 346 -9.80 -34.33 -2.73
C LEU C 346 -9.49 -32.82 -2.81
N THR C 347 -8.58 -32.44 -3.70
CA THR C 347 -8.22 -31.02 -3.87
C THR C 347 -8.17 -30.61 -5.34
N ASP C 348 -7.56 -29.45 -5.60
CA ASP C 348 -7.44 -28.94 -6.96
C ASP C 348 -6.62 -29.89 -7.84
N ASN C 349 -5.81 -30.73 -7.21
CA ASN C 349 -4.98 -31.70 -7.93
C ASN C 349 -5.75 -32.55 -8.93
N ILE C 350 -7.02 -32.80 -8.62
CA ILE C 350 -7.92 -33.55 -9.50
C ILE C 350 -7.88 -32.96 -10.92
N PHE C 351 -8.02 -31.64 -11.00
CA PHE C 351 -7.91 -30.91 -12.26
C PHE C 351 -6.71 -31.45 -13.03
N LEU C 352 -5.55 -31.38 -12.40
CA LEU C 352 -4.32 -31.80 -13.06
C LEU C 352 -4.33 -33.31 -13.37
N GLU C 353 -4.84 -34.12 -12.46
CA GLU C 353 -4.93 -35.55 -12.72
C GLU C 353 -5.69 -35.80 -14.01
N ILE C 354 -6.75 -35.04 -14.24
CA ILE C 354 -7.54 -35.21 -15.45
C ILE C 354 -6.73 -34.70 -16.64
N LEU C 355 -6.10 -33.55 -16.46
CA LEU C 355 -5.40 -32.90 -17.56
C LEU C 355 -4.23 -33.75 -18.05
N TYR C 356 -3.51 -34.35 -17.12
CA TYR C 356 -2.31 -35.12 -17.45
C TYR C 356 -2.62 -36.58 -17.80
N SER C 357 -3.89 -36.96 -17.75
CA SER C 357 -4.27 -38.37 -17.95
C SER C 357 -4.02 -38.87 -19.37
N THR C 358 -3.91 -40.19 -19.52
CA THR C 358 -3.77 -40.81 -20.84
C THR C 358 -4.89 -41.82 -21.06
N ASP C 359 -5.68 -42.07 -20.02
CA ASP C 359 -6.78 -43.03 -20.08
C ASP C 359 -7.84 -42.57 -21.08
N PRO C 360 -8.20 -43.44 -22.03
CA PRO C 360 -9.19 -43.12 -23.07
C PRO C 360 -10.57 -42.81 -22.52
N LYS C 361 -10.98 -43.50 -21.44
CA LYS C 361 -12.24 -43.21 -20.77
C LYS C 361 -12.28 -41.75 -20.35
N LEU C 362 -11.11 -41.20 -20.03
CA LEU C 362 -11.00 -39.84 -19.53
C LEU C 362 -10.89 -38.80 -20.64
N LYS C 363 -10.76 -39.27 -21.89
CA LYS C 363 -10.61 -38.37 -23.03
C LYS C 363 -11.60 -37.22 -22.98
N ASP C 364 -12.88 -37.57 -22.85
CA ASP C 364 -13.97 -36.59 -22.80
C ASP C 364 -13.73 -35.47 -21.79
N ALA C 365 -13.30 -35.83 -20.59
CA ALA C 365 -13.02 -34.81 -19.58
C ALA C 365 -11.80 -34.03 -20.02
N ARG C 366 -10.77 -34.76 -20.42
CA ARG C 366 -9.48 -34.20 -20.78
C ARG C 366 -9.63 -33.08 -21.80
N GLU C 367 -10.28 -33.40 -22.91
CA GLU C 367 -10.52 -32.42 -23.96
C GLU C 367 -11.03 -31.10 -23.39
N ILE C 368 -12.03 -31.19 -22.53
CA ILE C 368 -12.63 -29.98 -21.97
C ILE C 368 -11.58 -29.14 -21.25
N LEU C 369 -10.83 -29.78 -20.36
CA LEU C 369 -9.78 -29.05 -19.64
C LEU C 369 -8.78 -28.46 -20.63
N LYS C 370 -8.48 -29.21 -21.70
CA LYS C 370 -7.56 -28.72 -22.71
C LYS C 370 -8.11 -27.47 -23.39
N GLN C 371 -9.42 -27.42 -23.64
CA GLN C 371 -10.00 -26.26 -24.29
C GLN C 371 -9.91 -25.04 -23.37
N ILE C 372 -9.80 -25.29 -22.07
CA ILE C 372 -9.59 -24.18 -21.14
C ILE C 372 -8.19 -23.62 -21.35
N GLU C 373 -7.21 -24.51 -21.53
CA GLU C 373 -5.82 -24.09 -21.74
C GLU C 373 -5.62 -23.32 -23.05
N TYR C 374 -6.33 -23.73 -24.10
CA TYR C 374 -6.25 -23.03 -25.39
C TYR C 374 -7.16 -21.80 -25.42
N ARG C 375 -7.87 -21.58 -24.32
CA ARG C 375 -8.79 -20.44 -24.18
C ARG C 375 -9.94 -20.51 -25.18
N ASN C 376 -10.38 -21.73 -25.48
CA ASN C 376 -11.57 -21.93 -26.30
C ASN C 376 -12.75 -22.16 -25.37
N LEU C 377 -13.28 -21.07 -24.83
CA LEU C 377 -14.35 -21.12 -23.84
C LEU C 377 -15.70 -20.90 -24.50
N PHE C 378 -16.76 -21.28 -23.80
CA PHE C 378 -18.11 -20.96 -24.24
C PHE C 378 -18.21 -19.45 -24.34
N LYS C 379 -18.84 -18.96 -25.40
CA LYS C 379 -18.90 -17.53 -25.63
C LYS C 379 -20.00 -16.88 -24.80
N TYR C 380 -19.70 -15.70 -24.26
CA TYR C 380 -20.67 -14.93 -23.50
C TYR C 380 -21.65 -14.28 -24.47
N VAL C 381 -22.95 -14.51 -24.27
CA VAL C 381 -23.95 -13.87 -25.11
C VAL C 381 -24.54 -12.65 -24.41
N GLY C 382 -24.84 -12.78 -23.13
CA GLY C 382 -25.29 -11.59 -22.43
C GLY C 382 -25.91 -11.69 -21.06
N GLU C 383 -26.28 -10.54 -20.51
CA GLU C 383 -26.90 -10.49 -19.19
C GLU C 383 -28.24 -9.75 -19.25
N THR C 384 -29.21 -10.24 -18.49
CA THR C 384 -30.48 -9.55 -18.34
C THR C 384 -30.99 -9.73 -16.92
N GLN C 385 -32.07 -9.04 -16.58
CA GLN C 385 -32.69 -9.17 -15.27
C GLN C 385 -34.20 -9.27 -15.39
N PRO C 386 -34.84 -10.02 -14.48
CA PRO C 386 -36.30 -10.01 -14.36
C PRO C 386 -36.83 -8.61 -14.02
N THR C 387 -38.11 -8.40 -14.28
CA THR C 387 -38.79 -7.15 -13.92
C THR C 387 -39.77 -7.42 -12.78
N GLY C 388 -40.42 -6.36 -12.32
CA GLY C 388 -41.52 -6.45 -11.37
C GLY C 388 -41.42 -7.47 -10.24
N GLN C 389 -42.30 -8.46 -10.28
CA GLN C 389 -42.43 -9.43 -9.20
C GLN C 389 -41.87 -10.80 -9.56
N ILE C 390 -41.28 -10.89 -10.76
CA ILE C 390 -40.77 -12.17 -11.25
C ILE C 390 -39.56 -12.65 -10.44
N LYS C 391 -39.63 -13.88 -9.97
CA LYS C 391 -38.53 -14.53 -9.25
C LYS C 391 -38.24 -15.89 -9.86
N ILE C 392 -37.17 -15.97 -10.65
CA ILE C 392 -36.79 -17.23 -11.30
C ILE C 392 -36.41 -18.28 -10.24
N LYS C 393 -37.22 -19.31 -10.12
CA LYS C 393 -37.00 -20.33 -9.09
C LYS C 393 -36.08 -21.45 -9.55
N ARG C 394 -35.47 -22.13 -8.57
CA ARG C 394 -34.51 -23.21 -8.80
C ARG C 394 -35.01 -24.27 -9.77
N GLU C 395 -36.30 -24.57 -9.71
CA GLU C 395 -36.88 -25.67 -10.48
C GLU C 395 -37.20 -25.28 -11.92
N ASP C 396 -36.70 -24.13 -12.36
CA ASP C 396 -36.96 -23.61 -13.70
C ASP C 396 -35.65 -23.41 -14.49
N TYR C 397 -34.53 -23.42 -13.75
CA TYR C 397 -33.19 -23.28 -14.32
C TYR C 397 -32.96 -24.26 -15.45
N GLU C 398 -33.40 -25.49 -15.27
CA GLU C 398 -33.20 -26.54 -16.26
C GLU C 398 -34.03 -26.26 -17.52
N SER C 399 -35.19 -25.64 -17.33
CA SER C 399 -36.08 -25.31 -18.43
C SER C 399 -35.56 -24.11 -19.23
N LEU C 400 -34.77 -23.26 -18.60
CA LEU C 400 -34.28 -22.02 -19.23
C LEU C 400 -33.58 -22.12 -20.62
N PRO C 401 -32.64 -23.07 -20.82
CA PRO C 401 -31.97 -23.12 -22.13
C PRO C 401 -32.94 -23.43 -23.27
N LYS C 402 -33.94 -24.26 -23.00
CA LYS C 402 -34.94 -24.63 -23.99
C LYS C 402 -35.72 -23.39 -24.45
N GLU C 403 -36.03 -22.52 -23.49
CA GLU C 403 -36.78 -21.29 -23.76
C GLU C 403 -36.07 -20.36 -24.74
N VAL C 404 -34.79 -20.11 -24.51
CA VAL C 404 -34.00 -19.28 -25.44
C VAL C 404 -33.97 -19.95 -26.81
N ALA C 405 -33.68 -21.25 -26.81
CA ALA C 405 -33.61 -22.03 -28.04
C ALA C 405 -34.93 -22.03 -28.80
N SER C 406 -36.02 -21.84 -28.08
CA SER C 406 -37.35 -21.86 -28.67
C SER C 406 -37.88 -20.46 -28.97
N ALA C 407 -36.98 -19.49 -29.08
CA ALA C 407 -37.37 -18.11 -29.43
C ALA C 407 -37.45 -17.91 -30.95
N LYS C 408 -38.45 -17.16 -31.37
CA LYS C 408 -38.68 -16.92 -32.81
C LYS C 408 -38.58 -15.42 -33.11
N PRO C 409 -37.37 -14.96 -33.47
CA PRO C 409 -37.00 -13.54 -33.53
C PRO C 409 -37.41 -12.78 -34.79
N LYS C 410 -37.99 -13.48 -35.78
CA LYS C 410 -38.35 -12.85 -37.06
C LYS C 410 -37.12 -12.23 -37.73
N VAL C 411 -36.03 -13.00 -37.76
CA VAL C 411 -34.78 -12.58 -38.38
C VAL C 411 -34.21 -13.72 -39.22
N LEU C 412 -33.49 -13.38 -40.28
CA LEU C 412 -32.77 -14.37 -41.08
C LEU C 412 -31.61 -14.98 -40.29
N LEU C 413 -31.62 -16.30 -40.15
CA LEU C 413 -30.53 -17.02 -39.52
C LEU C 413 -29.95 -18.03 -40.50
N ASP C 414 -28.64 -17.95 -40.73
CA ASP C 414 -27.95 -18.96 -41.51
C ASP C 414 -28.08 -20.29 -40.78
N VAL C 415 -27.99 -20.22 -39.45
CA VAL C 415 -28.04 -21.41 -38.60
C VAL C 415 -29.07 -21.28 -37.47
N LYS C 416 -29.75 -22.39 -37.18
CA LYS C 416 -30.62 -22.45 -36.01
C LYS C 416 -29.91 -23.26 -34.92
N LEU C 417 -30.21 -22.99 -33.65
CA LEU C 417 -29.50 -23.62 -32.54
C LEU C 417 -30.44 -24.40 -31.63
N LYS C 418 -29.89 -25.39 -30.91
CA LYS C 418 -30.68 -26.25 -30.04
C LYS C 418 -30.51 -25.90 -28.56
N ALA C 419 -31.26 -26.57 -27.70
CA ALA C 419 -31.19 -26.33 -26.26
C ALA C 419 -29.78 -26.58 -25.72
N GLU C 420 -29.20 -27.70 -26.13
CA GLU C 420 -27.84 -28.09 -25.73
C GLU C 420 -26.84 -26.95 -25.84
N ASP C 421 -26.95 -26.16 -26.90
CA ASP C 421 -25.98 -25.11 -27.21
C ASP C 421 -25.96 -23.99 -26.18
N PHE C 422 -26.94 -23.99 -25.27
CA PHE C 422 -27.10 -22.85 -24.38
C PHE C 422 -26.75 -23.12 -22.93
N ILE C 423 -26.18 -22.11 -22.28
CA ILE C 423 -25.99 -22.13 -20.85
C ILE C 423 -26.64 -20.90 -20.23
N VAL C 424 -27.59 -21.15 -19.35
CA VAL C 424 -28.25 -20.07 -18.64
C VAL C 424 -27.90 -20.17 -17.15
N ASP C 425 -27.17 -19.17 -16.67
CA ASP C 425 -26.69 -19.12 -15.30
C ASP C 425 -27.51 -18.07 -14.56
N VAL C 426 -28.15 -18.48 -13.47
CA VAL C 426 -28.90 -17.54 -12.65
C VAL C 426 -28.12 -17.25 -11.38
N ILE C 427 -27.96 -15.97 -11.07
CA ILE C 427 -27.11 -15.56 -9.95
C ILE C 427 -27.89 -14.67 -8.98
N ASN C 428 -28.01 -15.14 -7.74
CA ASN C 428 -28.72 -14.41 -6.70
C ASN C 428 -27.81 -13.48 -5.92
N MET C 429 -27.89 -12.19 -6.22
CA MET C 429 -27.11 -11.18 -5.52
C MET C 429 -27.93 -10.65 -4.34
N ASP C 430 -27.36 -10.67 -3.14
CA ASP C 430 -28.08 -10.14 -1.98
C ASP C 430 -27.17 -9.76 -0.83
N TYR C 431 -27.74 -9.13 0.19
CA TYR C 431 -26.97 -8.70 1.35
C TYR C 431 -26.81 -9.82 2.39
N GLY C 432 -27.04 -11.05 1.96
CA GLY C 432 -26.73 -12.21 2.79
C GLY C 432 -27.88 -12.74 3.62
N MET C 433 -29.03 -12.06 3.55
CA MET C 433 -30.22 -12.51 4.27
C MET C 433 -31.44 -12.44 3.38
N GLN C 434 -31.34 -13.05 2.19
CA GLN C 434 -32.43 -13.09 1.24
C GLN C 434 -32.90 -11.68 0.89
N GLU C 435 -34.17 -11.38 1.15
CA GLU C 435 -34.72 -10.07 0.83
C GLU C 435 -34.57 -9.08 1.99
N LYS C 436 -34.01 -9.55 3.10
CA LYS C 436 -33.99 -8.76 4.32
C LYS C 436 -32.80 -7.79 4.43
N ASN C 437 -33.02 -6.69 5.15
CA ASN C 437 -31.95 -5.76 5.50
C ASN C 437 -31.21 -6.28 6.72
N PRO C 438 -29.94 -6.67 6.54
CA PRO C 438 -29.18 -7.24 7.66
C PRO C 438 -28.90 -6.21 8.74
N ILE C 439 -28.88 -4.92 8.39
CA ILE C 439 -28.61 -3.87 9.36
C ILE C 439 -29.79 -3.72 10.36
N ASP C 440 -30.97 -4.17 9.94
CA ASP C 440 -32.12 -4.21 10.86
C ASP C 440 -31.93 -5.26 11.94
N HIS C 441 -30.91 -6.10 11.78
CA HIS C 441 -30.61 -7.14 12.75
C HIS C 441 -29.30 -6.86 13.47
N VAL C 442 -28.96 -5.57 13.54
CA VAL C 442 -27.76 -5.10 14.21
C VAL C 442 -28.15 -4.22 15.39
N SER C 443 -27.46 -4.40 16.52
CA SER C 443 -27.69 -3.56 17.69
C SER C 443 -26.57 -2.53 17.81
N PHE C 444 -26.95 -1.30 18.13
CA PHE C 444 -25.98 -0.23 18.27
C PHE C 444 -25.93 0.31 19.70
N TYR C 445 -24.97 1.20 19.96
CA TYR C 445 -24.89 1.87 21.25
C TYR C 445 -24.50 3.32 21.04
N CYS C 446 -24.87 4.16 22.00
CA CYS C 446 -24.57 5.58 21.92
C CYS C 446 -23.51 5.97 22.93
N LYS C 447 -22.74 7.00 22.58
CA LYS C 447 -21.64 7.49 23.39
C LYS C 447 -22.04 7.90 24.81
N THR C 448 -23.24 8.43 24.95
CA THR C 448 -23.72 8.93 26.25
C THR C 448 -24.15 7.81 27.21
N ALA C 449 -24.44 6.62 26.67
CA ALA C 449 -24.85 5.48 27.48
C ALA C 449 -24.40 4.16 26.85
N PRO C 450 -23.10 3.85 26.96
CA PRO C 450 -22.44 2.77 26.21
C PRO C 450 -23.03 1.37 26.44
N ASN C 451 -23.78 1.18 27.52
CA ASN C 451 -24.27 -0.14 27.88
C ASN C 451 -25.75 -0.35 27.52
N ARG C 452 -26.28 0.54 26.70
CA ARG C 452 -27.70 0.52 26.35
C ARG C 452 -27.90 0.30 24.86
N ALA C 453 -28.36 -0.88 24.49
CA ALA C 453 -28.50 -1.24 23.07
C ALA C 453 -29.72 -0.60 22.42
N ILE C 454 -29.53 -0.11 21.19
CA ILE C 454 -30.59 0.53 20.43
C ILE C 454 -30.66 -0.01 19.01
N ARG C 455 -31.73 0.37 18.32
CA ARG C 455 -31.93 -0.03 16.94
C ARG C 455 -31.78 1.21 16.05
N ILE C 456 -31.34 1.01 14.82
CA ILE C 456 -31.33 2.10 13.84
C ILE C 456 -31.98 1.62 12.55
N THR C 457 -32.88 2.43 12.01
CA THR C 457 -33.60 2.09 10.80
C THR C 457 -32.94 2.77 9.60
N LYS C 458 -33.26 2.30 8.39
CA LYS C 458 -32.61 2.79 7.18
C LYS C 458 -32.89 4.26 6.92
N ASN C 459 -34.07 4.73 7.34
CA ASN C 459 -34.44 6.12 7.13
C ASN C 459 -33.73 7.08 8.10
N GLN C 460 -33.16 6.51 9.15
CA GLN C 460 -32.36 7.29 10.09
C GLN C 460 -30.94 7.48 9.55
N VAL C 461 -30.64 6.82 8.44
CA VAL C 461 -29.29 6.84 7.85
C VAL C 461 -29.20 7.67 6.58
N SER C 462 -29.75 7.15 5.48
CA SER C 462 -29.67 7.85 4.20
C SER C 462 -30.77 7.46 3.23
N GLN C 463 -31.18 8.41 2.39
CA GLN C 463 -32.20 8.17 1.37
C GLN C 463 -31.55 7.69 0.08
N LEU C 464 -30.24 7.49 0.14
CA LEU C 464 -29.47 7.03 -1.02
C LEU C 464 -29.09 5.55 -0.89
N LEU C 465 -29.62 4.90 0.13
CA LEU C 465 -29.34 3.49 0.39
C LEU C 465 -30.18 2.57 -0.50
N PRO C 466 -29.83 1.28 -0.59
CA PRO C 466 -30.65 0.39 -1.42
C PRO C 466 -32.09 0.32 -0.92
N GLU C 467 -33.05 0.25 -1.83
CA GLU C 467 -34.44 0.05 -1.46
C GLU C 467 -34.78 -1.43 -1.55
N LYS C 468 -33.83 -2.18 -2.10
CA LYS C 468 -33.93 -3.63 -2.19
C LYS C 468 -32.64 -4.25 -1.68
N PHE C 469 -32.71 -5.51 -1.26
CA PHE C 469 -31.53 -6.18 -0.72
C PHE C 469 -31.29 -7.54 -1.35
N ALA C 470 -32.02 -7.80 -2.44
CA ALA C 470 -31.81 -8.98 -3.27
C ALA C 470 -32.24 -8.72 -4.71
N GLU C 471 -31.51 -9.31 -5.66
CA GLU C 471 -31.86 -9.26 -7.07
C GLU C 471 -31.27 -10.47 -7.79
N GLN C 472 -31.70 -10.68 -9.03
CA GLN C 472 -31.23 -11.81 -9.83
C GLN C 472 -30.59 -11.36 -11.14
N LEU C 473 -29.47 -11.99 -11.48
CA LEU C 473 -28.80 -11.72 -12.76
C LEU C 473 -28.85 -12.97 -13.63
N ILE C 474 -29.22 -12.80 -14.88
CA ILE C 474 -29.28 -13.92 -15.82
C ILE C 474 -28.17 -13.79 -16.88
N ARG C 475 -27.20 -14.71 -16.84
CA ARG C 475 -26.15 -14.75 -17.87
C ARG C 475 -26.35 -15.89 -18.85
N VAL C 476 -26.23 -15.59 -20.13
CA VAL C 476 -26.37 -16.61 -21.16
C VAL C 476 -25.10 -16.73 -22.00
N TYR C 477 -24.71 -17.99 -22.21
CA TYR C 477 -23.57 -18.34 -23.05
C TYR C 477 -24.03 -19.32 -24.13
N CYS C 478 -23.25 -19.40 -25.20
CA CYS C 478 -23.47 -20.42 -26.23
C CYS C 478 -22.23 -21.29 -26.41
N LYS C 479 -22.43 -22.60 -26.46
CA LYS C 479 -21.32 -23.55 -26.61
C LYS C 479 -20.82 -23.61 -28.05
N LYS C 480 -21.55 -22.98 -28.96
CA LYS C 480 -21.12 -22.89 -30.34
C LYS C 480 -20.44 -21.54 -30.57
N VAL C 481 -19.15 -21.58 -30.88
CA VAL C 481 -18.28 -20.42 -30.80
C VAL C 481 -17.98 -19.73 -32.12
N ASP C 482 -18.47 -20.29 -33.23
CA ASP C 482 -18.29 -19.64 -34.52
C ASP C 482 -19.15 -18.37 -34.62
N ARG C 483 -18.71 -17.42 -35.44
CA ARG C 483 -19.38 -16.11 -35.57
C ARG C 483 -20.86 -16.19 -35.92
N LYS C 484 -21.19 -17.05 -36.87
CA LYS C 484 -22.56 -17.30 -37.32
C LYS C 484 -23.45 -17.75 -36.17
N SER C 485 -23.01 -18.81 -35.49
CA SER C 485 -23.70 -19.34 -34.32
C SER C 485 -23.90 -18.30 -33.23
N LEU C 486 -22.89 -17.45 -33.05
CA LEU C 486 -22.93 -16.43 -32.00
C LEU C 486 -23.95 -15.34 -32.32
N TYR C 487 -23.95 -14.87 -33.57
CA TYR C 487 -24.97 -13.93 -34.02
C TYR C 487 -26.37 -14.50 -33.77
N ALA C 488 -26.54 -15.76 -34.18
CA ALA C 488 -27.80 -16.46 -33.92
C ALA C 488 -28.17 -16.40 -32.44
N ALA C 489 -27.24 -16.84 -31.59
CA ALA C 489 -27.43 -16.84 -30.14
C ALA C 489 -27.86 -15.48 -29.61
N ARG C 490 -27.31 -14.42 -30.19
CA ARG C 490 -27.68 -13.07 -29.77
C ARG C 490 -29.12 -12.73 -30.16
N GLN C 491 -29.50 -13.10 -31.37
CA GLN C 491 -30.89 -12.90 -31.82
C GLN C 491 -31.88 -13.63 -30.91
N TYR C 492 -31.67 -14.95 -30.78
CA TYR C 492 -32.47 -15.78 -29.87
C TYR C 492 -32.57 -15.14 -28.49
N PHE C 493 -31.41 -14.83 -27.91
CA PHE C 493 -31.34 -14.29 -26.54
C PHE C 493 -32.14 -13.01 -26.36
N VAL C 494 -31.89 -12.01 -27.21
CA VAL C 494 -32.63 -10.75 -27.06
C VAL C 494 -34.14 -10.98 -27.20
N GLN C 495 -34.54 -11.73 -28.23
CA GLN C 495 -35.97 -11.99 -28.41
C GLN C 495 -36.57 -12.68 -27.18
N TRP C 496 -35.77 -13.54 -26.55
CA TRP C 496 -36.14 -14.21 -25.31
C TRP C 496 -36.35 -13.19 -24.19
N CYS C 497 -35.47 -12.20 -24.12
CA CYS C 497 -35.57 -11.14 -23.11
C CYS C 497 -36.83 -10.30 -23.32
N ALA C 498 -37.13 -10.01 -24.59
CA ALA C 498 -38.32 -9.24 -24.93
C ALA C 498 -39.59 -10.03 -24.61
N ASP C 499 -39.51 -11.35 -24.76
CA ASP C 499 -40.66 -12.21 -24.51
C ASP C 499 -40.97 -12.39 -23.02
N ARG C 500 -39.94 -12.69 -22.22
CA ARG C 500 -40.12 -12.86 -20.79
C ARG C 500 -40.21 -11.51 -20.08
N ASN C 501 -40.25 -10.43 -20.85
CA ASN C 501 -40.23 -9.06 -20.32
C ASN C 501 -39.12 -8.82 -19.32
N PHE C 502 -37.93 -9.31 -19.65
CA PHE C 502 -36.73 -9.04 -18.86
C PHE C 502 -36.19 -7.67 -19.25
N THR C 503 -35.15 -7.22 -18.56
CA THR C 503 -34.55 -5.93 -18.91
C THR C 503 -33.80 -6.05 -20.23
N LYS C 504 -33.80 -4.96 -20.98
CA LYS C 504 -33.04 -4.87 -22.22
C LYS C 504 -31.55 -5.01 -21.91
N PRO C 505 -30.86 -5.90 -22.66
CA PRO C 505 -29.42 -6.05 -22.44
C PRO C 505 -28.71 -4.76 -22.79
N GLN C 506 -27.58 -4.46 -22.14
CA GLN C 506 -26.90 -3.18 -22.34
C GLN C 506 -26.46 -2.96 -23.78
N ASP C 507 -25.99 -4.02 -24.43
CA ASP C 507 -25.55 -3.92 -25.83
C ASP C 507 -26.67 -4.29 -26.81
N GLY C 508 -27.90 -4.23 -26.33
CA GLY C 508 -29.06 -4.67 -27.10
C GLY C 508 -29.22 -4.02 -28.47
N ASP C 509 -29.00 -2.71 -28.54
CA ASP C 509 -29.19 -1.97 -29.79
C ASP C 509 -28.02 -2.11 -30.76
N VAL C 510 -27.04 -2.96 -30.41
CA VAL C 510 -25.89 -3.19 -31.28
C VAL C 510 -25.83 -4.66 -31.74
N ILE C 511 -26.23 -5.58 -30.87
CA ILE C 511 -26.17 -7.01 -31.18
C ILE C 511 -27.47 -7.55 -31.80
N ALA C 512 -28.58 -6.85 -31.59
CA ALA C 512 -29.86 -7.25 -32.14
C ALA C 512 -30.70 -6.05 -32.55
N PRO C 513 -30.25 -5.32 -33.59
CA PRO C 513 -30.90 -4.04 -33.92
C PRO C 513 -32.27 -4.21 -34.58
N LEU C 514 -32.54 -5.41 -35.09
CA LEU C 514 -33.81 -5.69 -35.76
C LEU C 514 -34.84 -6.33 -34.82
N ILE C 515 -34.59 -6.23 -33.52
CA ILE C 515 -35.45 -6.90 -32.53
C ILE C 515 -35.82 -5.95 -31.38
N THR C 516 -34.85 -5.14 -30.98
CA THR C 516 -35.06 -4.10 -29.96
C THR C 516 -36.12 -3.02 -30.28
N PRO C 517 -36.42 -2.76 -31.57
CA PRO C 517 -37.51 -1.79 -31.72
C PRO C 517 -38.91 -2.39 -31.56
N GLN C 518 -39.00 -3.66 -31.18
CA GLN C 518 -40.29 -4.31 -31.00
C GLN C 518 -40.82 -4.11 -29.58
N LYS C 519 -39.93 -3.77 -28.66
CA LYS C 519 -40.27 -3.72 -27.24
C LYS C 519 -40.41 -2.27 -26.77
N LYS C 520 -41.64 -1.84 -26.57
CA LYS C 520 -41.91 -0.45 -26.18
C LYS C 520 -41.33 -0.05 -24.82
N GLU C 521 -41.37 -0.98 -23.86
CA GLU C 521 -40.76 -0.73 -22.55
C GLU C 521 -39.29 -0.37 -22.71
N TRP C 522 -38.67 -0.91 -23.75
CA TRP C 522 -37.28 -0.64 -24.05
C TRP C 522 -37.12 0.67 -24.83
N ASN C 523 -38.24 1.24 -25.25
CA ASN C 523 -38.24 2.50 -25.99
C ASN C 523 -39.08 3.57 -25.31
N ASP D 37 -11.75 13.94 30.02
CA ASP D 37 -12.66 13.03 30.71
C ASP D 37 -12.53 11.60 30.18
N THR D 38 -12.72 11.43 28.87
CA THR D 38 -12.63 10.09 28.29
C THR D 38 -11.65 9.99 27.12
N MET D 39 -11.23 8.76 26.80
CA MET D 39 -10.24 8.55 25.75
C MET D 39 -10.76 8.93 24.38
N LYS D 40 -9.85 9.23 23.46
CA LYS D 40 -10.24 9.57 22.10
C LYS D 40 -9.53 8.66 21.10
N VAL D 41 -10.18 8.35 19.98
CA VAL D 41 -9.52 7.59 18.91
C VAL D 41 -9.12 8.56 17.80
N ILE D 42 -7.93 8.38 17.25
CA ILE D 42 -7.48 9.20 16.13
C ILE D 42 -7.05 8.31 14.97
N ASN D 43 -7.58 8.59 13.77
CA ASN D 43 -7.21 7.81 12.59
C ASN D 43 -5.99 8.39 11.90
N ASP D 44 -4.91 7.62 11.88
CA ASP D 44 -3.64 8.02 11.30
C ASP D 44 -3.32 7.15 10.09
N PRO D 45 -2.85 7.76 9.00
CA PRO D 45 -2.54 7.01 7.77
C PRO D 45 -1.43 5.96 7.95
N ILE D 46 -0.57 6.15 8.93
CA ILE D 46 0.50 5.18 9.17
C ILE D 46 0.04 4.07 10.11
N HIS D 47 -0.47 4.47 11.27
CA HIS D 47 -0.72 3.51 12.34
C HIS D 47 -2.17 3.07 12.46
N GLY D 48 -3.06 3.71 11.72
CA GLY D 48 -4.47 3.37 11.82
C GLY D 48 -5.06 4.00 13.07
N HIS D 49 -5.95 3.28 13.75
CA HIS D 49 -6.65 3.86 14.90
C HIS D 49 -5.81 3.86 16.19
N ILE D 50 -5.46 5.06 16.62
CA ILE D 50 -4.63 5.34 17.79
C ILE D 50 -5.49 5.74 18.99
N GLU D 51 -5.43 4.98 20.07
CA GLU D 51 -6.17 5.31 21.30
C GLU D 51 -5.39 6.22 22.24
N LEU D 52 -6.00 7.36 22.57
CA LEU D 52 -5.38 8.35 23.45
C LEU D 52 -6.12 8.47 24.78
N HIS D 53 -5.44 8.05 25.84
CA HIS D 53 -5.87 8.27 27.23
C HIS D 53 -6.16 9.76 27.47
N PRO D 54 -7.19 10.08 28.28
CA PRO D 54 -7.61 11.46 28.55
C PRO D 54 -6.50 12.40 29.02
N LEU D 55 -5.50 11.87 29.73
CA LEU D 55 -4.38 12.70 30.18
C LEU D 55 -3.54 13.15 28.97
N LEU D 56 -3.37 12.23 28.02
CA LEU D 56 -2.63 12.51 26.81
C LEU D 56 -3.39 13.54 25.97
N VAL D 57 -4.71 13.43 25.96
CA VAL D 57 -5.55 14.37 25.23
C VAL D 57 -5.44 15.75 25.88
N ARG D 58 -5.39 15.76 27.21
CA ARG D 58 -5.22 17.01 27.95
C ARG D 58 -3.91 17.68 27.56
N ILE D 59 -2.84 16.90 27.55
CA ILE D 59 -1.54 17.41 27.13
C ILE D 59 -1.53 17.94 25.68
N ILE D 60 -2.16 17.18 24.78
CA ILE D 60 -2.17 17.50 23.36
C ILE D 60 -2.96 18.78 23.03
N ASP D 61 -4.06 19.02 23.72
CA ASP D 61 -4.92 20.16 23.39
C ASP D 61 -4.48 21.44 24.10
N THR D 62 -3.23 21.82 23.87
CA THR D 62 -2.63 23.05 24.40
C THR D 62 -1.89 23.78 23.27
N PRO D 63 -1.72 25.10 23.42
CA PRO D 63 -1.00 25.87 22.38
C PRO D 63 0.41 25.35 22.14
N GLN D 64 1.10 24.96 23.20
CA GLN D 64 2.47 24.45 23.11
C GLN D 64 2.60 23.23 22.22
N PHE D 65 1.60 22.34 22.26
CA PHE D 65 1.62 21.12 21.47
C PHE D 65 1.05 21.34 20.08
N GLN D 66 -0.10 22.01 20.01
CA GLN D 66 -0.77 22.27 18.74
C GLN D 66 0.10 23.13 17.83
N ARG D 67 1.02 23.86 18.44
CA ARG D 67 2.07 24.59 17.72
C ARG D 67 2.77 23.74 16.66
N LEU D 68 2.94 22.44 16.94
CA LEU D 68 3.67 21.54 16.05
C LEU D 68 2.96 21.28 14.72
N ARG D 69 1.70 21.70 14.61
CA ARG D 69 0.97 21.62 13.35
C ARG D 69 1.56 22.56 12.31
N TYR D 70 2.35 23.52 12.77
CA TYR D 70 2.78 24.62 11.91
C TYR D 70 4.28 24.58 11.68
N ILE D 71 4.86 23.39 11.82
CA ILE D 71 6.29 23.17 11.53
C ILE D 71 6.51 21.88 10.72
N LYS D 72 6.99 22.04 9.48
CA LYS D 72 7.21 20.89 8.58
C LYS D 72 8.27 19.94 9.12
N GLN D 73 7.95 18.65 9.16
CA GLN D 73 8.89 17.61 9.58
C GLN D 73 10.23 17.70 8.83
N LEU D 74 10.15 17.83 7.50
CA LEU D 74 11.33 17.75 6.65
C LEU D 74 11.78 19.11 6.09
N GLY D 75 11.17 20.18 6.61
CA GLY D 75 11.48 21.55 6.16
C GLY D 75 11.54 21.73 4.66
N GLY D 76 12.69 22.21 4.19
CA GLY D 76 12.90 22.51 2.78
C GLY D 76 12.71 21.31 1.87
N GLY D 77 12.67 20.12 2.47
CA GLY D 77 12.40 18.90 1.74
C GLY D 77 11.08 18.96 1.01
N TYR D 78 10.11 19.66 1.59
CA TYR D 78 8.79 19.82 0.94
C TYR D 78 8.92 20.52 -0.41
N TYR D 79 9.95 21.34 -0.57
CA TYR D 79 10.12 22.09 -1.80
C TYR D 79 10.83 21.26 -2.88
N VAL D 80 11.08 19.99 -2.58
CA VAL D 80 11.67 19.04 -3.53
C VAL D 80 10.77 17.80 -3.67
N PHE D 81 10.21 17.37 -2.54
CA PHE D 81 9.26 16.25 -2.49
C PHE D 81 7.89 16.80 -2.08
N PRO D 82 7.00 17.02 -3.06
CA PRO D 82 5.73 17.72 -2.76
C PRO D 82 4.78 16.92 -1.86
N GLY D 83 5.02 15.63 -1.70
CA GLY D 83 4.17 14.83 -0.84
C GLY D 83 4.51 15.01 0.63
N ALA D 84 5.69 15.57 0.89
CA ALA D 84 6.20 15.74 2.25
C ALA D 84 5.66 17.00 2.91
N SER D 85 4.33 17.07 2.99
CA SER D 85 3.64 18.21 3.60
C SER D 85 3.49 18.01 5.10
N HIS D 86 3.84 16.83 5.59
CA HIS D 86 3.56 16.47 6.98
C HIS D 86 4.34 17.31 7.99
N ASN D 87 3.72 17.55 9.14
CA ASN D 87 4.30 18.39 10.19
C ASN D 87 4.69 17.59 11.44
N ARG D 88 5.36 18.26 12.38
CA ARG D 88 5.85 17.60 13.59
C ARG D 88 4.72 17.07 14.49
N PHE D 89 3.51 17.61 14.32
CA PHE D 89 2.38 17.22 15.16
C PHE D 89 2.00 15.73 14.99
N GLU D 90 1.68 15.37 13.76
CA GLU D 90 1.27 13.99 13.46
C GLU D 90 2.38 12.98 13.78
N HIS D 91 3.63 13.38 13.54
CA HIS D 91 4.78 12.56 13.90
C HIS D 91 4.84 12.37 15.41
N SER D 92 4.58 13.43 16.17
CA SER D 92 4.53 13.34 17.63
C SER D 92 3.48 12.33 18.10
N LEU D 93 2.28 12.43 17.53
CA LEU D 93 1.23 11.45 17.82
C LEU D 93 1.72 10.01 17.55
N GLY D 94 2.33 9.82 16.39
CA GLY D 94 2.86 8.50 16.04
C GLY D 94 3.91 7.97 17.01
N VAL D 95 4.80 8.85 17.46
CA VAL D 95 5.85 8.45 18.41
C VAL D 95 5.25 8.05 19.77
N GLY D 96 4.28 8.83 20.25
CA GLY D 96 3.60 8.49 21.49
C GLY D 96 2.91 7.13 21.38
N TYR D 97 2.23 6.93 20.25
CA TYR D 97 1.58 5.64 19.98
C TYR D 97 2.59 4.49 20.04
N LEU D 98 3.68 4.60 19.29
CA LEU D 98 4.66 3.51 19.24
C LEU D 98 5.33 3.24 20.59
N ALA D 99 5.64 4.30 21.33
CA ALA D 99 6.21 4.14 22.67
C ALA D 99 5.25 3.33 23.56
N GLY D 100 3.97 3.72 23.50
CA GLY D 100 2.93 2.94 24.17
C GLY D 100 2.93 1.47 23.76
N CYS D 101 2.97 1.21 22.45
CA CYS D 101 3.00 -0.16 21.92
C CYS D 101 4.15 -1.00 22.48
N LEU D 102 5.35 -0.42 22.45
CA LEU D 102 6.52 -1.17 22.90
C LEU D 102 6.46 -1.46 24.41
N VAL D 103 6.15 -0.44 25.21
CA VAL D 103 6.09 -0.69 26.66
C VAL D 103 4.99 -1.70 27.02
N HIS D 104 3.83 -1.58 26.37
CA HIS D 104 2.74 -2.54 26.55
C HIS D 104 3.15 -3.96 26.20
N ALA D 105 3.79 -4.14 25.04
CA ALA D 105 4.25 -5.48 24.64
C ALA D 105 5.22 -6.07 25.66
N LEU D 106 6.20 -5.25 26.07
CA LEU D 106 7.16 -5.69 27.08
C LEU D 106 6.46 -6.15 28.37
N GLY D 107 5.53 -5.34 28.86
CA GLY D 107 4.79 -5.67 30.06
C GLY D 107 3.99 -6.95 29.93
N GLU D 108 3.34 -7.11 28.78
CA GLU D 108 2.51 -8.29 28.55
C GLU D 108 3.32 -9.58 28.49
N LYS D 109 4.44 -9.56 27.78
CA LYS D 109 5.27 -10.77 27.71
C LYS D 109 6.03 -11.06 29.00
N GLN D 110 6.37 -10.02 29.75
CA GLN D 110 7.19 -10.18 30.97
C GLN D 110 6.62 -9.45 32.19
N PRO D 111 5.58 -10.04 32.80
CA PRO D 111 4.91 -9.43 33.96
C PRO D 111 5.89 -9.19 35.10
N GLU D 112 6.98 -9.97 35.14
CA GLU D 112 7.95 -9.88 36.23
C GLU D 112 8.79 -8.59 36.21
N LEU D 113 8.58 -7.76 35.19
CA LEU D 113 9.26 -6.47 35.11
C LEU D 113 8.55 -5.41 35.94
N GLN D 114 7.31 -5.70 36.33
CA GLN D 114 6.49 -4.77 37.13
C GLN D 114 6.21 -3.42 36.46
N ILE D 115 6.03 -3.45 35.15
CA ILE D 115 5.63 -2.25 34.42
C ILE D 115 4.21 -1.86 34.84
N SER D 116 4.04 -0.65 35.37
CA SER D 116 2.75 -0.18 35.86
C SER D 116 2.02 0.65 34.81
N GLU D 117 0.75 0.94 35.04
CA GLU D 117 0.00 1.80 34.13
C GLU D 117 0.61 3.20 34.12
N ARG D 118 1.19 3.56 35.26
CA ARG D 118 1.89 4.83 35.43
C ARG D 118 3.13 4.90 34.55
N ASP D 119 3.90 3.82 34.52
CA ASP D 119 5.07 3.70 33.63
C ASP D 119 4.66 3.88 32.17
N VAL D 120 3.58 3.17 31.79
CA VAL D 120 3.06 3.23 30.43
C VAL D 120 2.69 4.67 30.06
N LEU D 121 1.94 5.33 30.94
CA LEU D 121 1.54 6.71 30.68
C LEU D 121 2.73 7.66 30.58
N CYS D 122 3.71 7.50 31.46
CA CYS D 122 4.90 8.37 31.41
C CYS D 122 5.71 8.17 30.12
N VAL D 123 5.83 6.93 29.69
CA VAL D 123 6.51 6.62 28.43
C VAL D 123 5.75 7.22 27.25
N GLN D 124 4.43 7.10 27.27
CA GLN D 124 3.59 7.71 26.24
C GLN D 124 3.76 9.22 26.17
N ILE D 125 3.77 9.88 27.33
CA ILE D 125 3.94 11.32 27.39
C ILE D 125 5.30 11.75 26.86
N ALA D 126 6.36 11.05 27.28
CA ALA D 126 7.68 11.35 26.75
C ALA D 126 7.73 11.19 25.24
N GLY D 127 7.08 10.14 24.74
CA GLY D 127 7.00 9.88 23.32
C GLY D 127 6.28 10.99 22.56
N LEU D 128 5.17 11.46 23.13
CA LEU D 128 4.36 12.52 22.53
C LEU D 128 5.09 13.85 22.53
N CYS D 129 5.93 14.07 23.55
CA CYS D 129 6.49 15.39 23.80
C CYS D 129 7.96 15.59 23.39
N ARG D 130 8.60 14.58 22.80
CA ARG D 130 10.02 14.73 22.46
C ARG D 130 10.28 15.50 21.15
N ASN D 131 9.23 16.08 20.58
CA ASN D 131 9.40 16.93 19.42
C ASN D 131 9.00 18.39 19.66
N LEU D 132 8.65 18.69 20.92
CA LEU D 132 8.18 20.01 21.30
C LEU D 132 9.22 21.11 21.04
N GLY D 133 10.49 20.74 21.04
CA GLY D 133 11.58 21.71 20.96
C GLY D 133 11.96 22.18 19.58
N HIS D 134 11.42 21.52 18.55
CA HIS D 134 11.75 21.90 17.17
C HIS D 134 11.28 23.31 16.79
N GLY D 135 12.09 23.98 15.96
CA GLY D 135 11.77 25.31 15.49
C GLY D 135 11.37 25.28 14.02
N PRO D 136 11.12 26.47 13.42
CA PRO D 136 10.70 26.61 12.02
C PRO D 136 11.52 25.74 11.07
N PHE D 137 10.82 24.99 10.22
CA PHE D 137 11.45 24.10 9.22
C PHE D 137 12.38 23.07 9.86
N SER D 138 12.05 22.70 11.10
CA SER D 138 12.73 21.67 11.86
C SER D 138 14.25 21.79 11.81
N HIS D 139 14.89 20.93 11.03
CA HIS D 139 16.35 20.86 11.07
C HIS D 139 17.08 22.05 10.47
N MET D 140 16.35 22.85 9.71
CA MET D 140 16.89 24.13 9.28
C MET D 140 17.20 25.00 10.51
N PHE D 141 16.30 25.01 11.49
CA PHE D 141 16.46 25.88 12.66
C PHE D 141 17.62 25.48 13.57
N ASP D 142 17.63 24.22 14.00
CA ASP D 142 18.66 23.78 14.94
C ASP D 142 19.98 23.36 14.27
N GLY D 143 19.90 23.03 12.99
CA GLY D 143 21.09 22.61 12.26
C GLY D 143 21.81 23.76 11.56
N ARG D 144 21.08 24.78 11.13
CA ARG D 144 21.68 25.88 10.37
C ARG D 144 21.55 27.26 11.02
N PHE D 145 20.33 27.66 11.33
CA PHE D 145 20.10 29.03 11.81
C PHE D 145 20.70 29.35 13.18
N ILE D 146 20.29 28.61 14.21
CA ILE D 146 20.82 28.84 15.56
C ILE D 146 22.36 28.79 15.68
N PRO D 147 23.02 27.78 15.06
CA PRO D 147 24.48 27.78 15.08
C PRO D 147 25.12 29.06 14.53
N LEU D 148 24.46 29.72 13.58
CA LEU D 148 24.98 30.95 12.99
C LEU D 148 24.62 32.19 13.82
N ALA D 149 23.38 32.24 14.31
CA ALA D 149 22.86 33.43 14.99
C ALA D 149 23.20 33.44 16.47
N ARG D 150 23.26 32.25 17.07
CA ARG D 150 23.57 32.13 18.49
C ARG D 150 24.68 31.11 18.72
N PRO D 151 25.88 31.35 18.13
CA PRO D 151 26.95 30.36 18.22
C PRO D 151 27.50 30.17 19.63
N GLU D 152 27.16 31.08 20.54
CA GLU D 152 27.64 31.02 21.92
C GLU D 152 26.88 29.97 22.74
N VAL D 153 25.58 29.85 22.50
CA VAL D 153 24.78 28.84 23.20
C VAL D 153 24.83 27.50 22.47
N LYS D 154 24.85 26.42 23.24
CA LYS D 154 24.93 25.07 22.68
C LYS D 154 23.55 24.43 22.66
N TRP D 155 22.67 25.01 21.84
CA TRP D 155 21.26 24.63 21.73
C TRP D 155 21.02 23.29 21.04
N THR D 156 20.02 22.55 21.52
CA THR D 156 19.58 21.29 20.91
C THR D 156 18.06 21.18 20.94
N HIS D 157 17.49 20.38 20.04
CA HIS D 157 16.04 20.18 20.05
C HIS D 157 15.57 19.44 21.31
N GLU D 158 16.45 18.62 21.89
CA GLU D 158 16.14 17.93 23.14
C GLU D 158 15.90 18.91 24.30
N GLN D 159 16.88 19.80 24.53
CA GLN D 159 16.78 20.82 25.56
C GLN D 159 15.55 21.69 25.37
N GLY D 160 15.32 22.10 24.12
CA GLY D 160 14.14 22.88 23.77
C GLY D 160 12.87 22.12 24.09
N SER D 161 12.89 20.81 23.88
CA SER D 161 11.75 19.95 24.20
C SER D 161 11.49 19.94 25.70
N VAL D 162 12.54 19.79 26.50
CA VAL D 162 12.40 19.88 27.95
C VAL D 162 11.80 21.21 28.41
N MET D 163 12.38 22.32 27.94
CA MET D 163 11.87 23.65 28.28
C MET D 163 10.41 23.83 27.89
N MET D 164 10.08 23.41 26.67
CA MET D 164 8.71 23.56 26.16
C MET D 164 7.72 22.68 26.93
N PHE D 165 8.18 21.51 27.37
CA PHE D 165 7.32 20.62 28.14
C PHE D 165 7.06 21.22 29.54
N GLU D 166 8.10 21.75 30.16
CA GLU D 166 7.95 22.49 31.42
C GLU D 166 6.93 23.63 31.27
N HIS D 167 7.11 24.43 30.22
CA HIS D 167 6.19 25.53 29.92
C HIS D 167 4.76 25.04 29.69
N LEU D 168 4.61 23.86 29.09
CA LEU D 168 3.30 23.28 28.82
C LEU D 168 2.62 22.92 30.14
N ILE D 169 3.32 22.15 30.95
CA ILE D 169 2.82 21.73 32.25
C ILE D 169 2.38 22.95 33.05
N ASN D 170 3.29 23.90 33.21
CA ASN D 170 3.03 25.07 34.04
C ASN D 170 1.97 26.04 33.49
N SER D 171 1.88 26.17 32.18
CA SER D 171 0.88 27.06 31.59
C SER D 171 -0.51 26.43 31.47
N ASN D 172 -0.60 25.11 31.55
CA ASN D 172 -1.90 24.48 31.31
C ASN D 172 -2.54 23.69 32.47
N GLY D 173 -2.01 23.86 33.68
CA GLY D 173 -2.55 23.17 34.85
C GLY D 173 -2.60 21.66 34.69
N ILE D 174 -1.49 21.08 34.26
CA ILE D 174 -1.42 19.67 33.92
C ILE D 174 -1.18 18.79 35.15
N LYS D 175 -0.41 19.30 36.10
CA LYS D 175 -0.09 18.55 37.32
C LYS D 175 -1.29 17.92 38.07
N PRO D 176 -2.37 18.70 38.30
CA PRO D 176 -3.50 18.08 39.01
C PRO D 176 -4.17 16.98 38.19
N VAL D 177 -4.09 17.06 36.86
CA VAL D 177 -4.66 16.02 36.01
C VAL D 177 -3.81 14.75 36.13
N MET D 178 -2.50 14.94 36.09
CA MET D 178 -1.55 13.85 36.30
C MET D 178 -1.85 13.14 37.62
N GLU D 179 -1.96 13.93 38.68
CA GLU D 179 -2.32 13.39 39.99
C GLU D 179 -3.65 12.64 39.92
N GLN D 180 -4.61 13.20 39.21
CA GLN D 180 -5.93 12.60 39.03
C GLN D 180 -5.86 11.22 38.39
N TYR D 181 -4.88 11.00 37.51
CA TYR D 181 -4.75 9.68 36.91
C TYR D 181 -3.66 8.80 37.54
N GLY D 182 -3.24 9.14 38.76
CA GLY D 182 -2.37 8.27 39.52
C GLY D 182 -0.88 8.51 39.34
N LEU D 183 -0.53 9.61 38.67
CA LEU D 183 0.88 9.95 38.50
C LEU D 183 1.38 10.78 39.68
N ILE D 184 2.68 10.69 39.96
CA ILE D 184 3.31 11.53 40.98
C ILE D 184 4.27 12.52 40.29
N PRO D 185 3.79 13.77 40.09
CA PRO D 185 4.41 14.84 39.29
C PRO D 185 5.91 15.10 39.47
N GLU D 186 6.42 15.14 40.70
CA GLU D 186 7.85 15.38 40.86
C GLU D 186 8.62 14.27 40.13
N GLU D 187 8.48 13.06 40.68
CA GLU D 187 9.08 11.86 40.14
C GLU D 187 8.84 11.69 38.64
N ASP D 188 7.58 11.79 38.23
CA ASP D 188 7.19 11.45 36.87
C ASP D 188 7.55 12.50 35.82
N ILE D 189 7.48 13.78 36.18
CA ILE D 189 7.94 14.83 35.27
C ILE D 189 9.45 14.70 35.13
N CYS D 190 10.13 14.41 36.25
CA CYS D 190 11.56 14.13 36.18
C CYS D 190 11.85 12.99 35.19
N PHE D 191 11.10 11.90 35.32
CA PHE D 191 11.20 10.74 34.43
C PHE D 191 11.01 11.11 32.96
N ILE D 192 9.95 11.85 32.67
CA ILE D 192 9.62 12.23 31.30
C ILE D 192 10.75 13.08 30.69
N LYS D 193 11.17 14.11 31.43
CA LYS D 193 12.29 14.95 31.02
C LYS D 193 13.54 14.13 30.76
N GLU D 194 13.81 13.15 31.64
CA GLU D 194 14.98 12.30 31.49
C GLU D 194 14.90 11.46 30.23
N GLN D 195 13.71 10.95 29.92
CA GLN D 195 13.51 10.22 28.68
C GLN D 195 13.79 11.12 27.47
N ILE D 196 13.39 12.38 27.57
CA ILE D 196 13.61 13.32 26.46
C ILE D 196 15.07 13.78 26.25
N VAL D 197 15.78 14.10 27.33
CA VAL D 197 17.09 14.74 27.23
C VAL D 197 18.22 13.95 27.89
N GLY D 198 17.87 12.99 28.73
CA GLY D 198 18.87 12.23 29.46
C GLY D 198 18.97 12.72 30.90
N PRO D 199 20.00 12.25 31.62
CA PRO D 199 20.22 12.64 33.03
C PRO D 199 20.34 14.15 33.17
N LEU D 200 19.66 14.73 34.15
CA LEU D 200 19.63 16.18 34.30
C LEU D 200 20.88 16.73 34.99
N GLU D 201 21.88 15.88 35.20
CA GLU D 201 23.17 16.33 35.68
C GLU D 201 24.04 16.78 34.51
N LEU D 208 27.54 4.00 38.26
CA LEU D 208 26.41 4.40 39.10
C LEU D 208 25.19 4.71 38.25
N TRP D 209 24.02 4.70 38.87
CA TRP D 209 22.76 5.01 38.19
C TRP D 209 22.49 6.52 38.20
N PRO D 210 22.64 7.17 37.03
CA PRO D 210 22.58 8.63 36.88
C PRO D 210 21.17 9.21 36.81
N TYR D 211 20.16 8.36 36.62
CA TYR D 211 18.79 8.84 36.49
C TYR D 211 18.09 8.93 37.85
N LYS D 212 17.12 9.83 37.98
CA LYS D 212 16.40 10.03 39.22
C LYS D 212 14.90 9.77 39.06
N GLY D 213 14.46 9.65 37.81
CA GLY D 213 13.04 9.46 37.54
C GLY D 213 12.57 8.05 37.82
N ARG D 214 13.48 7.09 37.66
CA ARG D 214 13.18 5.66 37.85
C ARG D 214 14.43 4.92 38.32
N PRO D 215 14.25 3.89 39.15
CA PRO D 215 15.37 3.08 39.66
C PRO D 215 15.96 2.15 38.61
N GLU D 216 17.09 1.53 38.94
CA GLU D 216 17.82 0.65 38.02
C GLU D 216 16.99 -0.47 37.40
N ASN D 217 16.09 -1.05 38.19
CA ASN D 217 15.27 -2.16 37.72
C ASN D 217 14.30 -1.78 36.59
N LYS D 218 14.22 -0.48 36.31
CA LYS D 218 13.39 0.02 35.20
C LYS D 218 14.25 0.67 34.12
N SER D 219 15.55 0.35 34.11
CA SER D 219 16.49 0.92 33.15
C SER D 219 16.02 0.82 31.70
N PHE D 220 15.45 -0.33 31.35
CA PHE D 220 14.97 -0.60 30.01
C PHE D 220 13.97 0.44 29.51
N LEU D 221 13.24 1.06 30.44
CA LEU D 221 12.25 2.06 30.08
C LEU D 221 12.88 3.27 29.39
N TYR D 222 14.15 3.53 29.68
CA TYR D 222 14.84 4.66 29.07
C TYR D 222 15.31 4.35 27.65
N GLU D 223 15.05 3.13 27.18
CA GLU D 223 15.55 2.72 25.86
C GLU D 223 14.49 2.82 24.77
N ILE D 224 13.34 3.39 25.12
CA ILE D 224 12.16 3.38 24.26
C ILE D 224 11.98 4.66 23.41
N VAL D 225 11.95 5.81 24.06
CA VAL D 225 11.65 7.07 23.37
C VAL D 225 12.87 7.69 22.70
N SER D 226 13.97 7.76 23.44
CA SER D 226 15.24 8.24 22.88
C SER D 226 16.39 7.41 23.41
N ASN D 227 16.82 6.42 22.63
CA ASN D 227 17.82 5.44 23.06
C ASN D 227 19.25 5.98 22.90
N LYS D 228 19.83 6.43 24.00
CA LYS D 228 21.19 7.00 23.99
C LYS D 228 22.26 5.92 23.92
N ARG D 229 21.88 4.67 24.16
CA ARG D 229 22.84 3.57 24.14
C ARG D 229 23.20 3.17 22.71
N ASN D 230 22.20 3.09 21.83
CA ASN D 230 22.45 2.61 20.47
C ASN D 230 21.59 3.24 19.37
N GLY D 231 20.66 4.12 19.75
CA GLY D 231 19.82 4.81 18.79
C GLY D 231 18.60 4.05 18.29
N ILE D 232 18.38 2.83 18.78
CA ILE D 232 17.19 2.08 18.39
C ILE D 232 15.99 2.49 19.24
N ASP D 233 15.13 3.34 18.69
CA ASP D 233 13.96 3.83 19.41
C ASP D 233 12.74 4.03 18.51
N VAL D 234 11.57 4.25 19.12
CA VAL D 234 10.31 4.33 18.38
C VAL D 234 10.16 5.61 17.55
N ASP D 235 10.96 6.62 17.90
CA ASP D 235 10.98 7.88 17.17
C ASP D 235 11.43 7.64 15.72
N LYS D 236 12.55 6.91 15.58
CA LYS D 236 13.03 6.45 14.28
C LYS D 236 11.98 5.65 13.53
N TRP D 237 11.27 4.75 14.22
CA TRP D 237 10.32 3.86 13.55
C TRP D 237 9.19 4.67 12.93
N ASP D 238 8.66 5.58 13.74
CA ASP D 238 7.64 6.46 13.20
C ASP D 238 8.16 7.28 12.04
N TYR D 239 9.32 7.95 12.17
CA TYR D 239 9.73 8.77 11.02
C TYR D 239 10.06 7.97 9.75
N PHE D 240 10.60 6.76 9.92
CA PHE D 240 10.81 5.85 8.78
C PHE D 240 9.49 5.67 8.05
N ALA D 241 8.48 5.17 8.78
CA ALA D 241 7.18 4.90 8.14
C ALA D 241 6.49 6.15 7.55
N ARG D 242 6.48 7.23 8.31
CA ARG D 242 5.75 8.45 7.94
C ARG D 242 6.44 9.22 6.81
N ASP D 243 7.72 9.51 6.98
CA ASP D 243 8.49 10.19 5.94
C ASP D 243 8.42 9.35 4.68
N CYS D 244 8.53 8.02 4.80
CA CYS D 244 8.40 7.21 3.58
C CYS D 244 7.03 7.34 2.91
N HIS D 245 5.98 7.28 3.73
CA HIS D 245 4.61 7.41 3.24
C HIS D 245 4.39 8.72 2.47
N HIS D 246 4.99 9.80 2.96
CA HIS D 246 4.80 11.10 2.31
C HIS D 246 5.76 11.43 1.16
N LEU D 247 7.00 10.96 1.26
CA LEU D 247 8.03 11.24 0.25
C LEU D 247 7.79 10.47 -1.05
N GLY D 248 7.13 9.31 -0.95
CA GLY D 248 6.93 8.45 -2.09
C GLY D 248 8.13 7.52 -2.28
N ILE D 249 8.69 7.08 -1.16
CA ILE D 249 9.73 6.06 -1.13
C ILE D 249 9.21 4.98 -0.18
N GLN D 250 9.37 3.70 -0.52
CA GLN D 250 8.91 2.63 0.36
C GLN D 250 9.93 2.34 1.47
N ASN D 251 9.45 2.17 2.70
N ASN D 251 9.47 2.07 2.69
CA ASN D 251 10.31 1.86 3.84
CA ASN D 251 10.40 1.76 3.77
C ASN D 251 10.60 0.38 3.92
C ASN D 251 10.68 0.27 4.01
N ASN D 252 11.84 0.05 4.28
N ASN D 252 11.96 -0.07 3.95
CA ASN D 252 12.35 -1.32 4.28
CA ASN D 252 12.54 -1.35 4.35
C ASN D 252 12.26 -2.01 5.64
C ASN D 252 12.04 -2.01 5.63
N PHE D 253 12.06 -1.23 6.70
CA PHE D 253 12.09 -1.74 8.07
C PHE D 253 10.74 -2.13 8.67
N ASP D 254 10.73 -3.27 9.38
CA ASP D 254 9.52 -3.79 10.02
C ASP D 254 9.59 -3.65 11.54
N TYR D 255 9.06 -2.55 12.07
CA TYR D 255 9.14 -2.31 13.52
C TYR D 255 8.29 -3.29 14.34
N LYS D 256 7.18 -3.75 13.75
CA LYS D 256 6.28 -4.67 14.45
C LYS D 256 7.00 -5.97 14.73
N ARG D 257 7.73 -6.44 13.73
CA ARG D 257 8.54 -7.63 13.88
C ARG D 257 9.53 -7.43 15.01
N PHE D 258 10.22 -6.29 15.03
CA PHE D 258 11.17 -6.00 16.10
C PHE D 258 10.49 -6.10 17.46
N ILE D 259 9.33 -5.44 17.58
CA ILE D 259 8.58 -5.43 18.84
C ILE D 259 8.23 -6.85 19.29
N LYS D 260 7.82 -7.70 18.36
CA LYS D 260 7.52 -9.10 18.66
C LYS D 260 8.75 -9.89 19.14
N PHE D 261 9.93 -9.51 18.67
CA PHE D 261 11.16 -10.24 19.02
C PHE D 261 12.03 -9.52 20.05
N ALA D 262 11.42 -8.62 20.81
CA ALA D 262 12.16 -7.87 21.84
C ALA D 262 11.81 -8.38 23.23
N ARG D 263 12.80 -8.47 24.12
CA ARG D 263 12.58 -8.85 25.52
C ARG D 263 13.43 -7.96 26.39
N VAL D 264 13.32 -8.11 27.70
CA VAL D 264 14.29 -7.47 28.60
C VAL D 264 15.18 -8.55 29.23
N CYS D 265 16.49 -8.31 29.20
CA CYS D 265 17.44 -9.23 29.83
C CYS D 265 18.41 -8.43 30.68
N GLU D 266 19.07 -9.10 31.63
CA GLU D 266 20.09 -8.41 32.44
C GLU D 266 21.43 -8.36 31.73
N VAL D 267 21.96 -7.15 31.58
CA VAL D 267 23.26 -6.94 30.97
C VAL D 267 24.14 -6.11 31.90
N ASP D 268 25.02 -6.81 32.64
CA ASP D 268 25.94 -6.17 33.59
C ASP D 268 25.21 -5.32 34.62
N ASN D 269 24.41 -5.98 35.47
CA ASN D 269 23.67 -5.31 36.53
C ASN D 269 22.70 -4.23 36.04
N GLU D 270 22.24 -4.38 34.80
CA GLU D 270 21.23 -3.48 34.25
C GLU D 270 20.23 -4.28 33.42
N LEU D 271 18.95 -3.93 33.54
CA LEU D 271 17.92 -4.52 32.69
C LEU D 271 17.83 -3.71 31.41
N ARG D 272 18.02 -4.38 30.27
CA ARG D 272 17.99 -3.69 28.98
C ARG D 272 17.13 -4.42 27.96
N ILE D 273 16.65 -3.67 26.98
CA ILE D 273 15.93 -4.26 25.86
C ILE D 273 16.90 -5.00 24.95
N CYS D 274 16.67 -6.30 24.80
CA CYS D 274 17.45 -7.16 23.93
C CYS D 274 16.60 -7.65 22.76
N ALA D 275 17.29 -7.92 21.65
CA ALA D 275 16.66 -8.41 20.43
C ALA D 275 17.01 -9.88 20.21
N ARG D 276 16.13 -10.62 19.55
CA ARG D 276 16.44 -11.99 19.17
C ARG D 276 17.64 -12.00 18.23
N ASP D 277 18.56 -12.95 18.44
CA ASP D 277 19.80 -13.03 17.67
C ASP D 277 19.55 -12.97 16.16
N LYS D 278 18.59 -13.77 15.71
CA LYS D 278 18.13 -13.85 14.31
C LYS D 278 17.90 -12.50 13.66
N GLU D 279 17.61 -11.48 14.48
CA GLU D 279 17.23 -10.17 13.97
C GLU D 279 18.41 -9.24 13.72
N VAL D 280 19.62 -9.70 14.03
CA VAL D 280 20.81 -8.86 13.87
C VAL D 280 20.90 -8.24 12.46
N GLY D 281 20.70 -9.06 11.43
CA GLY D 281 20.66 -8.60 10.06
C GLY D 281 19.73 -7.41 9.92
N ASN D 282 18.48 -7.60 10.35
CA ASN D 282 17.48 -6.55 10.21
C ASN D 282 17.95 -5.28 10.92
N LEU D 283 18.64 -5.45 12.04
CA LEU D 283 19.13 -4.29 12.79
C LEU D 283 20.11 -3.50 11.95
N TYR D 284 21.07 -4.20 11.34
CA TYR D 284 22.00 -3.52 10.47
C TYR D 284 21.19 -2.79 9.40
N ASP D 285 20.18 -3.49 8.86
CA ASP D 285 19.43 -2.93 7.76
C ASP D 285 18.67 -1.69 8.21
N MET D 286 18.25 -1.68 9.47
CA MET D 286 17.56 -0.51 10.00
C MET D 286 18.44 0.71 9.76
N PHE D 287 19.71 0.61 10.17
CA PHE D 287 20.56 1.78 10.06
C PHE D 287 20.83 2.06 8.59
N HIS D 288 20.90 1.00 7.79
CA HIS D 288 21.10 1.16 6.35
C HIS D 288 19.97 2.03 5.85
N THR D 289 18.76 1.69 6.30
CA THR D 289 17.58 2.43 5.85
C THR D 289 17.76 3.89 6.19
N ARG D 290 18.17 4.16 7.42
CA ARG D 290 18.33 5.54 7.87
C ARG D 290 19.27 6.24 6.90
N ASN D 291 20.42 5.60 6.64
CA ASN D 291 21.42 6.21 5.79
C ASN D 291 20.81 6.53 4.43
N SER D 292 20.08 5.55 3.89
CA SER D 292 19.48 5.71 2.57
C SER D 292 18.51 6.88 2.59
N LEU D 293 17.73 6.99 3.66
CA LEU D 293 16.73 8.05 3.71
C LEU D 293 17.43 9.39 3.73
N HIS D 294 18.59 9.42 4.39
CA HIS D 294 19.36 10.64 4.44
C HIS D 294 19.90 10.97 3.05
N ARG D 295 20.28 9.93 2.29
CA ARG D 295 20.93 10.16 1.01
C ARG D 295 19.95 10.57 -0.07
N ARG D 296 18.77 9.95 -0.05
CA ARG D 296 17.75 10.25 -1.05
C ARG D 296 16.98 11.54 -0.78
N ALA D 297 16.67 11.78 0.49
CA ALA D 297 15.73 12.85 0.85
C ALA D 297 16.29 13.94 1.78
N TYR D 298 16.64 13.56 3.01
CA TYR D 298 16.95 14.55 4.06
C TYR D 298 18.14 15.45 3.75
N GLN D 299 19.08 14.91 2.98
CA GLN D 299 20.27 15.65 2.59
C GLN D 299 20.29 15.92 1.09
N HIS D 300 19.11 15.88 0.46
CA HIS D 300 19.00 16.21 -0.96
C HIS D 300 19.64 17.58 -1.19
N LYS D 301 20.52 17.67 -2.18
CA LYS D 301 21.32 18.87 -2.44
C LYS D 301 20.47 20.14 -2.52
N VAL D 302 19.35 20.03 -3.22
CA VAL D 302 18.45 21.17 -3.41
C VAL D 302 17.66 21.47 -2.14
N GLY D 303 17.18 20.42 -1.47
CA GLY D 303 16.50 20.60 -0.20
C GLY D 303 17.39 21.38 0.76
N ASN D 304 18.63 20.94 0.87
CA ASN D 304 19.63 21.62 1.68
C ASN D 304 19.86 23.06 1.25
N ILE D 305 19.98 23.31 -0.06
CA ILE D 305 20.21 24.69 -0.51
C ILE D 305 19.02 25.60 -0.20
N ILE D 306 17.81 25.04 -0.21
CA ILE D 306 16.62 25.81 0.11
C ILE D 306 16.59 26.11 1.60
N ASP D 307 16.92 25.11 2.44
CA ASP D 307 17.08 25.37 3.86
C ASP D 307 18.09 26.49 4.08
N THR D 308 19.17 26.45 3.32
CA THR D 308 20.25 27.44 3.44
C THR D 308 19.76 28.84 3.08
N MET D 309 18.99 28.94 2.02
CA MET D 309 18.46 30.24 1.59
C MET D 309 17.46 30.79 2.61
N ILE D 310 16.58 29.92 3.11
CA ILE D 310 15.64 30.33 4.15
C ILE D 310 16.41 30.83 5.39
N THR D 311 17.49 30.12 5.73
CA THR D 311 18.34 30.52 6.84
C THR D 311 18.92 31.92 6.61
N ASP D 312 19.43 32.16 5.40
CA ASP D 312 19.95 33.48 5.04
C ASP D 312 18.89 34.57 5.21
N ALA D 313 17.70 34.31 4.68
CA ALA D 313 16.57 35.22 4.86
C ALA D 313 16.32 35.52 6.34
N PHE D 314 16.29 34.48 7.16
CA PHE D 314 16.04 34.65 8.60
C PHE D 314 17.10 35.51 9.26
N LEU D 315 18.34 35.31 8.85
CA LEU D 315 19.45 36.13 9.34
C LEU D 315 19.25 37.59 8.95
N LYS D 316 18.80 37.82 7.71
CA LYS D 316 18.60 39.19 7.22
C LYS D 316 17.32 39.85 7.76
N ALA D 317 16.46 39.04 8.38
CA ALA D 317 15.18 39.53 8.91
C ALA D 317 15.22 39.70 10.42
N ASP D 318 16.29 39.21 11.04
CA ASP D 318 16.35 39.07 12.49
C ASP D 318 16.32 40.40 13.26
N ASP D 319 16.85 41.46 12.66
CA ASP D 319 16.84 42.76 13.32
C ASP D 319 15.48 43.42 13.29
N TYR D 320 14.60 42.95 12.39
CA TYR D 320 13.35 43.65 12.13
C TYR D 320 12.09 42.83 12.41
N ILE D 321 12.24 41.55 12.74
CA ILE D 321 11.10 40.74 13.13
C ILE D 321 10.94 40.78 14.64
N GLU D 322 9.73 41.05 15.11
CA GLU D 322 9.45 41.10 16.53
C GLU D 322 8.48 40.00 16.93
N ILE D 323 8.75 39.36 18.07
CA ILE D 323 7.89 38.29 18.57
C ILE D 323 7.56 38.56 20.03
N THR D 324 6.31 38.93 20.28
CA THR D 324 5.88 39.31 21.63
C THR D 324 5.94 38.12 22.58
N GLY D 325 6.79 38.22 23.59
CA GLY D 325 6.97 37.15 24.55
C GLY D 325 6.21 37.36 25.84
N ALA D 326 6.79 36.92 26.96
CA ALA D 326 6.13 37.00 28.25
C ALA D 326 6.08 38.42 28.80
N GLY D 327 4.87 38.91 29.03
CA GLY D 327 4.65 40.25 29.57
C GLY D 327 4.68 41.35 28.53
N GLY D 328 4.25 41.03 27.31
CA GLY D 328 4.26 42.00 26.23
C GLY D 328 5.65 42.32 25.72
N LYS D 329 6.64 41.67 26.32
CA LYS D 329 8.04 41.86 26.01
C LYS D 329 8.42 41.25 24.66
N LYS D 330 9.15 42.00 23.83
CA LYS D 330 9.42 41.58 22.46
C LYS D 330 10.75 40.84 22.25
N TYR D 331 10.73 39.86 21.35
CA TYR D 331 11.88 39.00 21.09
C TYR D 331 12.18 38.91 19.61
N ARG D 332 13.35 38.37 19.29
CA ARG D 332 13.76 38.15 17.91
C ARG D 332 13.66 36.68 17.53
N ILE D 333 13.75 36.39 16.23
CA ILE D 333 13.83 35.01 15.75
C ILE D 333 14.95 34.29 16.47
N SER D 334 16.08 34.98 16.63
CA SER D 334 17.26 34.41 17.24
C SER D 334 17.20 34.35 18.77
N THR D 335 16.28 35.11 19.36
CA THR D 335 16.13 35.13 20.81
C THR D 335 14.81 34.56 21.28
N ALA D 336 13.98 34.08 20.35
CA ALA D 336 12.70 33.47 20.72
C ALA D 336 12.88 32.27 21.66
N ILE D 337 14.06 31.65 21.60
CA ILE D 337 14.36 30.44 22.34
C ILE D 337 14.64 30.62 23.84
N ASP D 338 14.80 31.87 24.29
CA ASP D 338 15.03 32.11 25.71
C ASP D 338 13.77 32.58 26.44
N ASP D 339 12.68 32.72 25.70
CA ASP D 339 11.35 32.87 26.30
C ASP D 339 10.41 31.88 25.66
N MET D 340 10.00 30.86 26.43
CA MET D 340 9.12 29.83 25.91
C MET D 340 7.79 30.38 25.41
N GLU D 341 7.30 31.44 26.04
CA GLU D 341 6.05 32.06 25.57
C GLU D 341 6.19 32.62 24.16
N ALA D 342 7.37 33.13 23.85
CA ALA D 342 7.63 33.66 22.51
C ALA D 342 7.90 32.52 21.53
N TYR D 343 8.67 31.53 21.97
CA TYR D 343 9.04 30.38 21.16
C TYR D 343 7.79 29.61 20.73
N THR D 344 6.77 29.62 21.59
CA THR D 344 5.49 29.02 21.27
C THR D 344 4.91 29.58 19.97
N LYS D 345 5.16 30.86 19.73
CA LYS D 345 4.65 31.55 18.55
C LYS D 345 5.70 31.63 17.43
N LEU D 346 6.77 30.86 17.55
CA LEU D 346 7.79 30.82 16.49
C LEU D 346 7.67 29.55 15.65
N THR D 347 7.04 29.67 14.47
CA THR D 347 6.82 28.52 13.60
C THR D 347 7.16 28.85 12.14
N ASP D 348 6.75 27.98 11.23
CA ASP D 348 6.96 28.22 9.79
C ASP D 348 6.33 29.55 9.33
N ASN D 349 5.35 30.04 10.09
CA ASN D 349 4.69 31.32 9.83
C ASN D 349 5.65 32.47 9.53
N ILE D 350 6.79 32.45 10.22
CA ILE D 350 7.84 33.45 10.04
C ILE D 350 8.17 33.62 8.55
N PHE D 351 8.37 32.49 7.87
CA PHE D 351 8.63 32.47 6.44
C PHE D 351 7.60 33.37 5.76
N LEU D 352 6.34 33.04 5.94
CA LEU D 352 5.29 33.80 5.28
C LEU D 352 5.30 35.25 5.76
N GLU D 353 5.55 35.47 7.06
CA GLU D 353 5.59 36.82 7.58
C GLU D 353 6.62 37.64 6.81
N ILE D 354 7.76 37.03 6.53
CA ILE D 354 8.81 37.75 5.81
C ILE D 354 8.37 37.93 4.37
N LEU D 355 7.75 36.88 3.81
CA LEU D 355 7.42 36.89 2.40
C LEU D 355 6.38 37.95 2.06
N TYR D 356 5.40 38.11 2.95
CA TYR D 356 4.28 39.02 2.72
C TYR D 356 4.54 40.40 3.30
N SER D 357 5.76 40.69 3.73
CA SER D 357 6.03 41.98 4.37
C SER D 357 6.09 43.12 3.37
N THR D 358 5.92 44.35 3.87
CA THR D 358 5.93 45.54 3.04
C THR D 358 7.03 46.47 3.51
N ASP D 359 7.43 46.28 4.77
CA ASP D 359 8.51 47.03 5.40
C ASP D 359 9.75 47.06 4.52
N PRO D 360 10.23 48.27 4.21
CA PRO D 360 11.47 48.47 3.44
C PRO D 360 12.65 47.75 4.10
N LYS D 361 12.73 47.82 5.42
CA LYS D 361 13.84 47.21 6.15
C LYS D 361 13.92 45.68 5.95
N LEU D 362 12.82 45.09 5.51
CA LEU D 362 12.78 43.64 5.30
C LEU D 362 13.01 43.25 3.84
N LYS D 363 13.12 44.26 2.98
CA LYS D 363 13.27 44.05 1.53
C LYS D 363 14.21 42.89 1.22
N ASP D 364 15.47 43.05 1.61
CA ASP D 364 16.48 42.05 1.36
C ASP D 364 16.03 40.64 1.76
N ALA D 365 15.56 40.47 2.99
CA ALA D 365 15.13 39.15 3.45
C ALA D 365 14.03 38.65 2.51
N ARG D 366 13.04 39.52 2.33
CA ARG D 366 11.92 39.23 1.44
C ARG D 366 12.46 38.78 0.10
N GLU D 367 13.45 39.51 -0.39
CA GLU D 367 14.01 39.25 -1.71
C GLU D 367 14.43 37.80 -1.82
N ILE D 368 15.16 37.33 -0.81
CA ILE D 368 15.68 35.97 -0.85
C ILE D 368 14.52 34.99 -0.98
N LEU D 369 13.49 35.20 -0.17
CA LEU D 369 12.35 34.28 -0.19
C LEU D 369 11.73 34.30 -1.58
N LYS D 370 11.68 35.48 -2.18
CA LYS D 370 11.09 35.60 -3.51
C LYS D 370 11.89 34.80 -4.52
N GLN D 371 13.22 34.81 -4.40
CA GLN D 371 14.06 34.04 -5.32
C GLN D 371 13.72 32.56 -5.20
N ILE D 372 13.31 32.14 -4.01
CA ILE D 372 12.96 30.74 -3.82
C ILE D 372 11.69 30.44 -4.63
N GLU D 373 10.75 31.37 -4.64
CA GLU D 373 9.48 31.16 -5.36
C GLU D 373 9.65 31.10 -6.88
N TYR D 374 10.54 31.93 -7.42
CA TYR D 374 10.82 31.91 -8.86
C TYR D 374 11.76 30.75 -9.20
N ARG D 375 12.22 30.05 -8.17
CA ARG D 375 13.17 28.94 -8.32
C ARG D 375 14.49 29.44 -8.87
N ASN D 376 14.89 30.63 -8.44
CA ASN D 376 16.24 31.13 -8.71
C ASN D 376 17.14 30.79 -7.53
N LEU D 377 17.53 29.51 -7.46
CA LEU D 377 18.29 29.00 -6.33
C LEU D 377 19.79 29.09 -6.58
N PHE D 378 20.59 29.03 -5.52
CA PHE D 378 22.02 28.91 -5.67
C PHE D 378 22.28 27.64 -6.47
N LYS D 379 23.29 27.65 -7.32
CA LYS D 379 23.56 26.51 -8.17
C LYS D 379 24.44 25.47 -7.50
N TYR D 380 24.05 24.21 -7.61
CA TYR D 380 24.86 23.09 -7.13
C TYR D 380 26.03 22.92 -8.09
N VAL D 381 27.25 22.89 -7.55
CA VAL D 381 28.45 22.78 -8.37
C VAL D 381 28.95 21.37 -8.35
N GLY D 382 29.00 20.76 -7.17
CA GLY D 382 29.40 19.37 -7.12
C GLY D 382 29.48 18.75 -5.75
N GLU D 383 29.87 17.47 -5.72
CA GLU D 383 30.07 16.76 -4.45
C GLU D 383 31.38 15.98 -4.50
N THR D 384 32.07 15.93 -3.37
CA THR D 384 33.32 15.19 -3.27
C THR D 384 33.49 14.64 -1.86
N GLN D 385 34.52 13.81 -1.66
CA GLN D 385 34.83 13.27 -0.34
C GLN D 385 36.33 13.29 -0.09
N PRO D 386 36.73 13.39 1.18
CA PRO D 386 38.14 13.19 1.53
C PRO D 386 38.54 11.74 1.28
N THR D 387 39.80 11.49 0.97
CA THR D 387 40.28 10.12 0.75
C THR D 387 41.05 9.60 1.95
N GLY D 388 41.14 8.27 2.07
CA GLY D 388 41.92 7.66 3.11
C GLY D 388 41.38 7.82 4.53
N GLN D 389 42.15 8.50 5.38
CA GLN D 389 41.84 8.58 6.80
C GLN D 389 41.45 10.00 7.22
N ILE D 390 41.81 10.98 6.40
CA ILE D 390 41.65 12.40 6.75
C ILE D 390 40.19 12.83 6.99
N LYS D 391 39.99 13.65 8.03
CA LYS D 391 38.69 14.23 8.31
C LYS D 391 38.74 15.74 8.22
N ILE D 392 37.62 16.37 7.87
CA ILE D 392 37.52 17.82 7.91
C ILE D 392 37.05 18.26 9.30
N LYS D 393 37.87 19.06 9.97
CA LYS D 393 37.53 19.55 11.30
C LYS D 393 36.54 20.71 11.20
N ARG D 394 35.65 20.80 12.18
CA ARG D 394 34.57 21.79 12.16
C ARG D 394 35.09 23.22 12.11
N GLU D 395 36.07 23.52 12.95
CA GLU D 395 36.71 24.84 12.98
C GLU D 395 37.32 25.25 11.63
N ASP D 396 37.47 24.27 10.74
CA ASP D 396 38.02 24.52 9.40
C ASP D 396 36.95 24.82 8.36
N TYR D 397 35.70 24.45 8.64
CA TYR D 397 34.59 24.63 7.69
C TYR D 397 34.60 26.04 7.12
N GLU D 398 34.68 27.01 8.01
CA GLU D 398 34.60 28.43 7.67
C GLU D 398 35.65 28.88 6.65
N SER D 399 36.75 28.14 6.55
CA SER D 399 37.84 28.53 5.65
C SER D 399 37.71 27.92 4.26
N LEU D 400 36.68 27.08 4.07
CA LEU D 400 36.57 26.31 2.83
C LEU D 400 36.24 27.11 1.55
N PRO D 401 35.24 28.02 1.60
CA PRO D 401 34.94 28.78 0.38
C PRO D 401 36.13 29.60 -0.13
N LYS D 402 36.95 30.14 0.78
CA LYS D 402 38.14 30.87 0.39
C LYS D 402 39.13 29.96 -0.35
N GLU D 403 39.24 28.71 0.11
CA GLU D 403 40.10 27.73 -0.55
C GLU D 403 39.66 27.49 -2.00
N VAL D 404 38.36 27.30 -2.21
CA VAL D 404 37.83 27.04 -3.55
C VAL D 404 38.11 28.22 -4.47
N ALA D 405 37.89 29.43 -3.96
CA ALA D 405 38.13 30.65 -4.72
C ALA D 405 39.62 30.89 -4.97
N SER D 406 40.45 30.31 -4.10
CA SER D 406 41.91 30.46 -4.22
C SER D 406 42.53 29.47 -5.18
N ALA D 407 41.77 28.47 -5.61
CA ALA D 407 42.28 27.46 -6.54
C ALA D 407 42.63 28.09 -7.89
N LYS D 408 43.59 27.50 -8.61
CA LYS D 408 44.05 28.05 -9.89
C LYS D 408 43.89 27.08 -11.05
N PRO D 409 42.65 26.89 -11.53
CA PRO D 409 42.41 25.99 -12.67
C PRO D 409 43.05 26.55 -13.93
N LYS D 410 43.78 25.70 -14.67
CA LYS D 410 44.37 26.15 -15.92
C LYS D 410 43.34 26.19 -17.05
N VAL D 411 42.39 27.09 -16.90
CA VAL D 411 41.33 27.28 -17.88
C VAL D 411 41.14 28.78 -18.08
N LEU D 412 40.86 29.19 -19.31
CA LEU D 412 40.61 30.60 -19.59
C LEU D 412 39.19 30.96 -19.18
N LEU D 413 39.08 31.92 -18.28
CA LEU D 413 37.78 32.36 -17.78
C LEU D 413 37.64 33.88 -17.92
N ASP D 414 36.43 34.35 -18.15
CA ASP D 414 36.19 35.79 -18.21
C ASP D 414 35.77 36.30 -16.84
N VAL D 415 35.09 35.44 -16.08
CA VAL D 415 34.66 35.81 -14.74
C VAL D 415 35.66 35.35 -13.68
N LYS D 416 35.87 36.18 -12.68
CA LYS D 416 36.60 35.74 -11.48
C LYS D 416 35.66 35.72 -10.29
N LEU D 417 35.64 34.58 -9.61
CA LEU D 417 34.76 34.41 -8.45
C LEU D 417 35.55 34.57 -7.16
N LYS D 418 34.87 35.05 -6.12
CA LYS D 418 35.50 35.22 -4.82
C LYS D 418 34.87 34.27 -3.78
N ALA D 419 35.48 34.20 -2.61
CA ALA D 419 35.01 33.32 -1.52
C ALA D 419 33.52 33.48 -1.26
N GLU D 420 33.09 34.73 -1.13
CA GLU D 420 31.69 35.04 -0.82
C GLU D 420 30.70 34.42 -1.80
N ASP D 421 31.16 34.09 -3.00
CA ASP D 421 30.31 33.49 -4.01
C ASP D 421 30.14 31.98 -3.84
N PHE D 422 30.93 31.39 -2.94
CA PHE D 422 30.90 29.95 -2.75
C PHE D 422 30.25 29.51 -1.45
N ILE D 423 29.49 28.41 -1.53
CA ILE D 423 28.97 27.76 -0.33
C ILE D 423 29.55 26.36 -0.25
N VAL D 424 30.17 26.05 0.88
CA VAL D 424 30.74 24.71 1.09
C VAL D 424 30.05 24.04 2.27
N ASP D 425 29.22 23.04 1.96
CA ASP D 425 28.38 22.38 2.94
C ASP D 425 29.01 21.02 3.28
N VAL D 426 29.42 20.85 4.54
CA VAL D 426 30.02 19.59 4.98
C VAL D 426 29.02 18.75 5.76
N ILE D 427 28.75 17.54 5.27
CA ILE D 427 27.74 16.67 5.85
C ILE D 427 28.34 15.41 6.45
N ASN D 428 28.08 15.19 7.72
CA ASN D 428 28.54 13.98 8.37
C ASN D 428 27.48 12.90 8.31
N MET D 429 27.74 11.87 7.51
CA MET D 429 26.83 10.74 7.38
C MET D 429 27.36 9.62 8.26
N ASP D 430 26.56 9.17 9.22
CA ASP D 430 26.98 8.08 10.10
C ASP D 430 25.82 7.22 10.61
N TYR D 431 26.14 6.24 11.43
CA TYR D 431 25.13 5.34 11.99
C TYR D 431 24.65 5.80 13.37
N GLY D 432 24.83 7.08 13.66
CA GLY D 432 24.28 7.68 14.86
C GLY D 432 25.21 7.71 16.07
N MET D 433 26.37 7.07 15.95
CA MET D 433 27.33 7.05 17.06
C MET D 433 28.75 7.35 16.60
N GLN D 434 28.89 8.47 15.88
CA GLN D 434 30.16 8.84 15.26
C GLN D 434 30.77 7.67 14.49
N GLU D 435 31.94 7.24 14.93
CA GLU D 435 32.67 6.18 14.24
C GLU D 435 32.23 4.78 14.66
N LYS D 436 31.54 4.69 15.79
CA LYS D 436 31.20 3.40 16.38
C LYS D 436 30.05 2.66 15.67
N ASN D 437 30.18 1.33 15.60
CA ASN D 437 29.09 0.47 15.13
C ASN D 437 28.07 0.27 16.24
N PRO D 438 26.86 0.82 16.05
CA PRO D 438 25.84 0.80 17.11
C PRO D 438 25.37 -0.62 17.43
N ILE D 439 25.55 -1.56 16.50
CA ILE D 439 25.17 -2.94 16.74
C ILE D 439 26.10 -3.58 17.77
N ASP D 440 27.29 -3.01 17.92
CA ASP D 440 28.19 -3.41 18.99
C ASP D 440 27.66 -3.01 20.36
N HIS D 441 26.64 -2.15 20.37
CA HIS D 441 26.01 -1.68 21.61
C HIS D 441 24.58 -2.19 21.73
N VAL D 442 24.31 -3.29 21.04
CA VAL D 442 23.03 -4.00 21.14
C VAL D 442 23.31 -5.33 21.80
N SER D 443 22.41 -5.77 22.70
CA SER D 443 22.52 -7.10 23.25
C SER D 443 21.42 -7.99 22.68
N PHE D 444 21.74 -9.26 22.44
CA PHE D 444 20.80 -10.19 21.85
C PHE D 444 20.47 -11.34 22.80
N TYR D 445 19.53 -12.19 22.39
CA TYR D 445 19.22 -13.40 23.15
C TYR D 445 18.93 -14.54 22.18
N CYS D 446 19.17 -15.76 22.63
CA CYS D 446 18.95 -16.94 21.81
C CYS D 446 17.71 -17.70 22.27
N LYS D 447 17.14 -18.48 21.35
CA LYS D 447 15.88 -19.19 21.57
C LYS D 447 15.91 -20.16 22.76
N THR D 448 17.07 -20.79 22.99
CA THR D 448 17.18 -21.81 24.03
C THR D 448 17.52 -21.26 25.41
N ALA D 449 17.81 -19.96 25.48
CA ALA D 449 18.05 -19.27 26.75
C ALA D 449 17.76 -17.77 26.63
N PRO D 450 16.47 -17.42 26.60
CA PRO D 450 16.04 -16.06 26.23
C PRO D 450 16.17 -15.02 27.33
N ASN D 451 16.58 -15.43 28.53
CA ASN D 451 16.87 -14.46 29.58
C ASN D 451 18.37 -14.18 29.64
N ARG D 452 19.13 -14.85 28.78
CA ARG D 452 20.58 -14.72 28.75
C ARG D 452 21.08 -13.84 27.60
N ALA D 453 21.59 -12.67 27.95
CA ALA D 453 22.08 -11.70 26.98
C ALA D 453 23.43 -12.07 26.39
N ILE D 454 23.59 -11.86 25.08
CA ILE D 454 24.84 -12.14 24.39
C ILE D 454 25.21 -11.00 23.43
N ARG D 455 26.46 -11.00 22.98
CA ARG D 455 26.91 -10.01 22.01
C ARG D 455 27.12 -10.67 20.66
N ILE D 456 26.89 -9.92 19.58
CA ILE D 456 27.17 -10.41 18.23
C ILE D 456 28.03 -9.38 17.48
N THR D 457 29.14 -9.84 16.93
CA THR D 457 30.11 -8.98 16.25
C THR D 457 29.82 -8.94 14.75
N LYS D 458 30.39 -7.95 14.06
CA LYS D 458 30.11 -7.75 12.64
C LYS D 458 30.48 -8.97 11.78
N ASN D 459 31.63 -9.57 12.07
CA ASN D 459 32.10 -10.76 11.36
C ASN D 459 31.21 -11.97 11.55
N GLN D 460 30.42 -11.98 12.63
CA GLN D 460 29.51 -13.09 12.89
C GLN D 460 28.27 -13.01 12.01
N VAL D 461 28.11 -11.90 11.31
CA VAL D 461 26.92 -11.67 10.50
C VAL D 461 27.17 -11.79 9.01
N SER D 462 28.04 -10.92 8.48
CA SER D 462 28.25 -10.84 7.04
C SER D 462 29.50 -10.06 6.68
N GLN D 463 30.16 -10.47 5.59
CA GLN D 463 31.34 -9.78 5.08
C GLN D 463 30.96 -8.65 4.13
N LEU D 464 29.65 -8.51 3.89
CA LEU D 464 29.14 -7.53 2.92
C LEU D 464 28.65 -6.25 3.59
N LEU D 465 28.79 -6.20 4.92
CA LEU D 465 28.36 -5.05 5.72
C LEU D 465 29.41 -3.93 5.66
N PRO D 466 29.00 -2.69 6.02
CA PRO D 466 29.94 -1.55 5.97
C PRO D 466 31.23 -1.80 6.75
N GLU D 467 32.36 -1.33 6.23
CA GLU D 467 33.63 -1.48 6.95
C GLU D 467 33.90 -0.27 7.83
N LYS D 468 33.24 0.85 7.51
CA LYS D 468 33.26 2.05 8.34
C LYS D 468 31.83 2.44 8.66
N PHE D 469 31.64 3.29 9.66
CA PHE D 469 30.29 3.71 10.05
C PHE D 469 30.12 5.22 10.07
N ALA D 470 31.12 5.93 9.55
CA ALA D 470 31.06 7.37 9.44
C ALA D 470 31.82 7.85 8.20
N GLU D 471 31.31 8.88 7.56
CA GLU D 471 31.98 9.49 6.41
C GLU D 471 31.48 10.92 6.24
N GLN D 472 32.17 11.68 5.41
CA GLN D 472 31.77 13.05 5.12
C GLN D 472 31.54 13.29 3.64
N LEU D 473 30.46 14.00 3.32
CA LEU D 473 30.19 14.45 1.96
C LEU D 473 30.38 15.97 1.91
N ILE D 474 31.13 16.44 0.92
CA ILE D 474 31.33 17.88 0.77
C ILE D 474 30.60 18.36 -0.48
N ARG D 475 29.57 19.18 -0.28
CA ARG D 475 28.83 19.76 -1.41
C ARG D 475 29.27 21.19 -1.63
N VAL D 476 29.45 21.57 -2.89
CA VAL D 476 29.80 22.94 -3.21
C VAL D 476 28.76 23.56 -4.13
N TYR D 477 28.33 24.76 -3.75
CA TYR D 477 27.38 25.57 -4.50
C TYR D 477 27.99 26.92 -4.86
N CYS D 478 27.38 27.59 -5.84
CA CYS D 478 27.80 28.93 -6.26
C CYS D 478 26.61 29.91 -6.20
N LYS D 479 26.81 31.05 -5.55
CA LYS D 479 25.72 32.00 -5.34
C LYS D 479 25.41 32.84 -6.59
N LYS D 480 26.31 32.78 -7.57
CA LYS D 480 26.08 33.40 -8.87
C LYS D 480 25.54 32.33 -9.83
N VAL D 481 24.45 32.65 -10.53
CA VAL D 481 23.66 31.63 -11.22
C VAL D 481 23.72 31.64 -12.75
N ASP D 482 24.42 32.62 -13.33
CA ASP D 482 24.56 32.67 -14.78
C ASP D 482 25.48 31.55 -15.27
N ARG D 483 25.31 31.16 -16.54
CA ARG D 483 26.07 30.07 -17.15
C ARG D 483 27.58 30.17 -16.98
N LYS D 484 28.12 31.36 -17.23
CA LYS D 484 29.55 31.59 -17.17
C LYS D 484 30.11 31.44 -15.76
N SER D 485 29.38 32.01 -14.80
CA SER D 485 29.70 31.87 -13.39
C SER D 485 29.70 30.40 -12.97
N LEU D 486 28.73 29.64 -13.45
CA LEU D 486 28.62 28.22 -13.12
C LEU D 486 29.79 27.42 -13.72
N TYR D 487 30.14 27.76 -14.95
CA TYR D 487 31.28 27.13 -15.62
C TYR D 487 32.56 27.36 -14.81
N ALA D 488 32.83 28.62 -14.49
CA ALA D 488 33.98 28.95 -13.66
C ALA D 488 33.97 28.22 -12.33
N ALA D 489 32.82 28.25 -11.66
CA ALA D 489 32.65 27.59 -10.36
C ALA D 489 33.00 26.11 -10.45
N ARG D 490 32.57 25.46 -11.53
CA ARG D 490 32.93 24.08 -11.77
C ARG D 490 34.45 23.91 -11.91
N GLN D 491 35.08 24.82 -12.66
CA GLN D 491 36.55 24.74 -12.81
C GLN D 491 37.29 24.86 -11.47
N TYR D 492 36.99 25.93 -10.74
CA TYR D 492 37.54 26.13 -9.39
C TYR D 492 37.31 24.92 -8.50
N PHE D 493 36.09 24.39 -8.52
CA PHE D 493 35.71 23.26 -7.67
C PHE D 493 36.52 21.99 -7.95
N VAL D 494 36.60 21.62 -9.22
CA VAL D 494 37.36 20.42 -9.59
C VAL D 494 38.86 20.60 -9.29
N GLN D 495 39.39 21.78 -9.60
CA GLN D 495 40.78 22.06 -9.26
C GLN D 495 41.02 21.92 -7.76
N TRP D 496 40.09 22.44 -6.97
CA TRP D 496 40.15 22.37 -5.52
C TRP D 496 40.16 20.93 -5.05
N CYS D 497 39.25 20.12 -5.60
CA CYS D 497 39.23 18.69 -5.30
C CYS D 497 40.56 18.03 -5.56
N ALA D 498 41.16 18.34 -6.72
CA ALA D 498 42.47 17.80 -7.06
C ALA D 498 43.54 18.23 -6.04
N ASP D 499 43.56 19.52 -5.73
CA ASP D 499 44.52 20.09 -4.80
C ASP D 499 44.50 19.46 -3.42
N ARG D 500 43.30 19.18 -2.90
CA ARG D 500 43.15 18.59 -1.57
C ARG D 500 43.21 17.05 -1.62
N ASN D 501 43.50 16.50 -2.81
CA ASN D 501 43.51 15.05 -3.01
C ASN D 501 42.18 14.39 -2.61
N PHE D 502 41.08 15.11 -2.87
CA PHE D 502 39.75 14.60 -2.60
C PHE D 502 39.30 13.65 -3.71
N THR D 503 38.17 12.98 -3.53
CA THR D 503 37.68 12.06 -4.55
C THR D 503 37.26 12.80 -5.81
N LYS D 504 37.49 12.19 -6.97
CA LYS D 504 37.08 12.75 -8.23
C LYS D 504 35.55 12.80 -8.32
N PRO D 505 34.99 13.99 -8.52
CA PRO D 505 33.54 14.14 -8.65
C PRO D 505 33.01 13.26 -9.78
N GLN D 506 31.77 12.80 -9.64
CA GLN D 506 31.24 11.81 -10.59
C GLN D 506 31.16 12.35 -12.02
N ASP D 507 30.92 13.64 -12.17
CA ASP D 507 30.81 14.26 -13.48
C ASP D 507 32.06 15.05 -13.84
N GLY D 508 33.17 14.76 -13.15
CA GLY D 508 34.41 15.49 -13.31
C GLY D 508 34.94 15.64 -14.73
N ASP D 509 34.93 14.54 -15.49
CA ASP D 509 35.45 14.56 -16.85
C ASP D 509 34.55 15.35 -17.79
N VAL D 510 33.28 15.46 -17.43
CA VAL D 510 32.31 16.18 -18.26
C VAL D 510 32.30 17.69 -17.93
N ILE D 511 32.18 18.03 -16.66
CA ILE D 511 32.11 19.44 -16.24
C ILE D 511 33.46 20.14 -16.23
N ALA D 512 34.56 19.38 -16.21
CA ALA D 512 35.90 19.98 -16.20
C ALA D 512 36.94 19.14 -16.94
N PRO D 513 36.76 18.94 -18.26
CA PRO D 513 37.64 18.05 -19.02
C PRO D 513 39.10 18.52 -19.08
N LEU D 514 39.35 19.77 -18.76
CA LEU D 514 40.70 20.32 -18.86
C LEU D 514 41.44 20.29 -17.52
N ILE D 515 40.73 19.94 -16.47
CA ILE D 515 41.31 19.85 -15.13
C ILE D 515 41.64 18.40 -14.78
N THR D 516 40.68 17.51 -14.95
CA THR D 516 40.79 16.12 -14.46
C THR D 516 42.00 15.28 -14.94
N PRO D 517 42.44 15.46 -16.20
CA PRO D 517 43.64 14.68 -16.57
C PRO D 517 44.93 15.06 -15.82
N GLN D 518 44.97 16.20 -15.14
CA GLN D 518 46.16 16.55 -14.36
C GLN D 518 46.41 15.55 -13.23
N LYS D 519 45.34 14.95 -12.74
CA LYS D 519 45.40 14.11 -11.54
C LYS D 519 45.45 12.63 -11.90
N LYS D 520 46.62 12.03 -11.70
CA LYS D 520 46.88 10.63 -12.02
C LYS D 520 46.11 9.68 -11.11
N GLU D 521 45.88 10.10 -9.86
CA GLU D 521 45.11 9.30 -8.92
C GLU D 521 43.68 9.08 -9.43
N TRP D 522 43.21 10.02 -10.24
CA TRP D 522 41.88 9.97 -10.82
C TRP D 522 41.87 9.23 -12.15
N ASN D 523 43.04 9.08 -12.76
CA ASN D 523 43.15 8.48 -14.08
C ASN D 523 44.11 7.30 -14.13
PG DGT E . -16.01 15.42 22.39
O1G DGT E . -15.04 15.76 23.59
O2G DGT E . -17.40 15.43 22.91
O3G DGT E . -15.68 14.05 21.88
O3B DGT E . -15.83 16.52 21.32
PB DGT E . -15.98 16.40 19.78
O1B DGT E . -17.00 17.37 19.30
O2B DGT E . -16.42 14.97 19.33
O3A DGT E . -14.64 16.80 19.12
PA DGT E . -13.28 15.96 19.34
O1A DGT E . -12.31 16.69 20.25
O2A DGT E . -13.62 14.63 19.96
O5' DGT E . -12.54 15.76 17.97
C5' DGT E . -12.97 14.78 17.03
C4' DGT E . -11.97 13.85 16.64
O4' DGT E . -10.86 14.57 16.08
C3' DGT E . -11.42 13.20 17.84
O3' DGT E . -12.14 12.10 18.20
C2' DGT E . -10.04 12.87 17.48
C1' DGT E . -9.72 13.80 16.35
N9 DGT E . -8.57 14.65 16.52
C8 DGT E . -7.63 14.91 15.59
N7 DGT E . -6.73 15.78 16.10
C5 DGT E . -7.10 16.07 17.35
C6 DGT E . -6.58 16.90 18.35
O6 DGT E . -5.45 17.62 18.15
N1 DGT E . -7.22 16.96 19.53
C2 DGT E . -8.34 16.28 19.77
N2 DGT E . -8.97 16.39 21.02
N3 DGT E . -8.87 15.48 18.83
C4 DGT E . -8.27 15.36 17.63
N1 DCP F . -13.80 19.41 -0.08
C2 DCP F . -13.85 19.56 1.25
N3 DCP F . -14.97 20.00 1.85
C4 DCP F . -16.05 20.30 1.13
C5 DCP F . -16.03 20.15 -0.26
C6 DCP F . -14.86 19.69 -0.86
O2 DCP F . -12.90 19.28 1.96
N4 DCP F . -17.23 20.76 1.79
C1' DCP F . -12.58 18.93 -0.71
C2' DCP F . -12.58 17.46 -1.01
C3' DCP F . -11.89 17.32 -2.29
C4' DCP F . -11.99 18.63 -2.96
O4' DCP F . -12.30 19.60 -1.90
O3' DCP F . -10.56 17.02 -2.06
C5' DCP F . -13.05 18.64 -3.93
O5' DCP F . -13.72 19.88 -4.17
PA DCP F . -13.13 20.93 -5.20
O1A DCP F . -11.63 21.01 -5.01
O2A DCP F . -13.71 22.29 -4.94
O3A DCP F . -13.46 20.49 -6.68
PB DCP F . -14.96 20.30 -7.16
O1B DCP F . -14.96 20.25 -8.67
O2B DCP F . -15.81 21.46 -6.71
O3B DCP F . -15.49 18.97 -6.52
PG DCP F . -16.54 18.00 -7.15
O1G DCP F . -16.34 17.84 -8.64
O2G DCP F . -17.94 18.49 -6.84
O3G DCP F . -16.38 16.65 -6.49
PG DGT G . -14.67 -8.43 -22.62
O1G DGT G . -13.84 -7.10 -22.88
O2G DGT G . -16.09 -8.17 -22.98
O3G DGT G . -14.13 -9.50 -23.52
O3B DGT G . -14.63 -8.85 -21.15
PB DGT G . -13.40 -9.46 -20.44
O1B DGT G . -13.88 -10.39 -19.30
O2B DGT G . -12.63 -10.31 -21.41
O3A DGT G . -12.46 -8.35 -19.91
PA DGT G . -12.58 -7.71 -18.42
O1A DGT G . -12.49 -6.21 -18.53
O2A DGT G . -13.88 -8.08 -17.79
O5' DGT G . -11.42 -8.21 -17.48
C5' DGT G . -10.04 -7.91 -17.72
C4' DGT G . -9.14 -7.93 -16.62
O4' DGT G . -9.58 -6.94 -15.66
C3' DGT G . -9.17 -9.23 -15.93
O3' DGT G . -7.92 -9.52 -15.44
C2' DGT G . -10.09 -9.06 -14.80
C1' DGT G . -10.05 -7.61 -14.51
N9 DGT G . -11.30 -6.98 -14.13
C8 DGT G . -12.54 -7.30 -14.55
N7 DGT G . -13.42 -6.42 -14.02
C5 DGT G . -12.73 -5.53 -13.28
C6 DGT G . -13.09 -4.43 -12.52
O6 DGT G . -14.39 -4.03 -12.42
N1 DGT G . -12.13 -3.74 -11.89
C2 DGT G . -10.83 -4.10 -11.98
N2 DGT G . -9.87 -3.34 -11.30
N3 DGT G . -10.45 -5.17 -12.70
C4 DGT G . -11.38 -5.89 -13.36
PG DGT H . 18.20 22.92 -12.16
O1G DGT H . 19.69 23.14 -12.70
O2G DGT H . 17.26 23.80 -12.90
O3G DGT H . 17.76 21.51 -12.42
O3B DGT H . 18.12 23.34 -10.69
PB DGT H . 18.20 22.42 -9.44
O1B DGT H . 19.32 22.87 -8.59
O2B DGT H . 18.39 20.92 -9.82
O3A DGT H . 16.90 22.62 -8.63
PA DGT H . 15.49 22.11 -9.21
O1A DGT H . 14.67 23.29 -9.69
O2A DGT H . 15.71 21.19 -10.37
O5' DGT H . 14.66 21.39 -8.07
C5' DGT H . 14.94 20.04 -7.72
C4' DGT H . 13.87 19.11 -7.83
O4' DGT H . 12.76 19.53 -7.02
C3' DGT H . 13.35 19.15 -9.21
O3' DGT H . 14.02 18.26 -10.02
C2' DGT H . 11.93 18.82 -9.08
C1' DGT H . 11.59 19.08 -7.66
N9 DGT H . 10.50 20.00 -7.36
C8 DGT H . 9.57 19.82 -6.40
N7 DGT H . 8.76 20.92 -6.36
C5 DGT H . 9.20 21.79 -7.29
C6 DGT H . 8.78 23.06 -7.71
O6 DGT H . 7.72 23.67 -7.12
N1 DGT H . 9.46 23.66 -8.70
C2 DGT H . 10.51 23.09 -9.29
N2 DGT H . 11.19 23.76 -10.31
N3 DGT H . 10.95 21.87 -8.90
C4 DGT H . 10.32 21.20 -7.93
MG MG I . -15.78 19.08 -10.12
MG MG J . 17.34 19.85 -11.24
N1 DCP K . 14.60 -17.89 -5.93
C2 DCP K . 14.33 -18.62 -4.83
N3 DCP K . 15.29 -19.31 -4.23
C4 DCP K . 16.55 -19.29 -4.68
C5 DCP K . 16.86 -18.53 -5.81
C6 DCP K . 15.84 -17.82 -6.44
O2 DCP K . 13.19 -18.69 -4.39
N4 DCP K . 17.57 -20.04 -4.00
C1' DCP K . 13.54 -17.12 -6.57
C2' DCP K . 13.48 -15.70 -6.11
C3' DCP K . 13.14 -14.91 -7.29
C4' DCP K . 13.53 -15.74 -8.45
O4' DCP K . 13.69 -17.11 -7.96
O3' DCP K . 11.79 -14.68 -7.32
C5' DCP K . 14.79 -15.33 -9.01
O5' DCP K . 15.58 -16.37 -9.58
PA DCP K . 15.35 -16.79 -11.09
O1A DCP K . 15.91 -18.17 -11.36
O2A DCP K . 13.86 -16.83 -11.37
O3A DCP K . 15.99 -15.73 -12.08
PB DCP K . 17.53 -15.38 -12.03
O1B DCP K . 18.34 -16.63 -12.08
O2B DCP K . 17.85 -14.55 -13.24
O3B DCP K . 17.82 -14.59 -10.69
PG DCP K . 18.88 -13.47 -10.46
O1G DCP K . 20.22 -14.06 -10.11
O2G DCP K . 18.42 -12.65 -9.28
O3G DCP K . 19.04 -12.56 -11.66
PG DGT L . 19.25 17.25 -11.42
O1G DGT L . 18.96 18.68 -11.77
O2G DGT L . 20.71 17.01 -11.53
O3G DGT L . 18.54 16.29 -12.47
O3B DGT L . 18.82 16.94 -9.98
PB DGT L . 17.44 17.23 -9.33
O1B DGT L . 17.69 17.48 -7.82
O2B DGT L . 16.80 18.46 -9.88
O3A DGT L . 16.44 16.06 -9.57
PA DGT L . 16.15 14.78 -8.62
O1A DGT L . 17.20 14.63 -7.55
O2A DGT L . 16.12 13.54 -9.49
O5' DGT L . 14.75 14.87 -7.91
C5' DGT L . 13.54 14.66 -8.63
C4' DGT L . 12.41 14.16 -7.90
O4' DGT L . 12.73 12.84 -7.41
C3' DGT L . 12.19 15.01 -6.71
O3' DGT L . 10.83 15.08 -6.45
C2' DGT L . 12.86 14.31 -5.60
C1' DGT L . 12.82 12.88 -6.01
N9 DGT L . 13.97 12.08 -5.65
C8 DGT L . 15.25 12.44 -5.50
N7 DGT L . 16.00 11.33 -5.25
C5 DGT L . 15.16 10.27 -5.25
C6 DGT L . 15.33 8.89 -5.07
O6 DGT L . 16.56 8.34 -4.83
N1 DGT L . 14.26 8.09 -5.14
C2 DGT L . 13.04 8.57 -5.39
N2 DGT L . 11.95 7.68 -5.48
N3 DGT L . 12.84 9.90 -5.58
C4 DGT L . 13.88 10.74 -5.51
MG MG M . -12.59 -11.04 -23.25
MG MG N . 19.07 -13.04 -13.74
PG DGT O . -17.56 11.03 19.02
O1G DGT O . -19.14 10.99 19.06
O2G DGT O . -17.04 12.04 19.98
O3G DGT O . -17.03 9.66 19.39
O3B DGT O . -17.13 11.40 17.60
PB DGT O . -15.74 11.91 17.14
O1B DGT O . -14.98 12.70 18.24
O2B DGT O . -15.96 12.82 15.98
O3A DGT O . -14.85 10.70 16.74
PA DGT O . -14.74 10.09 15.25
O1A DGT O . -15.78 10.63 14.30
O2A DGT O . -14.94 8.58 15.33
O5' DGT O . -13.32 10.36 14.68
C5' DGT O . -12.15 9.72 15.17
C4' DGT O . -11.09 9.56 14.23
O4' DGT O . -11.54 8.69 13.17
C3' DGT O . -10.80 10.87 13.59
O3' DGT O . -9.42 10.98 13.48
C2' DGT O . -11.45 10.84 12.28
C1' DGT O . -11.59 9.39 11.95
N9 DGT O . -12.79 8.97 11.28
C8 DGT O . -14.03 9.49 11.37
N7 DGT O . -14.89 8.73 10.65
C5 DGT O . -14.20 7.73 10.09
C6 DGT O . -14.52 6.65 9.26
O6 DGT O . -15.80 6.42 8.84
N1 DGT O . -13.56 5.81 8.88
C2 DGT O . -12.29 5.97 9.29
N2 DGT O . -11.32 5.04 8.88
N3 DGT O . -11.94 7.00 10.08
C4 DGT O . -12.86 7.87 10.50
PG DGT P . 10.95 -25.30 15.52
O1G DGT P . 10.70 -23.74 15.69
O2G DGT P . 12.06 -25.69 16.43
O3G DGT P . 9.69 -26.02 15.92
O3B DGT P . 11.25 -25.73 14.08
PB DGT P . 11.74 -24.84 12.90
O1B DGT P . 12.15 -23.48 13.35
O2B DGT P . 12.97 -25.52 12.23
O3A DGT P . 10.65 -24.77 11.80
PA DGT P . 9.24 -24.03 12.04
O1A DGT P . 9.31 -23.15 13.29
O2A DGT P . 8.16 -25.04 12.23
O5' DGT P . 8.87 -23.19 10.78
C5' DGT P . 9.39 -21.87 10.59
C4' DGT P . 8.45 -20.82 10.45
O4' DGT P . 7.50 -21.15 9.41
C3' DGT P . 7.61 -20.76 11.67
O3' DGT P . 8.17 -19.93 12.61
C2' DGT P . 6.29 -20.30 11.22
C1' DGT P . 6.29 -20.51 9.74
N9 DGT P . 5.19 -21.22 9.15
C8 DGT P . 4.54 -20.93 8.02
N7 DGT P . 3.60 -21.87 7.77
C5 DGT P . 3.66 -22.78 8.77
C6 DGT P . 2.94 -23.94 9.06
O6 DGT P . 1.96 -24.40 8.24
N1 DGT P . 3.26 -24.64 10.17
C2 DGT P . 4.23 -24.23 10.99
N2 DGT P . 4.54 -24.96 12.14
N3 DGT P . 4.93 -23.11 10.73
C4 DGT P . 4.66 -22.38 9.65
PG DGT Q . -13.03 -13.06 -25.76
O1G DGT Q . -14.30 -12.75 -26.65
O2G DGT Q . -12.59 -11.80 -25.11
O3G DGT Q . -11.90 -13.53 -26.63
O3B DGT Q . -13.33 -14.18 -24.75
PB DGT Q . -13.77 -13.98 -23.27
O1B DGT Q . -13.97 -12.54 -22.93
O2B DGT Q . -15.11 -14.74 -23.01
O3A DGT Q . -12.70 -14.61 -22.33
PA DGT Q . -11.23 -13.95 -22.18
O1A DGT Q . -11.21 -12.58 -22.77
O2A DGT Q . -10.21 -14.81 -22.91
O5' DGT Q . -10.82 -13.90 -20.67
C5' DGT Q . -11.28 -12.83 -19.84
C4' DGT Q . -10.28 -12.05 -19.21
O4' DGT Q . -9.41 -12.92 -18.45
C3' DGT Q . -9.41 -11.46 -20.25
O3' DGT Q . -9.85 -10.22 -20.61
C2' DGT Q . -8.08 -11.41 -19.65
C1' DGT Q . -8.13 -12.32 -18.48
N9 DGT Q . -7.11 -13.34 -18.39
C8 DGT Q . -6.48 -13.73 -17.28
N7 DGT Q . -5.63 -14.74 -17.58
C5 DGT Q . -5.74 -14.99 -18.89
C6 DGT Q . -5.12 -15.90 -19.75
O6 DGT Q . -4.21 -16.81 -19.29
N1 DGT Q . -5.46 -15.90 -21.05
C2 DGT Q . -6.37 -15.04 -21.53
N2 DGT Q . -6.69 -15.07 -22.90
N3 DGT Q . -6.98 -14.15 -20.73
C4 DGT Q . -6.68 -14.10 -19.42
N1 DCP R . -16.56 -16.92 -3.35
C2 DCP R . -16.33 -17.13 -4.65
N3 DCP R . -17.33 -17.35 -5.51
C4 DCP R . -18.61 -17.37 -5.08
C5 DCP R . -18.86 -17.14 -3.72
C6 DCP R . -17.81 -16.91 -2.85
O2 DCP R . -15.20 -17.12 -5.08
N4 DCP R . -19.68 -17.61 -6.00
C1' DCP R . -15.44 -16.67 -2.47
C2' DCP R . -15.24 -15.23 -2.15
C3' DCP R . -14.81 -15.19 -0.74
C4' DCP R . -15.24 -16.47 -0.15
O4' DCP R . -15.55 -17.38 -1.26
O3' DCP R . -13.44 -15.07 -0.71
C5' DCP R . -16.43 -16.30 0.65
O5' DCP R . -17.36 -17.37 0.67
PA DCP R . -17.26 -18.51 1.77
O1A DCP R . -17.97 -19.76 1.32
O2A DCP R . -15.81 -18.88 1.98
O3A DCP R . -17.88 -17.99 3.13
PB DCP R . -19.39 -17.52 3.21
O1B DCP R . -20.27 -18.54 2.56
O2B DCP R . -19.75 -17.40 4.67
O3B DCP R . -19.52 -16.14 2.47
PG DCP R . -20.53 -14.99 2.85
O1G DCP R . -21.89 -15.29 2.25
O2G DCP R . -20.05 -13.70 2.23
O3G DCP R . -20.63 -14.84 4.35
MG MG S . -15.52 13.34 20.07
MG MG T . -20.77 -16.14 5.89
MG MG U . 10.99 -22.24 14.45
PG DGT V . 12.97 -19.83 15.14
O1G DGT V . 14.48 -19.87 15.66
O2G DGT V . 12.22 -18.81 15.96
O3G DGT V . 12.38 -21.17 15.33
O3B DGT V . 12.98 -19.45 13.65
PB DGT V . 11.77 -19.61 12.69
O1B DGT V . 10.83 -20.75 13.14
O2B DGT V . 12.26 -19.95 11.33
O3A DGT V . 10.94 -18.30 12.69
PA DGT V . 11.22 -17.00 11.76
O1A DGT V . 11.31 -15.77 12.66
O2A DGT V . 12.47 -17.13 10.96
O5' DGT V . 10.03 -16.80 10.78
C5' DGT V . 8.70 -16.57 11.21
C4' DGT V . 7.84 -15.89 10.29
O4' DGT V . 8.47 -14.65 9.93
C3' DGT V . 7.73 -16.69 9.04
O3' DGT V . 6.48 -16.50 8.51
C2' DGT V . 8.74 -16.13 8.14
C1' DGT V . 8.84 -14.72 8.56
N9 DGT V . 10.15 -14.11 8.48
C8 DGT V . 11.36 -14.66 8.63
N7 DGT V . 12.30 -13.67 8.56
C5 DGT V . 11.67 -12.50 8.37
C6 DGT V . 12.09 -11.17 8.23
O6 DGT V . 13.40 -10.81 8.29
N1 DGT V . 11.15 -10.23 8.07
C2 DGT V . 9.85 -10.52 8.03
N2 DGT V . 8.93 -9.48 7.86
N3 DGT V . 9.41 -11.78 8.15
C4 DGT V . 10.30 -12.77 8.33
N1 DCP W . 15.73 15.39 9.37
C2 DCP W . 15.81 16.21 8.31
N3 DCP W . 16.97 16.73 7.92
C4 DCP W . 18.10 16.45 8.58
C5 DCP W . 18.05 15.59 9.68
C6 DCP W . 16.83 15.05 10.08
O2 DCP W . 14.81 16.48 7.66
N4 DCP W . 19.34 17.00 8.14
C1' DCP W . 14.45 14.82 9.75
C2' DCP W . 14.25 13.40 9.30
C3' DCP W . 13.48 12.76 10.38
C4' DCP W . 13.71 13.56 11.59
O4' DCP W . 14.24 14.86 11.14
O3' DCP W . 12.14 12.79 10.06
C5' DCP W . 14.71 12.96 12.41
O5' DCP W . 15.54 13.85 13.14
PA DCP W . 15.14 14.35 14.59
O1A DCP W . 13.67 14.71 14.59
O2A DCP W . 15.96 15.56 14.96
O3A DCP W . 15.38 13.20 15.65
PB DCP W . 16.83 12.59 15.90
O1B DCP W . 16.74 11.77 17.17
O2B DCP W . 17.83 13.68 16.11
O3B DCP W . 17.21 11.73 14.65
PG DCP W . 18.12 10.45 14.67
O1G DCP W . 17.90 9.67 13.40
O2G DCP W . 19.57 10.84 14.74
O3G DCP W . 17.80 9.57 15.85
MG MG X . 17.38 10.11 17.85
#